data_3BV8
# 
_entry.id   3BV8 
# 
_audit_conform.dict_name       mmcif_pdbx.dic 
_audit_conform.dict_version    5.398 
_audit_conform.dict_location   http://mmcif.pdb.org/dictionaries/ascii/mmcif_pdbx.dic 
# 
loop_
_database_2.database_id 
_database_2.database_code 
_database_2.pdbx_database_accession 
_database_2.pdbx_DOI 
PDB   3BV8         pdb_00003bv8 10.2210/pdb3bv8/pdb 
RCSB  RCSB045997   ?            ?                   
WWPDB D_1000045997 ?            ?                   
# 
loop_
_pdbx_audit_revision_history.ordinal 
_pdbx_audit_revision_history.data_content_type 
_pdbx_audit_revision_history.major_revision 
_pdbx_audit_revision_history.minor_revision 
_pdbx_audit_revision_history.revision_date 
1 'Structure model' 1 0 2008-02-05 
2 'Structure model' 1 1 2011-07-13 
3 'Structure model' 1 2 2017-10-25 
4 'Structure model' 1 3 2021-10-20 
5 'Structure model' 1 4 2024-10-30 
# 
_pdbx_audit_revision_details.ordinal             1 
_pdbx_audit_revision_details.revision_ordinal    1 
_pdbx_audit_revision_details.data_content_type   'Structure model' 
_pdbx_audit_revision_details.provider            repository 
_pdbx_audit_revision_details.type                'Initial release' 
_pdbx_audit_revision_details.description         ? 
_pdbx_audit_revision_details.details             ? 
# 
loop_
_pdbx_audit_revision_group.ordinal 
_pdbx_audit_revision_group.revision_ordinal 
_pdbx_audit_revision_group.data_content_type 
_pdbx_audit_revision_group.group 
1 2 'Structure model' Advisory                    
2 2 'Structure model' 'Source and taxonomy'       
3 2 'Structure model' 'Version format compliance' 
4 3 'Structure model' 'Refinement description'    
5 4 'Structure model' 'Database references'       
6 4 'Structure model' 'Derived calculations'      
7 5 'Structure model' 'Data collection'           
8 5 'Structure model' 'Structure summary'         
# 
loop_
_pdbx_audit_revision_category.ordinal 
_pdbx_audit_revision_category.revision_ordinal 
_pdbx_audit_revision_category.data_content_type 
_pdbx_audit_revision_category.category 
1  3 'Structure model' software                  
2  4 'Structure model' database_2                
3  4 'Structure model' pdbx_struct_conn_angle    
4  4 'Structure model' struct_conn               
5  4 'Structure model' struct_conn_type          
6  4 'Structure model' struct_ref_seq_dif        
7  4 'Structure model' struct_site               
8  5 'Structure model' chem_comp_atom            
9  5 'Structure model' chem_comp_bond            
10 5 'Structure model' pdbx_entry_details        
11 5 'Structure model' pdbx_modification_feature 
# 
loop_
_pdbx_audit_revision_item.ordinal 
_pdbx_audit_revision_item.revision_ordinal 
_pdbx_audit_revision_item.data_content_type 
_pdbx_audit_revision_item.item 
1  4 'Structure model' '_database_2.pdbx_DOI'                      
2  4 'Structure model' '_database_2.pdbx_database_accession'       
3  4 'Structure model' '_pdbx_struct_conn_angle.ptnr1_auth_seq_id' 
4  4 'Structure model' '_pdbx_struct_conn_angle.ptnr3_auth_seq_id' 
5  4 'Structure model' '_pdbx_struct_conn_angle.value'             
6  4 'Structure model' '_struct_conn.conn_type_id'                 
7  4 'Structure model' '_struct_conn.id'                           
8  4 'Structure model' '_struct_conn.pdbx_dist_value'              
9  4 'Structure model' '_struct_conn.pdbx_leaving_atom_flag'       
10 4 'Structure model' '_struct_conn.ptnr1_auth_comp_id'           
11 4 'Structure model' '_struct_conn.ptnr1_auth_seq_id'            
12 4 'Structure model' '_struct_conn.ptnr1_label_asym_id'          
13 4 'Structure model' '_struct_conn.ptnr1_label_atom_id'          
14 4 'Structure model' '_struct_conn.ptnr1_label_comp_id'          
15 4 'Structure model' '_struct_conn.ptnr1_label_seq_id'           
16 4 'Structure model' '_struct_conn.ptnr2_auth_comp_id'           
17 4 'Structure model' '_struct_conn.ptnr2_auth_seq_id'            
18 4 'Structure model' '_struct_conn.ptnr2_label_asym_id'          
19 4 'Structure model' '_struct_conn.ptnr2_label_atom_id'          
20 4 'Structure model' '_struct_conn.ptnr2_label_comp_id'          
21 4 'Structure model' '_struct_conn.ptnr2_label_seq_id'           
22 4 'Structure model' '_struct_conn_type.id'                      
23 4 'Structure model' '_struct_ref_seq_dif.details'               
24 4 'Structure model' '_struct_site.pdbx_auth_asym_id'            
25 4 'Structure model' '_struct_site.pdbx_auth_comp_id'            
26 4 'Structure model' '_struct_site.pdbx_auth_seq_id'             
# 
_pdbx_database_status.entry_id                        3BV8 
_pdbx_database_status.deposit_site                    RCSB 
_pdbx_database_status.process_site                    RCSB 
_pdbx_database_status.recvd_initial_deposition_date   2008-01-04 
_pdbx_database_status.status_code                     REL 
_pdbx_database_status.status_code_sf                  REL 
_pdbx_database_status.status_code_mr                  ? 
_pdbx_database_status.SG_entry                        Y 
_pdbx_database_status.pdb_format_compatible           Y 
_pdbx_database_status.status_code_cs                  ? 
_pdbx_database_status.methods_development_category    ? 
_pdbx_database_status.status_code_nmr_data            ? 
# 
_pdbx_database_related.db_name        TargetDB 
_pdbx_database_related.db_id          APC86675.1 
_pdbx_database_related.details        . 
_pdbx_database_related.content_type   unspecified 
# 
loop_
_audit_author.name 
_audit_author.pdbx_ordinal 
'Cuff, M.E.'                                    1 
'Duggan, E.'                                    2 
'Clancy, S.'                                    3 
'Joachimiak, A.'                                4 
'Midwest Center for Structural Genomics (MCSG)' 5 
# 
_citation.id                        primary 
_citation.title                     
'Structure of the N-terminal domain of tetrahydrodipicolinate acetyltransferase from Staphylococcus aureus.' 
_citation.journal_abbrev            'TO BE PUBLISHED' 
_citation.journal_volume            ? 
_citation.page_first                ? 
_citation.page_last                 ? 
_citation.year                      ? 
_citation.journal_id_ASTM           ? 
_citation.country                   ? 
_citation.journal_id_ISSN           ? 
_citation.journal_id_CSD            0353 
_citation.book_publisher            ? 
_citation.pdbx_database_id_PubMed   ? 
_citation.pdbx_database_id_DOI      ? 
# 
loop_
_citation_author.citation_id 
_citation_author.name 
_citation_author.ordinal 
_citation_author.identifier_ORCID 
primary 'Cuff, M.E.'     1 ? 
primary 'Duggan, E.'     2 ? 
primary 'Clancy, S.'     3 ? 
primary 'Joachimiak, A.' 4 ? 
# 
loop_
_entity.id 
_entity.type 
_entity.src_method 
_entity.pdbx_description 
_entity.formula_weight 
_entity.pdbx_number_of_molecules 
_entity.pdbx_ec 
_entity.pdbx_mutation 
_entity.pdbx_fragment 
_entity.details 
1 polymer     man 'Tetrahydrodipicolinate acetyltransferase' 10097.082 1   ? S20F 'N-terminal domain: Residues 5-88' ? 
2 non-polymer syn 'SODIUM ION'                               22.990    1   ? ?    ?                                  ? 
3 non-polymer syn GLYCEROL                                   92.094    1   ? ?    ?                                  ? 
4 water       nat water                                      18.015    149 ? ?    ?                                  ? 
# 
_entity_poly.entity_id                      1 
_entity_poly.type                           'polypeptide(L)' 
_entity_poly.nstd_linkage                   no 
_entity_poly.nstd_monomer                   yes 
_entity_poly.pdbx_seq_one_letter_code       
;SNALTAEEIIQYISDAKKFTPIKVYLNGNFEGITYPESFKVFGSEQSKVIFCEADDWKPFYEAYGSQFEDIEIE(MSE)D
RRNSAIPLKDL
;
_entity_poly.pdbx_seq_one_letter_code_can   
;SNALTAEEIIQYISDAKKFTPIKVYLNGNFEGITYPESFKVFGSEQSKVIFCEADDWKPFYEAYGSQFEDIEIEMDRRNS
AIPLKDL
;
_entity_poly.pdbx_strand_id                 A 
_entity_poly.pdbx_target_identifier         APC86675.1 
# 
loop_
_pdbx_entity_nonpoly.entity_id 
_pdbx_entity_nonpoly.name 
_pdbx_entity_nonpoly.comp_id 
2 'SODIUM ION' NA  
3 GLYCEROL     GOL 
4 water        HOH 
# 
loop_
_entity_poly_seq.entity_id 
_entity_poly_seq.num 
_entity_poly_seq.mon_id 
_entity_poly_seq.hetero 
1 1  SER n 
1 2  ASN n 
1 3  ALA n 
1 4  LEU n 
1 5  THR n 
1 6  ALA n 
1 7  GLU n 
1 8  GLU n 
1 9  ILE n 
1 10 ILE n 
1 11 GLN n 
1 12 TYR n 
1 13 ILE n 
1 14 SER n 
1 15 ASP n 
1 16 ALA n 
1 17 LYS n 
1 18 LYS n 
1 19 PHE n 
1 20 THR n 
1 21 PRO n 
1 22 ILE n 
1 23 LYS n 
1 24 VAL n 
1 25 TYR n 
1 26 LEU n 
1 27 ASN n 
1 28 GLY n 
1 29 ASN n 
1 30 PHE n 
1 31 GLU n 
1 32 GLY n 
1 33 ILE n 
1 34 THR n 
1 35 TYR n 
1 36 PRO n 
1 37 GLU n 
1 38 SER n 
1 39 PHE n 
1 40 LYS n 
1 41 VAL n 
1 42 PHE n 
1 43 GLY n 
1 44 SER n 
1 45 GLU n 
1 46 GLN n 
1 47 SER n 
1 48 LYS n 
1 49 VAL n 
1 50 ILE n 
1 51 PHE n 
1 52 CYS n 
1 53 GLU n 
1 54 ALA n 
1 55 ASP n 
1 56 ASP n 
1 57 TRP n 
1 58 LYS n 
1 59 PRO n 
1 60 PHE n 
1 61 TYR n 
1 62 GLU n 
1 63 ALA n 
1 64 TYR n 
1 65 GLY n 
1 66 SER n 
1 67 GLN n 
1 68 PHE n 
1 69 GLU n 
1 70 ASP n 
1 71 ILE n 
1 72 GLU n 
1 73 ILE n 
1 74 GLU n 
1 75 MSE n 
1 76 ASP n 
1 77 ARG n 
1 78 ARG n 
1 79 ASN n 
1 80 SER n 
1 81 ALA n 
1 82 ILE n 
1 83 PRO n 
1 84 LEU n 
1 85 LYS n 
1 86 ASP n 
1 87 LEU n 
# 
_entity_src_gen.entity_id                          1 
_entity_src_gen.pdbx_src_id                        1 
_entity_src_gen.pdbx_alt_source_flag               sample 
_entity_src_gen.pdbx_seq_type                      ? 
_entity_src_gen.pdbx_beg_seq_num                   ? 
_entity_src_gen.pdbx_end_seq_num                   ? 
_entity_src_gen.gene_src_common_name               ? 
_entity_src_gen.gene_src_genus                     Staphylococcus 
_entity_src_gen.pdbx_gene_src_gene                 'dapD, SAV1397' 
_entity_src_gen.gene_src_species                   'Staphylococcus aureus' 
_entity_src_gen.gene_src_strain                    Mu50 
_entity_src_gen.gene_src_tissue                    ? 
_entity_src_gen.gene_src_tissue_fraction           ? 
_entity_src_gen.gene_src_details                   ? 
_entity_src_gen.pdbx_gene_src_fragment             ? 
_entity_src_gen.pdbx_gene_src_scientific_name      'Staphylococcus aureus subsp. aureus' 
_entity_src_gen.pdbx_gene_src_ncbi_taxonomy_id     158878 
_entity_src_gen.pdbx_gene_src_variant              ? 
_entity_src_gen.pdbx_gene_src_cell_line            ? 
_entity_src_gen.pdbx_gene_src_atcc                 700699 
_entity_src_gen.pdbx_gene_src_organ                ? 
_entity_src_gen.pdbx_gene_src_organelle            ? 
_entity_src_gen.pdbx_gene_src_cell                 ? 
_entity_src_gen.pdbx_gene_src_cellular_location    ? 
_entity_src_gen.host_org_common_name               ? 
_entity_src_gen.pdbx_host_org_scientific_name      'Escherichia coli BL21(DE3)' 
_entity_src_gen.pdbx_host_org_ncbi_taxonomy_id     469008 
_entity_src_gen.host_org_genus                     Escherichia 
_entity_src_gen.pdbx_host_org_gene                 ? 
_entity_src_gen.pdbx_host_org_organ                ? 
_entity_src_gen.host_org_species                   'Escherichia coli' 
_entity_src_gen.pdbx_host_org_tissue               ? 
_entity_src_gen.pdbx_host_org_tissue_fraction      ? 
_entity_src_gen.pdbx_host_org_strain               'BL21(DE3)' 
_entity_src_gen.pdbx_host_org_variant              ? 
_entity_src_gen.pdbx_host_org_cell_line            ? 
_entity_src_gen.pdbx_host_org_atcc                 ? 
_entity_src_gen.pdbx_host_org_culture_collection   ? 
_entity_src_gen.pdbx_host_org_cell                 ? 
_entity_src_gen.pdbx_host_org_organelle            ? 
_entity_src_gen.pdbx_host_org_cellular_location    ? 
_entity_src_gen.pdbx_host_org_vector_type          Plasmid 
_entity_src_gen.pdbx_host_org_vector               ? 
_entity_src_gen.host_org_details                   ? 
_entity_src_gen.expression_system_id               ? 
_entity_src_gen.plasmid_name                       pMCSG7 
_entity_src_gen.plasmid_details                    ? 
_entity_src_gen.pdbx_description                   ? 
# 
loop_
_chem_comp.id 
_chem_comp.type 
_chem_comp.mon_nstd_flag 
_chem_comp.name 
_chem_comp.pdbx_synonyms 
_chem_comp.formula 
_chem_comp.formula_weight 
ALA 'L-peptide linking' y ALANINE          ?                               'C3 H7 N O2'     89.093  
ARG 'L-peptide linking' y ARGININE         ?                               'C6 H15 N4 O2 1' 175.209 
ASN 'L-peptide linking' y ASPARAGINE       ?                               'C4 H8 N2 O3'    132.118 
ASP 'L-peptide linking' y 'ASPARTIC ACID'  ?                               'C4 H7 N O4'     133.103 
CYS 'L-peptide linking' y CYSTEINE         ?                               'C3 H7 N O2 S'   121.158 
GLN 'L-peptide linking' y GLUTAMINE        ?                               'C5 H10 N2 O3'   146.144 
GLU 'L-peptide linking' y 'GLUTAMIC ACID'  ?                               'C5 H9 N O4'     147.129 
GLY 'peptide linking'   y GLYCINE          ?                               'C2 H5 N O2'     75.067  
GOL non-polymer         . GLYCEROL         'GLYCERIN; PROPANE-1,2,3-TRIOL' 'C3 H8 O3'       92.094  
HOH non-polymer         . WATER            ?                               'H2 O'           18.015  
ILE 'L-peptide linking' y ISOLEUCINE       ?                               'C6 H13 N O2'    131.173 
LEU 'L-peptide linking' y LEUCINE          ?                               'C6 H13 N O2'    131.173 
LYS 'L-peptide linking' y LYSINE           ?                               'C6 H15 N2 O2 1' 147.195 
MSE 'L-peptide linking' n SELENOMETHIONINE ?                               'C5 H11 N O2 Se' 196.106 
NA  non-polymer         . 'SODIUM ION'     ?                               'Na 1'           22.990  
PHE 'L-peptide linking' y PHENYLALANINE    ?                               'C9 H11 N O2'    165.189 
PRO 'L-peptide linking' y PROLINE          ?                               'C5 H9 N O2'     115.130 
SER 'L-peptide linking' y SERINE           ?                               'C3 H7 N O3'     105.093 
THR 'L-peptide linking' y THREONINE        ?                               'C4 H9 N O3'     119.119 
TRP 'L-peptide linking' y TRYPTOPHAN       ?                               'C11 H12 N2 O2'  204.225 
TYR 'L-peptide linking' y TYROSINE         ?                               'C9 H11 N O3'    181.189 
VAL 'L-peptide linking' y VALINE           ?                               'C5 H11 N O2'    117.146 
# 
loop_
_pdbx_poly_seq_scheme.asym_id 
_pdbx_poly_seq_scheme.entity_id 
_pdbx_poly_seq_scheme.seq_id 
_pdbx_poly_seq_scheme.mon_id 
_pdbx_poly_seq_scheme.ndb_seq_num 
_pdbx_poly_seq_scheme.pdb_seq_num 
_pdbx_poly_seq_scheme.auth_seq_num 
_pdbx_poly_seq_scheme.pdb_mon_id 
_pdbx_poly_seq_scheme.auth_mon_id 
_pdbx_poly_seq_scheme.pdb_strand_id 
_pdbx_poly_seq_scheme.pdb_ins_code 
_pdbx_poly_seq_scheme.hetero 
A 1 1  SER 1  2  ?  ?   ?   A . n 
A 1 2  ASN 2  3  ?  ?   ?   A . n 
A 1 3  ALA 3  4  4  ALA ALA A . n 
A 1 4  LEU 4  5  5  LEU LEU A . n 
A 1 5  THR 5  6  6  THR THR A . n 
A 1 6  ALA 6  7  7  ALA ALA A . n 
A 1 7  GLU 7  8  8  GLU GLU A . n 
A 1 8  GLU 8  9  9  GLU GLU A . n 
A 1 9  ILE 9  10 10 ILE ILE A . n 
A 1 10 ILE 10 11 11 ILE ILE A . n 
A 1 11 GLN 11 12 12 GLN GLN A . n 
A 1 12 TYR 12 13 13 TYR TYR A . n 
A 1 13 ILE 13 14 14 ILE ILE A . n 
A 1 14 SER 14 15 15 SER SER A . n 
A 1 15 ASP 15 16 16 ASP ASP A . n 
A 1 16 ALA 16 17 17 ALA ALA A . n 
A 1 17 LYS 17 18 18 LYS LYS A . n 
A 1 18 LYS 18 19 19 LYS LYS A . n 
A 1 19 PHE 19 20 20 PHE PHE A . n 
A 1 20 THR 20 21 21 THR THR A . n 
A 1 21 PRO 21 22 22 PRO PRO A . n 
A 1 22 ILE 22 23 23 ILE ILE A . n 
A 1 23 LYS 23 24 24 LYS LYS A . n 
A 1 24 VAL 24 25 25 VAL VAL A . n 
A 1 25 TYR 25 26 26 TYR TYR A . n 
A 1 26 LEU 26 27 27 LEU LEU A . n 
A 1 27 ASN 27 28 28 ASN ASN A . n 
A 1 28 GLY 28 29 29 GLY GLY A . n 
A 1 29 ASN 29 30 30 ASN ASN A . n 
A 1 30 PHE 30 31 31 PHE PHE A . n 
A 1 31 GLU 31 32 32 GLU GLU A . n 
A 1 32 GLY 32 33 33 GLY GLY A . n 
A 1 33 ILE 33 34 34 ILE ILE A . n 
A 1 34 THR 34 35 35 THR THR A . n 
A 1 35 TYR 35 36 36 TYR TYR A . n 
A 1 36 PRO 36 37 37 PRO PRO A . n 
A 1 37 GLU 37 38 38 GLU GLU A . n 
A 1 38 SER 38 39 39 SER SER A . n 
A 1 39 PHE 39 40 40 PHE PHE A . n 
A 1 40 LYS 40 41 41 LYS LYS A . n 
A 1 41 VAL 41 42 42 VAL VAL A . n 
A 1 42 PHE 42 43 43 PHE PHE A . n 
A 1 43 GLY 43 44 44 GLY GLY A . n 
A 1 44 SER 44 45 45 SER SER A . n 
A 1 45 GLU 45 46 46 GLU GLU A . n 
A 1 46 GLN 46 47 47 GLN GLN A . n 
A 1 47 SER 47 48 48 SER SER A . n 
A 1 48 LYS 48 49 49 LYS LYS A . n 
A 1 49 VAL 49 50 50 VAL VAL A . n 
A 1 50 ILE 50 51 51 ILE ILE A . n 
A 1 51 PHE 51 52 52 PHE PHE A . n 
A 1 52 CYS 52 53 53 CYS CYS A . n 
A 1 53 GLU 53 54 54 GLU GLU A . n 
A 1 54 ALA 54 55 55 ALA ALA A . n 
A 1 55 ASP 55 56 56 ASP ASP A . n 
A 1 56 ASP 56 57 57 ASP ASP A . n 
A 1 57 TRP 57 58 58 TRP TRP A . n 
A 1 58 LYS 58 59 59 LYS LYS A . n 
A 1 59 PRO 59 60 60 PRO PRO A . n 
A 1 60 PHE 60 61 61 PHE PHE A . n 
A 1 61 TYR 61 62 62 TYR TYR A . n 
A 1 62 GLU 62 63 63 GLU GLU A . n 
A 1 63 ALA 63 64 64 ALA ALA A . n 
A 1 64 TYR 64 65 65 TYR TYR A . n 
A 1 65 GLY 65 66 66 GLY GLY A . n 
A 1 66 SER 66 67 67 SER SER A . n 
A 1 67 GLN 67 68 68 GLN GLN A . n 
A 1 68 PHE 68 69 69 PHE PHE A . n 
A 1 69 GLU 69 70 70 GLU GLU A . n 
A 1 70 ASP 70 71 71 ASP ASP A . n 
A 1 71 ILE 71 72 72 ILE ILE A . n 
A 1 72 GLU 72 73 73 GLU GLU A . n 
A 1 73 ILE 73 74 74 ILE ILE A . n 
A 1 74 GLU 74 75 75 GLU GLU A . n 
A 1 75 MSE 75 76 76 MSE MSE A . n 
A 1 76 ASP 76 77 77 ASP ASP A . n 
A 1 77 ARG 77 78 78 ARG ARG A . n 
A 1 78 ARG 78 79 79 ARG ARG A . n 
A 1 79 ASN 79 80 80 ASN ASN A . n 
A 1 80 SER 80 81 81 SER SER A . n 
A 1 81 ALA 81 82 82 ALA ALA A . n 
A 1 82 ILE 82 83 83 ILE ILE A . n 
A 1 83 PRO 83 84 84 PRO PRO A . n 
A 1 84 LEU 84 85 85 LEU LEU A . n 
A 1 85 LYS 85 86 86 LYS LYS A . n 
A 1 86 ASP 86 87 87 ASP ASP A . n 
A 1 87 LEU 87 88 88 LEU LEU A . n 
# 
loop_
_pdbx_nonpoly_scheme.asym_id 
_pdbx_nonpoly_scheme.entity_id 
_pdbx_nonpoly_scheme.mon_id 
_pdbx_nonpoly_scheme.ndb_seq_num 
_pdbx_nonpoly_scheme.pdb_seq_num 
_pdbx_nonpoly_scheme.auth_seq_num 
_pdbx_nonpoly_scheme.pdb_mon_id 
_pdbx_nonpoly_scheme.auth_mon_id 
_pdbx_nonpoly_scheme.pdb_strand_id 
_pdbx_nonpoly_scheme.pdb_ins_code 
B 2 NA  1   101 101 NA  NA  A . 
C 3 GOL 1   102 102 GOL GOL A . 
D 4 HOH 1   103 1   HOH HOH A . 
D 4 HOH 2   104 2   HOH HOH A . 
D 4 HOH 3   105 3   HOH HOH A . 
D 4 HOH 4   106 4   HOH HOH A . 
D 4 HOH 5   107 5   HOH HOH A . 
D 4 HOH 6   108 6   HOH HOH A . 
D 4 HOH 7   109 7   HOH HOH A . 
D 4 HOH 8   110 8   HOH HOH A . 
D 4 HOH 9   111 9   HOH HOH A . 
D 4 HOH 10  112 10  HOH HOH A . 
D 4 HOH 11  113 11  HOH HOH A . 
D 4 HOH 12  114 12  HOH HOH A . 
D 4 HOH 13  115 13  HOH HOH A . 
D 4 HOH 14  116 14  HOH HOH A . 
D 4 HOH 15  117 15  HOH HOH A . 
D 4 HOH 16  118 16  HOH HOH A . 
D 4 HOH 17  119 17  HOH HOH A . 
D 4 HOH 18  120 18  HOH HOH A . 
D 4 HOH 19  121 19  HOH HOH A . 
D 4 HOH 20  122 20  HOH HOH A . 
D 4 HOH 21  123 21  HOH HOH A . 
D 4 HOH 22  124 22  HOH HOH A . 
D 4 HOH 23  125 23  HOH HOH A . 
D 4 HOH 24  126 24  HOH HOH A . 
D 4 HOH 25  127 25  HOH HOH A . 
D 4 HOH 26  128 26  HOH HOH A . 
D 4 HOH 27  129 27  HOH HOH A . 
D 4 HOH 28  130 28  HOH HOH A . 
D 4 HOH 29  131 29  HOH HOH A . 
D 4 HOH 30  132 30  HOH HOH A . 
D 4 HOH 31  133 31  HOH HOH A . 
D 4 HOH 32  134 32  HOH HOH A . 
D 4 HOH 33  135 33  HOH HOH A . 
D 4 HOH 34  136 34  HOH HOH A . 
D 4 HOH 35  137 35  HOH HOH A . 
D 4 HOH 36  138 36  HOH HOH A . 
D 4 HOH 37  139 37  HOH HOH A . 
D 4 HOH 38  140 38  HOH HOH A . 
D 4 HOH 39  141 39  HOH HOH A . 
D 4 HOH 40  142 40  HOH HOH A . 
D 4 HOH 41  143 41  HOH HOH A . 
D 4 HOH 42  144 42  HOH HOH A . 
D 4 HOH 43  145 43  HOH HOH A . 
D 4 HOH 44  146 44  HOH HOH A . 
D 4 HOH 45  147 45  HOH HOH A . 
D 4 HOH 46  148 46  HOH HOH A . 
D 4 HOH 47  149 47  HOH HOH A . 
D 4 HOH 48  150 48  HOH HOH A . 
D 4 HOH 49  151 49  HOH HOH A . 
D 4 HOH 50  152 50  HOH HOH A . 
D 4 HOH 51  153 51  HOH HOH A . 
D 4 HOH 52  154 52  HOH HOH A . 
D 4 HOH 53  155 53  HOH HOH A . 
D 4 HOH 54  156 54  HOH HOH A . 
D 4 HOH 55  157 55  HOH HOH A . 
D 4 HOH 56  158 56  HOH HOH A . 
D 4 HOH 57  159 57  HOH HOH A . 
D 4 HOH 58  160 58  HOH HOH A . 
D 4 HOH 59  161 59  HOH HOH A . 
D 4 HOH 60  162 60  HOH HOH A . 
D 4 HOH 61  163 61  HOH HOH A . 
D 4 HOH 62  164 62  HOH HOH A . 
D 4 HOH 63  165 63  HOH HOH A . 
D 4 HOH 64  166 64  HOH HOH A . 
D 4 HOH 65  167 65  HOH HOH A . 
D 4 HOH 66  168 66  HOH HOH A . 
D 4 HOH 67  169 67  HOH HOH A . 
D 4 HOH 68  170 68  HOH HOH A . 
D 4 HOH 69  171 69  HOH HOH A . 
D 4 HOH 70  172 70  HOH HOH A . 
D 4 HOH 71  173 71  HOH HOH A . 
D 4 HOH 72  174 72  HOH HOH A . 
D 4 HOH 73  175 73  HOH HOH A . 
D 4 HOH 74  176 74  HOH HOH A . 
D 4 HOH 75  177 75  HOH HOH A . 
D 4 HOH 76  178 76  HOH HOH A . 
D 4 HOH 77  179 77  HOH HOH A . 
D 4 HOH 78  180 78  HOH HOH A . 
D 4 HOH 79  181 79  HOH HOH A . 
D 4 HOH 80  182 80  HOH HOH A . 
D 4 HOH 81  183 81  HOH HOH A . 
D 4 HOH 82  184 82  HOH HOH A . 
D 4 HOH 83  185 83  HOH HOH A . 
D 4 HOH 84  186 84  HOH HOH A . 
D 4 HOH 85  187 85  HOH HOH A . 
D 4 HOH 86  188 86  HOH HOH A . 
D 4 HOH 87  189 87  HOH HOH A . 
D 4 HOH 88  190 88  HOH HOH A . 
D 4 HOH 89  191 89  HOH HOH A . 
D 4 HOH 90  192 90  HOH HOH A . 
D 4 HOH 91  193 91  HOH HOH A . 
D 4 HOH 92  194 92  HOH HOH A . 
D 4 HOH 93  195 93  HOH HOH A . 
D 4 HOH 94  196 94  HOH HOH A . 
D 4 HOH 95  197 95  HOH HOH A . 
D 4 HOH 96  198 96  HOH HOH A . 
D 4 HOH 97  199 97  HOH HOH A . 
D 4 HOH 98  200 98  HOH HOH A . 
D 4 HOH 99  201 99  HOH HOH A . 
D 4 HOH 100 202 100 HOH HOH A . 
D 4 HOH 101 203 101 HOH HOH A . 
D 4 HOH 102 204 102 HOH HOH A . 
D 4 HOH 103 205 103 HOH HOH A . 
D 4 HOH 104 206 104 HOH HOH A . 
D 4 HOH 105 207 105 HOH HOH A . 
D 4 HOH 106 208 106 HOH HOH A . 
D 4 HOH 107 209 107 HOH HOH A . 
D 4 HOH 108 210 108 HOH HOH A . 
D 4 HOH 109 211 109 HOH HOH A . 
D 4 HOH 110 212 110 HOH HOH A . 
D 4 HOH 111 213 111 HOH HOH A . 
D 4 HOH 112 214 112 HOH HOH A . 
D 4 HOH 113 215 113 HOH HOH A . 
D 4 HOH 114 216 114 HOH HOH A . 
D 4 HOH 115 217 115 HOH HOH A . 
D 4 HOH 116 218 116 HOH HOH A . 
D 4 HOH 117 219 117 HOH HOH A . 
D 4 HOH 118 220 118 HOH HOH A . 
D 4 HOH 119 221 119 HOH HOH A . 
D 4 HOH 120 222 120 HOH HOH A . 
D 4 HOH 121 223 121 HOH HOH A . 
D 4 HOH 122 224 122 HOH HOH A . 
D 4 HOH 123 225 123 HOH HOH A . 
D 4 HOH 124 226 124 HOH HOH A . 
D 4 HOH 125 227 125 HOH HOH A . 
D 4 HOH 126 228 126 HOH HOH A . 
D 4 HOH 127 229 127 HOH HOH A . 
D 4 HOH 128 230 128 HOH HOH A . 
D 4 HOH 129 231 129 HOH HOH A . 
D 4 HOH 130 232 130 HOH HOH A . 
D 4 HOH 131 233 131 HOH HOH A . 
D 4 HOH 132 234 132 HOH HOH A . 
D 4 HOH 133 235 133 HOH HOH A . 
D 4 HOH 134 236 134 HOH HOH A . 
D 4 HOH 135 237 135 HOH HOH A . 
D 4 HOH 136 238 136 HOH HOH A . 
D 4 HOH 137 239 137 HOH HOH A . 
D 4 HOH 138 240 138 HOH HOH A . 
D 4 HOH 139 241 139 HOH HOH A . 
D 4 HOH 140 242 140 HOH HOH A . 
D 4 HOH 141 243 141 HOH HOH A . 
D 4 HOH 142 244 142 HOH HOH A . 
D 4 HOH 143 245 143 HOH HOH A . 
D 4 HOH 144 246 144 HOH HOH A . 
D 4 HOH 145 247 145 HOH HOH A . 
D 4 HOH 146 248 146 HOH HOH A . 
D 4 HOH 147 249 147 HOH HOH A . 
D 4 HOH 148 250 148 HOH HOH A . 
D 4 HOH 149 251 149 HOH HOH A . 
# 
loop_
_software.name 
_software.version 
_software.date 
_software.type 
_software.contact_author 
_software.contact_author_email 
_software.classification 
_software.location 
_software.language 
_software.citation_id 
_software.pdbx_ordinal 
DENZO       .     ?                    package 'Zbyszek Otwinowski'       zbyszek@mix.swmed.edu                   'data reduction' 
http://www.lnls.br/infra/linhasluz/denzo-hkl.htm ?          ? 1  
SCALEPACK   .     ?                    package 'Zbyszek Otwinowski'       zbyszek@mix.swmed.edu                   'data scaling' 
http://www.lnls.br/infra/linhasluz/denzo-hkl.htm ?          ? 2  
MLPHARE     .     ?                    other   'Z.Otwinowski or E.Dodson' 'ccp4@dl.ac.uk, ccp4@yorvic.york.ac.uk' phasing 
http://www.ccp4.ac.uk/main.html                  Fortran_77 ? 3  
DM          5.0   ?                    program 'K. Cowtan'                ccp4@dl.ac.uk                           phasing 
http://www.ccp4.ac.uk/main.html                  Fortran_77 ? 4  
REFMAC      .     ?                    program 'Murshudov, G.N.'          ccp4@dl.ac.uk                           refinement 
http://www.ccp4.ac.uk/main.html                  Fortran_77 ? 5  
PDB_EXTRACT 3.004 'September 10, 2007' package PDB                        sw-help@rcsb.rutgers.edu                
'data extraction' http://pdb.rutgers.edu/software/                 C++        ? 6  
SBC-Collect .     ?                    ?       ?                          ?                                       
'data collection' ?                                                ?          ? 7  
HKL-3000    .     ?                    ?       ?                          ?                                       'data reduction' 
?                                                ?          ? 8  
HKL-3000    .     ?                    ?       ?                          ?                                       'data scaling' ? 
?          ? 9  
HKL-3000    .     ?                    ?       ?                          ?                                       phasing ? ? ? 10 
SHELXD      .     ?                    ?       ?                          ?                                       phasing ? ? ? 11 
SHELXE      .     ?                    ?       ?                          ?                                       'model building' 
?                                                ?          ? 12 
SOLVE       .     ?                    ?       ?                          ?                                       phasing ? ? ? 13 
RESOLVE     .     ?                    ?       ?                          ?                                       phasing ? ? ? 14 
ARP/wARP    .     ?                    ?       ?                          ?                                       'model building' 
?                                                ?          ? 15 
CCP4        .     ?                    ?       ?                          ?                                       phasing ? ? ? 16 
O           .     ?                    ?       ?                          ?                                       'model building' 
?                                                ?          ? 17 
Coot        .     ?                    ?       ?                          ?                                       'model building' 
?                                                ?          ? 18 
# 
_cell.length_a           76.503 
_cell.length_b           76.503 
_cell.length_c           93.862 
_cell.angle_alpha        90.000 
_cell.angle_beta         90.000 
_cell.angle_gamma        120.000 
_cell.entry_id           3BV8 
_cell.pdbx_unique_axis   ? 
_cell.Z_PDB              12 
_cell.length_a_esd       ? 
_cell.length_b_esd       ? 
_cell.length_c_esd       ? 
_cell.angle_alpha_esd    ? 
_cell.angle_beta_esd     ? 
_cell.angle_gamma_esd    ? 
# 
_symmetry.space_group_name_H-M             'P 63 2 2' 
_symmetry.entry_id                         3BV8 
_symmetry.Int_Tables_number                182 
_symmetry.pdbx_full_space_group_name_H-M   ? 
_symmetry.cell_setting                     ? 
_symmetry.space_group_name_Hall            ? 
# 
_exptl.crystals_number   1 
_exptl.entry_id          3BV8 
_exptl.method            'X-RAY DIFFRACTION' 
# 
_exptl_crystal.id                    1 
_exptl_crystal.density_Matthews      3.93 
_exptl_crystal.density_meas          ? 
_exptl_crystal.density_percent_sol   68.67 
_exptl_crystal.description           ? 
_exptl_crystal.F_000                 ? 
_exptl_crystal.preparation           ? 
# 
_exptl_crystal_grow.crystal_id      1 
_exptl_crystal_grow.method          'VAPOR DIFFUSION, SITTING DROP' 
_exptl_crystal_grow.pH              7.0 
_exptl_crystal_grow.temp            289 
_exptl_crystal_grow.temp_details    ? 
_exptl_crystal_grow.pdbx_details    '2.4M Sodium malonate pH 7.0, VAPOR DIFFUSION, SITTING DROP, temperature 289K' 
_exptl_crystal_grow.pdbx_pH_range   . 
# 
_diffrn.id                     1 
_diffrn.ambient_temp           100 
_diffrn.ambient_temp_details   ? 
_diffrn.crystal_id             1 
# 
_diffrn_detector.diffrn_id              1 
_diffrn_detector.detector               CCD 
_diffrn_detector.type                   CUSTOM-MADE 
_diffrn_detector.pdbx_collection_date   2007-08-05 
_diffrn_detector.details                ? 
# 
_diffrn_radiation.diffrn_id                        1 
_diffrn_radiation.wavelength_id                    1 
_diffrn_radiation.pdbx_diffrn_protocol             MAD 
_diffrn_radiation.monochromator                    'SAGITALLY FOCUSED Si(111)' 
_diffrn_radiation.pdbx_monochromatic_or_laue_m_l   M 
_diffrn_radiation.pdbx_scattering_type             x-ray 
# 
loop_
_diffrn_radiation_wavelength.id 
_diffrn_radiation_wavelength.wavelength 
_diffrn_radiation_wavelength.wt 
1 0.97921 1.0 
2 0.97942 1.0 
# 
_diffrn_source.diffrn_id                   1 
_diffrn_source.source                      SYNCHROTRON 
_diffrn_source.type                        'APS BEAMLINE 19-BM' 
_diffrn_source.pdbx_wavelength             ? 
_diffrn_source.pdbx_wavelength_list        '0.97921, 0.97942' 
_diffrn_source.pdbx_synchrotron_site       APS 
_diffrn_source.pdbx_synchrotron_beamline   19-BM 
# 
_reflns.entry_id                     3BV8 
_reflns.d_resolution_high            1.750 
_reflns.d_resolution_low             50.000 
_reflns.number_obs                   16945 
_reflns.pdbx_Rmerge_I_obs            0.076 
_reflns.pdbx_netI_over_sigmaI        10.300 
_reflns.pdbx_chi_squared             1.780 
_reflns.pdbx_redundancy              9.500 
_reflns.percent_possible_obs         99.800 
_reflns.observed_criterion_sigma_F   ? 
_reflns.observed_criterion_sigma_I   -3 
_reflns.number_all                   16945 
_reflns.pdbx_Rsym_value              ? 
_reflns.B_iso_Wilson_estimate        20.5 
_reflns.R_free_details               ? 
_reflns.limit_h_max                  ? 
_reflns.limit_h_min                  ? 
_reflns.limit_k_max                  ? 
_reflns.limit_k_min                  ? 
_reflns.limit_l_max                  ? 
_reflns.limit_l_min                  ? 
_reflns.observed_criterion_F_max     ? 
_reflns.observed_criterion_F_min     ? 
_reflns.pdbx_scaling_rejects         ? 
_reflns.pdbx_ordinal                 1 
_reflns.pdbx_diffrn_id               1 
# 
_reflns_shell.d_res_high             1.75 
_reflns_shell.d_res_low              1.79 
_reflns_shell.number_measured_obs    ? 
_reflns_shell.number_measured_all    ? 
_reflns_shell.number_unique_obs      ? 
_reflns_shell.Rmerge_I_obs           0.522 
_reflns_shell.meanI_over_sigI_obs    4.8 
_reflns_shell.pdbx_Rsym_value        ? 
_reflns_shell.pdbx_chi_squared       0.924 
_reflns_shell.pdbx_redundancy        9.80 
_reflns_shell.percent_possible_obs   ? 
_reflns_shell.number_unique_all      1105 
_reflns_shell.percent_possible_all   100.00 
_reflns_shell.pdbx_ordinal           1 
_reflns_shell.pdbx_diffrn_id         1 
# 
_refine.entry_id                                 3BV8 
_refine.ls_d_res_high                            1.750 
_refine.ls_d_res_low                             29.660 
_refine.pdbx_ls_sigma_F                          0.00 
_refine.ls_percent_reflns_obs                    99.290 
_refine.ls_number_reflns_obs                     16822 
_refine.pdbx_ls_cross_valid_method               THROUGHOUT 
_refine.pdbx_R_Free_selection_details            RANDOM 
_refine.details                                  'HYDROGENS HAVE BEEN ADDED IN THE RIDING POSITIONS' 
_refine.ls_R_factor_obs                          0.176 
_refine.ls_R_factor_R_work                       0.175 
_refine.ls_R_factor_R_free                       0.197 
_refine.ls_percent_reflns_R_free                 5.100 
_refine.ls_number_reflns_R_free                  854 
_refine.B_iso_mean                               23.855 
_refine.aniso_B[1][1]                            0.930 
_refine.aniso_B[2][2]                            0.930 
_refine.aniso_B[3][3]                            -1.400 
_refine.aniso_B[1][2]                            0.470 
_refine.aniso_B[1][3]                            0.000 
_refine.aniso_B[2][3]                            0.000 
_refine.correlation_coeff_Fo_to_Fc               0.962 
_refine.correlation_coeff_Fo_to_Fc_free          0.958 
_refine.pdbx_overall_ESU_R                       0.088 
_refine.pdbx_overall_ESU_R_Free                  0.086 
_refine.overall_SU_ML                            0.054 
_refine.overall_SU_B                             3.239 
_refine.solvent_model_details                    MASK 
_refine.pdbx_solvent_vdw_probe_radii             1.200 
_refine.pdbx_solvent_ion_probe_radii             0.800 
_refine.pdbx_solvent_shrinkage_radii             0.800 
_refine.pdbx_method_to_determine_struct          MAD 
_refine.pdbx_stereochemistry_target_values       'MAXIMUM LIKELIHOOD WITH PHASES' 
_refine.pdbx_ls_sigma_I                          ? 
_refine.ls_number_reflns_all                     16822 
_refine.ls_R_factor_all                          0.176 
_refine.ls_redundancy_reflns_obs                 ? 
_refine.pdbx_data_cutoff_high_absF               ? 
_refine.pdbx_data_cutoff_low_absF                ? 
_refine.ls_number_parameters                     ? 
_refine.ls_number_restraints                     ? 
_refine.ls_R_factor_R_free_error                 ? 
_refine.ls_R_factor_R_free_error_details         ? 
_refine.pdbx_starting_model                      ? 
_refine.pdbx_stereochem_target_val_spec_case     ? 
_refine.solvent_model_param_bsol                 ? 
_refine.solvent_model_param_ksol                 ? 
_refine.occupancy_max                            ? 
_refine.occupancy_min                            ? 
_refine.pdbx_isotropic_thermal_model             ? 
_refine.B_iso_min                                ? 
_refine.B_iso_max                                ? 
_refine.overall_SU_R_Cruickshank_DPI             ? 
_refine.overall_SU_R_free                        ? 
_refine.pdbx_data_cutoff_high_rms_absF           ? 
_refine.ls_wR_factor_R_free                      ? 
_refine.ls_wR_factor_R_work                      ? 
_refine.overall_FOM_free_R_set                   ? 
_refine.overall_FOM_work_R_set                   ? 
_refine.pdbx_overall_phase_error                 ? 
_refine.pdbx_refine_id                           'X-RAY DIFFRACTION' 
_refine.pdbx_TLS_residual_ADP_flag               'LIKELY RESIDUAL' 
_refine.pdbx_diffrn_id                           1 
_refine.pdbx_overall_SU_R_free_Cruickshank_DPI   ? 
_refine.pdbx_overall_SU_R_Blow_DPI               ? 
_refine.pdbx_overall_SU_R_free_Blow_DPI          ? 
# 
_refine_hist.pdbx_refine_id                   'X-RAY DIFFRACTION' 
_refine_hist.cycle_id                         LAST 
_refine_hist.pdbx_number_atoms_protein        695 
_refine_hist.pdbx_number_atoms_nucleic_acid   0 
_refine_hist.pdbx_number_atoms_ligand         7 
_refine_hist.number_atoms_solvent             149 
_refine_hist.number_atoms_total               851 
_refine_hist.d_res_high                       1.750 
_refine_hist.d_res_low                        29.660 
# 
loop_
_refine_ls_restr.type 
_refine_ls_restr.number 
_refine_ls_restr.dev_ideal 
_refine_ls_restr.dev_ideal_target 
_refine_ls_restr.weight 
_refine_ls_restr.pdbx_refine_id 
_refine_ls_restr.pdbx_restraint_function 
r_bond_refined_d         835  0.013  0.022  ? 'X-RAY DIFFRACTION' ? 
r_angle_refined_deg      1140 1.378  1.963  ? 'X-RAY DIFFRACTION' ? 
r_dihedral_angle_1_deg   108  6.167  5.000  ? 'X-RAY DIFFRACTION' ? 
r_dihedral_angle_2_deg   42   39.276 25.952 ? 'X-RAY DIFFRACTION' ? 
r_dihedral_angle_3_deg   153  12.710 15.000 ? 'X-RAY DIFFRACTION' ? 
r_dihedral_angle_4_deg   2    27.590 15.000 ? 'X-RAY DIFFRACTION' ? 
r_chiral_restr           116  0.100  0.200  ? 'X-RAY DIFFRACTION' ? 
r_gen_planes_refined     665  0.006  0.020  ? 'X-RAY DIFFRACTION' ? 
r_nbd_refined            376  0.221  0.200  ? 'X-RAY DIFFRACTION' ? 
r_nbtor_refined          609  0.307  0.200  ? 'X-RAY DIFFRACTION' ? 
r_xyhbond_nbd_refined    114  0.174  0.200  ? 'X-RAY DIFFRACTION' ? 
r_metal_ion_refined      5    0.138  0.200  ? 'X-RAY DIFFRACTION' ? 
r_symmetry_vdw_refined   48   0.202  0.200  ? 'X-RAY DIFFRACTION' ? 
r_symmetry_hbond_refined 40   0.177  0.200  ? 'X-RAY DIFFRACTION' ? 
r_mcbond_it              500  0.733  1.500  ? 'X-RAY DIFFRACTION' ? 
r_mcangle_it             826  1.389  2.000  ? 'X-RAY DIFFRACTION' ? 
r_scbond_it              345  2.305  3.000  ? 'X-RAY DIFFRACTION' ? 
r_scangle_it             314  3.804  4.500  ? 'X-RAY DIFFRACTION' ? 
# 
_refine_ls_shell.d_res_high                       1.75 
_refine_ls_shell.d_res_low                        1.80 
_refine_ls_shell.pdbx_total_number_of_bins_used   20 
_refine_ls_shell.percent_reflns_obs               98.450 
_refine_ls_shell.number_reflns_R_work             1143 
_refine_ls_shell.R_factor_all                     ? 
_refine_ls_shell.R_factor_R_work                  0.286 
_refine_ls_shell.R_factor_R_free                  0.364 
_refine_ls_shell.percent_reflns_R_free            ? 
_refine_ls_shell.number_reflns_R_free             60 
_refine_ls_shell.R_factor_R_free_error            ? 
_refine_ls_shell.number_reflns_all                1203 
_refine_ls_shell.number_reflns_obs                ? 
_refine_ls_shell.redundancy_reflns_obs            ? 
_refine_ls_shell.pdbx_refine_id                   'X-RAY DIFFRACTION' 
# 
_struct.entry_id                  3BV8 
_struct.title                     
'Crystal structure of the N-terminal domain of tetrahydrodipicolinate acetyltransferase from Staphylococcus aureus' 
_struct.pdbx_model_details        ? 
_struct.pdbx_CASP_flag            ? 
_struct.pdbx_model_type_details   ? 
# 
_struct_keywords.entry_id        3BV8 
_struct_keywords.pdbx_keywords   TRANSFERASE 
_struct_keywords.text            
;acetyltransferase, pfam08503, Structural Genomics, PSI-2, Protein Structure Initiative, Midwest Center for Structural Genomics, MCSG, TRANSFERASE
;
# 
loop_
_struct_asym.id 
_struct_asym.pdbx_blank_PDB_chainid_flag 
_struct_asym.pdbx_modified 
_struct_asym.entity_id 
_struct_asym.details 
A N N 1 ? 
B N N 2 ? 
C N N 3 ? 
D N N 4 ? 
# 
_struct_ref.id                         1 
_struct_ref.db_name                    UNP 
_struct_ref.db_code                    Q7A2S0_STAAM 
_struct_ref.pdbx_db_accession          Q7A2S0 
_struct_ref.entity_id                  1 
_struct_ref.pdbx_seq_one_letter_code   
;LTAEEIIQYISDAKKSTPIKVYLNGNFEGITYPESFKVFGSEQSKVIFCEADDWKPFYEAYGSQFEDIEIEMDRRNSAIP
LKDL
;
_struct_ref.pdbx_align_begin           5 
_struct_ref.pdbx_db_isoform            ? 
# 
_struct_ref_seq.align_id                      1 
_struct_ref_seq.ref_id                        1 
_struct_ref_seq.pdbx_PDB_id_code              3BV8 
_struct_ref_seq.pdbx_strand_id                A 
_struct_ref_seq.seq_align_beg                 4 
_struct_ref_seq.pdbx_seq_align_beg_ins_code   ? 
_struct_ref_seq.seq_align_end                 87 
_struct_ref_seq.pdbx_seq_align_end_ins_code   ? 
_struct_ref_seq.pdbx_db_accession             Q7A2S0 
_struct_ref_seq.db_align_beg                  5 
_struct_ref_seq.pdbx_db_align_beg_ins_code    ? 
_struct_ref_seq.db_align_end                  88 
_struct_ref_seq.pdbx_db_align_end_ins_code    ? 
_struct_ref_seq.pdbx_auth_seq_align_beg       5 
_struct_ref_seq.pdbx_auth_seq_align_end       88 
# 
loop_
_struct_ref_seq_dif.align_id 
_struct_ref_seq_dif.pdbx_pdb_id_code 
_struct_ref_seq_dif.mon_id 
_struct_ref_seq_dif.pdbx_pdb_strand_id 
_struct_ref_seq_dif.seq_num 
_struct_ref_seq_dif.pdbx_pdb_ins_code 
_struct_ref_seq_dif.pdbx_seq_db_name 
_struct_ref_seq_dif.pdbx_seq_db_accession_code 
_struct_ref_seq_dif.db_mon_id 
_struct_ref_seq_dif.pdbx_seq_db_seq_num 
_struct_ref_seq_dif.details 
_struct_ref_seq_dif.pdbx_auth_seq_num 
_struct_ref_seq_dif.pdbx_ordinal 
1 3BV8 SER A 1  ? UNP Q7A2S0 ?   ?  'expression tag'      2  1 
1 3BV8 ASN A 2  ? UNP Q7A2S0 ?   ?  'expression tag'      3  2 
1 3BV8 ALA A 3  ? UNP Q7A2S0 ?   ?  'expression tag'      4  3 
1 3BV8 PHE A 19 ? UNP Q7A2S0 SER 20 'engineered mutation' 20 4 
# 
loop_
_pdbx_struct_assembly.id 
_pdbx_struct_assembly.details 
_pdbx_struct_assembly.method_details 
_pdbx_struct_assembly.oligomeric_details 
_pdbx_struct_assembly.oligomeric_count 
1 software_defined_assembly PISA monomeric 1 
2 software_defined_assembly PISA hexameric 6 
# 
_pdbx_struct_assembly_prop.biol_id   2 
_pdbx_struct_assembly_prop.type      'ABSA (A^2)' 
_pdbx_struct_assembly_prop.value     16460 
_pdbx_struct_assembly_prop.details   ? 
# 
loop_
_pdbx_struct_assembly_gen.assembly_id 
_pdbx_struct_assembly_gen.oper_expression 
_pdbx_struct_assembly_gen.asym_id_list 
1 1           A,B,C,D 
2 1,2,3,4,5,6 A,B,C,D 
# 
loop_
_pdbx_struct_oper_list.id 
_pdbx_struct_oper_list.type 
_pdbx_struct_oper_list.name 
_pdbx_struct_oper_list.symmetry_operation 
_pdbx_struct_oper_list.matrix[1][1] 
_pdbx_struct_oper_list.matrix[1][2] 
_pdbx_struct_oper_list.matrix[1][3] 
_pdbx_struct_oper_list.vector[1] 
_pdbx_struct_oper_list.matrix[2][1] 
_pdbx_struct_oper_list.matrix[2][2] 
_pdbx_struct_oper_list.matrix[2][3] 
_pdbx_struct_oper_list.vector[2] 
_pdbx_struct_oper_list.matrix[3][1] 
_pdbx_struct_oper_list.matrix[3][2] 
_pdbx_struct_oper_list.matrix[3][3] 
_pdbx_struct_oper_list.vector[3] 
1 'identity operation'         1_555  x,y,z            1.0000000000  0.0000000000  0.0000000000  0.0000000000  0.0000000000  1.0000000000  0.0000000000  0.0000000000  0.0000000000  0.0000000000  1.0000000000  0.0000000000   
2 'crystal symmetry operation' 2_655  -y+1,x-y,z       0.2909390287  -0.9332922899 -0.2105231180 12.3579870309 -0.0052291172 -0.2215896550 0.9751259822  16.4653720841 -0.9567273059 -0.2826013561 -0.0693493737 3.5088651565   
3 'crystal symmetry operation' 3_665  -x+y+1,-x+1,z    0.2909390287  -0.0052291172 -0.9567273059 -0.1522942765 -0.9332922899 -0.2215896550 -0.2826013561 16.1737801844 -0.2105231180 0.9751259822  -0.0693493737 -13.2108325633 
4 'crystal symmetry operation' 10_665 -y+1,-x+1,-z+1/2 -0.0573376663 0.5661229958  0.8223242339  17.4474200590 0.5661229958  -0.6600105521 0.4938530396  7.4785831593  0.8223242339  0.4938530396  -0.2826517817 -25.1492328227 
5 'crystal symmetry operation' 11_655 -x+y+1,y,-z+1/2  -0.8063821373 -0.3043241411 0.5070844760  28.9456925458 -0.3043241411 -0.5216702553 -0.7970238151 5.3402682024  0.5070844760  -0.7970238151 0.3280523926  -7.8472735412  
6 'crystal symmetry operation' 12_555 x,x-y,-z+1/2     -0.7181582538 0.6767225523  -0.1621582860 15.7489133838 0.6767225523  0.6248601174  -0.3893538506 -9.8067095392 -0.1621582860 -0.3893538506 -0.9067018635 -13.5529322285 
# 
_struct_biol.id        1 
_struct_biol.details   'AUTHORS STATE THAT THE BIOLOGICAL UNIT OF THIS PROTEIN IS UNKNOWN.' 
# 
loop_
_struct_conf.conf_type_id 
_struct_conf.id 
_struct_conf.pdbx_PDB_helix_id 
_struct_conf.beg_label_comp_id 
_struct_conf.beg_label_asym_id 
_struct_conf.beg_label_seq_id 
_struct_conf.pdbx_beg_PDB_ins_code 
_struct_conf.end_label_comp_id 
_struct_conf.end_label_asym_id 
_struct_conf.end_label_seq_id 
_struct_conf.pdbx_end_PDB_ins_code 
_struct_conf.beg_auth_comp_id 
_struct_conf.beg_auth_asym_id 
_struct_conf.beg_auth_seq_id 
_struct_conf.end_auth_comp_id 
_struct_conf.end_auth_asym_id 
_struct_conf.end_auth_seq_id 
_struct_conf.pdbx_PDB_helix_class 
_struct_conf.details 
_struct_conf.pdbx_PDB_helix_length 
HELX_P HELX_P1 1 THR A 5  ? LYS A 17 ? THR A 6  LYS A 18 1 ? 13 
HELX_P HELX_P2 2 ALA A 54 ? GLY A 65 ? ALA A 55 GLY A 66 1 ? 12 
HELX_P HELX_P3 3 ARG A 77 ? ALA A 81 ? ARG A 78 ALA A 82 5 ? 5  
# 
_struct_conf_type.id          HELX_P 
_struct_conf_type.criteria    ? 
_struct_conf_type.reference   ? 
# 
loop_
_struct_conn.id 
_struct_conn.conn_type_id 
_struct_conn.pdbx_leaving_atom_flag 
_struct_conn.pdbx_PDB_id 
_struct_conn.ptnr1_label_asym_id 
_struct_conn.ptnr1_label_comp_id 
_struct_conn.ptnr1_label_seq_id 
_struct_conn.ptnr1_label_atom_id 
_struct_conn.pdbx_ptnr1_label_alt_id 
_struct_conn.pdbx_ptnr1_PDB_ins_code 
_struct_conn.pdbx_ptnr1_standard_comp_id 
_struct_conn.ptnr1_symmetry 
_struct_conn.ptnr2_label_asym_id 
_struct_conn.ptnr2_label_comp_id 
_struct_conn.ptnr2_label_seq_id 
_struct_conn.ptnr2_label_atom_id 
_struct_conn.pdbx_ptnr2_label_alt_id 
_struct_conn.pdbx_ptnr2_PDB_ins_code 
_struct_conn.ptnr1_auth_asym_id 
_struct_conn.ptnr1_auth_comp_id 
_struct_conn.ptnr1_auth_seq_id 
_struct_conn.ptnr2_auth_asym_id 
_struct_conn.ptnr2_auth_comp_id 
_struct_conn.ptnr2_auth_seq_id 
_struct_conn.ptnr2_symmetry 
_struct_conn.pdbx_ptnr3_label_atom_id 
_struct_conn.pdbx_ptnr3_label_seq_id 
_struct_conn.pdbx_ptnr3_label_comp_id 
_struct_conn.pdbx_ptnr3_label_asym_id 
_struct_conn.pdbx_ptnr3_label_alt_id 
_struct_conn.pdbx_ptnr3_PDB_ins_code 
_struct_conn.details 
_struct_conn.pdbx_dist_value 
_struct_conn.pdbx_value_order 
_struct_conn.pdbx_role 
covale1 covale both ? A GLU 74 C   ? ? ? 1_555 A MSE 75 N  ? ? A GLU 75  A MSE 76  1_555 ? ? ? ? ? ? ? 1.332 ? ? 
covale2 covale both ? A MSE 75 C   ? ? ? 1_555 A ASP 76 N  ? ? A MSE 76  A ASP 77  1_555 ? ? ? ? ? ? ? 1.327 ? ? 
metalc1 metalc ?    ? A PHE 19 O   ? ? ? 1_555 B NA  .  NA ? ? A PHE 20  A NA  101 1_555 ? ? ? ? ? ? ? 2.313 ? ? 
metalc2 metalc ?    ? A ASN 79 OD1 ? ? ? 1_555 B NA  .  NA ? ? A ASN 80  A NA  101 1_555 ? ? ? ? ? ? ? 2.364 ? ? 
metalc3 metalc ?    ? B NA  .  NA  ? ? ? 1_555 D HOH .  O  ? ? A NA  101 A HOH 108 1_555 ? ? ? ? ? ? ? 2.286 ? ? 
metalc4 metalc ?    ? B NA  .  NA  ? ? ? 1_555 D HOH .  O  ? ? A NA  101 A HOH 115 1_555 ? ? ? ? ? ? ? 2.368 ? ? 
metalc5 metalc ?    ? B NA  .  NA  ? ? ? 1_555 D HOH .  O  ? ? A NA  101 A HOH 121 1_555 ? ? ? ? ? ? ? 2.153 ? ? 
# 
loop_
_struct_conn_type.id 
_struct_conn_type.criteria 
_struct_conn_type.reference 
covale ? ? 
metalc ? ? 
# 
loop_
_pdbx_struct_conn_angle.id 
_pdbx_struct_conn_angle.ptnr1_label_atom_id 
_pdbx_struct_conn_angle.ptnr1_label_alt_id 
_pdbx_struct_conn_angle.ptnr1_label_asym_id 
_pdbx_struct_conn_angle.ptnr1_label_comp_id 
_pdbx_struct_conn_angle.ptnr1_label_seq_id 
_pdbx_struct_conn_angle.ptnr1_auth_atom_id 
_pdbx_struct_conn_angle.ptnr1_auth_asym_id 
_pdbx_struct_conn_angle.ptnr1_auth_comp_id 
_pdbx_struct_conn_angle.ptnr1_auth_seq_id 
_pdbx_struct_conn_angle.ptnr1_PDB_ins_code 
_pdbx_struct_conn_angle.ptnr1_symmetry 
_pdbx_struct_conn_angle.ptnr2_label_atom_id 
_pdbx_struct_conn_angle.ptnr2_label_alt_id 
_pdbx_struct_conn_angle.ptnr2_label_asym_id 
_pdbx_struct_conn_angle.ptnr2_label_comp_id 
_pdbx_struct_conn_angle.ptnr2_label_seq_id 
_pdbx_struct_conn_angle.ptnr2_auth_atom_id 
_pdbx_struct_conn_angle.ptnr2_auth_asym_id 
_pdbx_struct_conn_angle.ptnr2_auth_comp_id 
_pdbx_struct_conn_angle.ptnr2_auth_seq_id 
_pdbx_struct_conn_angle.ptnr2_PDB_ins_code 
_pdbx_struct_conn_angle.ptnr2_symmetry 
_pdbx_struct_conn_angle.ptnr3_label_atom_id 
_pdbx_struct_conn_angle.ptnr3_label_alt_id 
_pdbx_struct_conn_angle.ptnr3_label_asym_id 
_pdbx_struct_conn_angle.ptnr3_label_comp_id 
_pdbx_struct_conn_angle.ptnr3_label_seq_id 
_pdbx_struct_conn_angle.ptnr3_auth_atom_id 
_pdbx_struct_conn_angle.ptnr3_auth_asym_id 
_pdbx_struct_conn_angle.ptnr3_auth_comp_id 
_pdbx_struct_conn_angle.ptnr3_auth_seq_id 
_pdbx_struct_conn_angle.ptnr3_PDB_ins_code 
_pdbx_struct_conn_angle.ptnr3_symmetry 
_pdbx_struct_conn_angle.value 
_pdbx_struct_conn_angle.value_esd 
1  O   ? A PHE 19 ? A PHE 20  ? 1_555 NA ? B NA . ? A NA 101 ? 1_555 OD1 ? A ASN 79 ? A ASN 80  ? 1_555 92.1  ? 
2  O   ? A PHE 19 ? A PHE 20  ? 1_555 NA ? B NA . ? A NA 101 ? 1_555 O   ? D HOH .  ? A HOH 108 ? 1_555 87.2  ? 
3  OD1 ? A ASN 79 ? A ASN 80  ? 1_555 NA ? B NA . ? A NA 101 ? 1_555 O   ? D HOH .  ? A HOH 108 ? 1_555 96.0  ? 
4  O   ? A PHE 19 ? A PHE 20  ? 1_555 NA ? B NA . ? A NA 101 ? 1_555 O   ? D HOH .  ? A HOH 115 ? 1_555 163.4 ? 
5  OD1 ? A ASN 79 ? A ASN 80  ? 1_555 NA ? B NA . ? A NA 101 ? 1_555 O   ? D HOH .  ? A HOH 115 ? 1_555 103.7 ? 
6  O   ? D HOH .  ? A HOH 108 ? 1_555 NA ? B NA . ? A NA 101 ? 1_555 O   ? D HOH .  ? A HOH 115 ? 1_555 95.9  ? 
7  O   ? A PHE 19 ? A PHE 20  ? 1_555 NA ? B NA . ? A NA 101 ? 1_555 O   ? D HOH .  ? A HOH 121 ? 1_555 86.1  ? 
8  OD1 ? A ASN 79 ? A ASN 80  ? 1_555 NA ? B NA . ? A NA 101 ? 1_555 O   ? D HOH .  ? A HOH 121 ? 1_555 92.8  ? 
9  O   ? D HOH .  ? A HOH 108 ? 1_555 NA ? B NA . ? A NA 101 ? 1_555 O   ? D HOH .  ? A HOH 121 ? 1_555 169.1 ? 
10 O   ? D HOH .  ? A HOH 115 ? 1_555 NA ? B NA . ? A NA 101 ? 1_555 O   ? D HOH .  ? A HOH 121 ? 1_555 88.2  ? 
# 
_pdbx_modification_feature.ordinal                            1 
_pdbx_modification_feature.label_comp_id                      MSE 
_pdbx_modification_feature.label_asym_id                      A 
_pdbx_modification_feature.label_seq_id                       75 
_pdbx_modification_feature.label_alt_id                       ? 
_pdbx_modification_feature.modified_residue_label_comp_id     . 
_pdbx_modification_feature.modified_residue_label_asym_id     . 
_pdbx_modification_feature.modified_residue_label_seq_id      . 
_pdbx_modification_feature.modified_residue_label_alt_id      . 
_pdbx_modification_feature.auth_comp_id                       MSE 
_pdbx_modification_feature.auth_asym_id                       A 
_pdbx_modification_feature.auth_seq_id                        76 
_pdbx_modification_feature.PDB_ins_code                       ? 
_pdbx_modification_feature.symmetry                           1_555 
_pdbx_modification_feature.modified_residue_auth_comp_id      . 
_pdbx_modification_feature.modified_residue_auth_asym_id      . 
_pdbx_modification_feature.modified_residue_auth_seq_id       . 
_pdbx_modification_feature.modified_residue_PDB_ins_code      . 
_pdbx_modification_feature.modified_residue_symmetry          . 
_pdbx_modification_feature.comp_id_linking_atom               . 
_pdbx_modification_feature.modified_residue_id_linking_atom   . 
_pdbx_modification_feature.modified_residue_id                MET 
_pdbx_modification_feature.ref_pcm_id                         1 
_pdbx_modification_feature.ref_comp_id                        MSE 
_pdbx_modification_feature.type                               Selenomethionine 
_pdbx_modification_feature.category                           'Named protein modification' 
# 
_struct_sheet.id               A 
_struct_sheet.type             ? 
_struct_sheet.number_strands   4 
_struct_sheet.details          ? 
# 
loop_
_struct_sheet_order.sheet_id 
_struct_sheet_order.range_id_1 
_struct_sheet_order.range_id_2 
_struct_sheet_order.offset 
_struct_sheet_order.sense 
A 1 2 ? anti-parallel 
A 2 3 ? anti-parallel 
A 3 4 ? anti-parallel 
# 
loop_
_struct_sheet_range.sheet_id 
_struct_sheet_range.id 
_struct_sheet_range.beg_label_comp_id 
_struct_sheet_range.beg_label_asym_id 
_struct_sheet_range.beg_label_seq_id 
_struct_sheet_range.pdbx_beg_PDB_ins_code 
_struct_sheet_range.end_label_comp_id 
_struct_sheet_range.end_label_asym_id 
_struct_sheet_range.end_label_seq_id 
_struct_sheet_range.pdbx_end_PDB_ins_code 
_struct_sheet_range.beg_auth_comp_id 
_struct_sheet_range.beg_auth_asym_id 
_struct_sheet_range.beg_auth_seq_id 
_struct_sheet_range.end_auth_comp_id 
_struct_sheet_range.end_auth_asym_id 
_struct_sheet_range.end_auth_seq_id 
A 1 LYS A 40 ? SER A 44 ? LYS A 41 SER A 45 
A 2 SER A 47 ? GLU A 53 ? SER A 48 GLU A 54 
A 3 PRO A 21 ? GLY A 28 ? PRO A 22 GLY A 29 
A 4 PHE A 68 ? MSE A 75 ? PHE A 69 MSE A 76 
# 
loop_
_pdbx_struct_sheet_hbond.sheet_id 
_pdbx_struct_sheet_hbond.range_id_1 
_pdbx_struct_sheet_hbond.range_id_2 
_pdbx_struct_sheet_hbond.range_1_label_atom_id 
_pdbx_struct_sheet_hbond.range_1_label_comp_id 
_pdbx_struct_sheet_hbond.range_1_label_asym_id 
_pdbx_struct_sheet_hbond.range_1_label_seq_id 
_pdbx_struct_sheet_hbond.range_1_PDB_ins_code 
_pdbx_struct_sheet_hbond.range_1_auth_atom_id 
_pdbx_struct_sheet_hbond.range_1_auth_comp_id 
_pdbx_struct_sheet_hbond.range_1_auth_asym_id 
_pdbx_struct_sheet_hbond.range_1_auth_seq_id 
_pdbx_struct_sheet_hbond.range_2_label_atom_id 
_pdbx_struct_sheet_hbond.range_2_label_comp_id 
_pdbx_struct_sheet_hbond.range_2_label_asym_id 
_pdbx_struct_sheet_hbond.range_2_label_seq_id 
_pdbx_struct_sheet_hbond.range_2_PDB_ins_code 
_pdbx_struct_sheet_hbond.range_2_auth_atom_id 
_pdbx_struct_sheet_hbond.range_2_auth_comp_id 
_pdbx_struct_sheet_hbond.range_2_auth_asym_id 
_pdbx_struct_sheet_hbond.range_2_auth_seq_id 
A 1 2 N PHE A 42 ? N PHE A 43 O VAL A 49 ? O VAL A 50 
A 2 3 O CYS A 52 ? O CYS A 53 N ILE A 22 ? N ILE A 23 
A 3 4 N ASN A 27 ? N ASN A 28 O GLU A 69 ? O GLU A 70 
# 
loop_
_struct_site.id 
_struct_site.pdbx_evidence_code 
_struct_site.pdbx_auth_asym_id 
_struct_site.pdbx_auth_comp_id 
_struct_site.pdbx_auth_seq_id 
_struct_site.pdbx_auth_ins_code 
_struct_site.pdbx_num_residues 
_struct_site.details 
AC1 Software A NA  101 ? 6 'BINDING SITE FOR RESIDUE NA A 101'  
AC2 Software A GOL 102 ? 6 'BINDING SITE FOR RESIDUE GOL A 102' 
# 
loop_
_struct_site_gen.id 
_struct_site_gen.site_id 
_struct_site_gen.pdbx_num_res 
_struct_site_gen.label_comp_id 
_struct_site_gen.label_asym_id 
_struct_site_gen.label_seq_id 
_struct_site_gen.pdbx_auth_ins_code 
_struct_site_gen.auth_comp_id 
_struct_site_gen.auth_asym_id 
_struct_site_gen.auth_seq_id 
_struct_site_gen.label_atom_id 
_struct_site_gen.label_alt_id 
_struct_site_gen.symmetry 
_struct_site_gen.details 
1  AC1 6 LYS A 17 ? LYS A 18  . ? 1_555 ? 
2  AC1 6 PHE A 19 ? PHE A 20  . ? 1_555 ? 
3  AC1 6 ASN A 79 ? ASN A 80  . ? 1_555 ? 
4  AC1 6 HOH D .  ? HOH A 108 . ? 1_555 ? 
5  AC1 6 HOH D .  ? HOH A 115 . ? 1_555 ? 
6  AC1 6 HOH D .  ? HOH A 121 . ? 1_555 ? 
7  AC2 6 TYR A 61 ? TYR A 62  . ? 1_555 ? 
8  AC2 6 GLY A 65 ? GLY A 66  . ? 1_555 ? 
9  AC2 6 PHE A 68 ? PHE A 69  . ? 1_555 ? 
10 AC2 6 GLU A 69 ? GLU A 70  . ? 1_555 ? 
11 AC2 6 HOH D .  ? HOH A 136 . ? 1_555 ? 
12 AC2 6 HOH D .  ? HOH A 239 . ? 1_555 ? 
# 
_pdbx_entry_details.entry_id                   3BV8 
_pdbx_entry_details.compound_details           ? 
_pdbx_entry_details.source_details             ? 
_pdbx_entry_details.nonpolymer_details         ? 
_pdbx_entry_details.sequence_details           ? 
_pdbx_entry_details.has_ligand_of_interest     ? 
_pdbx_entry_details.has_protein_modification   Y 
# 
_pdbx_validate_close_contact.id               1 
_pdbx_validate_close_contact.PDB_model_num    1 
_pdbx_validate_close_contact.auth_atom_id_1   O 
_pdbx_validate_close_contact.auth_asym_id_1   A 
_pdbx_validate_close_contact.auth_comp_id_1   HOH 
_pdbx_validate_close_contact.auth_seq_id_1    144 
_pdbx_validate_close_contact.PDB_ins_code_1   ? 
_pdbx_validate_close_contact.label_alt_id_1   ? 
_pdbx_validate_close_contact.auth_atom_id_2   O 
_pdbx_validate_close_contact.auth_asym_id_2   A 
_pdbx_validate_close_contact.auth_comp_id_2   HOH 
_pdbx_validate_close_contact.auth_seq_id_2    248 
_pdbx_validate_close_contact.PDB_ins_code_2   ? 
_pdbx_validate_close_contact.label_alt_id_2   ? 
_pdbx_validate_close_contact.dist             2.10 
# 
_pdbx_SG_project.id                    1 
_pdbx_SG_project.project_name          'PSI, Protein Structure Initiative' 
_pdbx_SG_project.full_name_of_center   'Midwest Center for Structural Genomics' 
_pdbx_SG_project.initial_of_center     MCSG 
# 
_pdbx_struct_mod_residue.id               1 
_pdbx_struct_mod_residue.label_asym_id    A 
_pdbx_struct_mod_residue.label_comp_id    MSE 
_pdbx_struct_mod_residue.label_seq_id     75 
_pdbx_struct_mod_residue.auth_asym_id     A 
_pdbx_struct_mod_residue.auth_comp_id     MSE 
_pdbx_struct_mod_residue.auth_seq_id      76 
_pdbx_struct_mod_residue.PDB_ins_code     ? 
_pdbx_struct_mod_residue.parent_comp_id   MET 
_pdbx_struct_mod_residue.details          SELENOMETHIONINE 
# 
loop_
_pdbx_struct_special_symmetry.id 
_pdbx_struct_special_symmetry.PDB_model_num 
_pdbx_struct_special_symmetry.auth_asym_id 
_pdbx_struct_special_symmetry.auth_comp_id 
_pdbx_struct_special_symmetry.auth_seq_id 
_pdbx_struct_special_symmetry.PDB_ins_code 
_pdbx_struct_special_symmetry.label_asym_id 
_pdbx_struct_special_symmetry.label_comp_id 
_pdbx_struct_special_symmetry.label_seq_id 
1 1 A HOH 103 ? D HOH . 
2 1 A HOH 111 ? D HOH . 
3 1 A HOH 113 ? D HOH . 
4 1 A HOH 152 ? D HOH . 
5 1 A HOH 236 ? D HOH . 
# 
_pdbx_refine_tls.id               1 
_pdbx_refine_tls.details          ? 
_pdbx_refine_tls.method           refined 
_pdbx_refine_tls.origin_x         -0.0405 
_pdbx_refine_tls.origin_y         0.3547 
_pdbx_refine_tls.origin_z         0.1982 
_pdbx_refine_tls.T[1][1]          -0.0478 
_pdbx_refine_tls.T[2][2]          -0.0518 
_pdbx_refine_tls.T[3][3]          -0.0422 
_pdbx_refine_tls.T[1][2]          -0.0157 
_pdbx_refine_tls.T[1][3]          0.0202 
_pdbx_refine_tls.T[2][3]          0.0107 
_pdbx_refine_tls.L[1][1]          2.1319 
_pdbx_refine_tls.L[2][2]          0.4822 
_pdbx_refine_tls.L[3][3]          0.5593 
_pdbx_refine_tls.L[1][2]          -0.5267 
_pdbx_refine_tls.L[1][3]          -0.4624 
_pdbx_refine_tls.L[2][3]          0.2022 
_pdbx_refine_tls.S[1][1]          -0.0440 
_pdbx_refine_tls.S[2][2]          0.0380 
_pdbx_refine_tls.S[3][3]          0.0059 
_pdbx_refine_tls.S[1][2]          -0.0770 
_pdbx_refine_tls.S[1][3]          -0.0592 
_pdbx_refine_tls.S[2][3]          0.0680 
_pdbx_refine_tls.S[2][1]          0.0761 
_pdbx_refine_tls.S[3][1]          0.0885 
_pdbx_refine_tls.S[3][2]          -0.0506 
_pdbx_refine_tls.pdbx_refine_id   'X-RAY DIFFRACTION' 
# 
_pdbx_refine_tls_group.id                  1 
_pdbx_refine_tls_group.refine_tls_id       1 
_pdbx_refine_tls_group.beg_auth_asym_id    A 
_pdbx_refine_tls_group.beg_auth_seq_id     4 
_pdbx_refine_tls_group.end_auth_asym_id    A 
_pdbx_refine_tls_group.end_auth_seq_id     88 
_pdbx_refine_tls_group.selection           ? 
_pdbx_refine_tls_group.beg_label_asym_id   A 
_pdbx_refine_tls_group.beg_label_seq_id    3 
_pdbx_refine_tls_group.end_label_asym_id   A 
_pdbx_refine_tls_group.end_label_seq_id    87 
_pdbx_refine_tls_group.pdbx_refine_id      'X-RAY DIFFRACTION' 
_pdbx_refine_tls_group.selection_details   ? 
# 
loop_
_pdbx_phasing_MAD_set.id 
_pdbx_phasing_MAD_set.d_res_high 
_pdbx_phasing_MAD_set.d_res_low 
_pdbx_phasing_MAD_set.reflns_acentric 
_pdbx_phasing_MAD_set.loc_acentric 
_pdbx_phasing_MAD_set.power_acentric 
_pdbx_phasing_MAD_set.R_cullis_acentric 
_pdbx_phasing_MAD_set.reflns_centric 
_pdbx_phasing_MAD_set.loc_centric 
_pdbx_phasing_MAD_set.power_centric 
_pdbx_phasing_MAD_set.R_cullis_centric 
1 1.75 50.00 13940 0.200 0.000 2.380 2883 0.100 0.000 1.000 
2 1.75 50.00 13898 6.200 0.720 0.890 2870 8.600 0.580 0.840 
# 
loop_
_pdbx_phasing_MAD_set_shell.id 
_pdbx_phasing_MAD_set_shell.d_res_high 
_pdbx_phasing_MAD_set_shell.d_res_low 
_pdbx_phasing_MAD_set_shell.reflns_acentric 
_pdbx_phasing_MAD_set_shell.loc_acentric 
_pdbx_phasing_MAD_set_shell.power_acentric 
_pdbx_phasing_MAD_set_shell.R_cullis_acentric 
_pdbx_phasing_MAD_set_shell.reflns_centric 
_pdbx_phasing_MAD_set_shell.loc_centric 
_pdbx_phasing_MAD_set_shell.power_centric 
_pdbx_phasing_MAD_set_shell.R_cullis_centric 
1 11.24 50.00 28   0.300 0.000 1.140 52  0.200  0.000 1.000 
1 6.33  11.24 195  0.500 0.000 1.980 149 0.200  0.000 1.000 
1 4.41  6.33  531  0.400 0.000 1.560 231 0.200  0.000 1.000 
1 3.38  4.41  1013 0.300 0.000 1.190 313 0.200  0.000 1.000 
1 2.74  3.38  1681 0.300 0.000 1.800 409 0.100  0.000 1.000 
1 2.31  2.74  2479 0.200 0.000 2.710 494 0.100  0.000 1.000 
1 1.99  2.31  3457 0.200 0.000 3.010 582 0.100  0.000 1.000 
1 1.75  1.99  4556 0.200 0.000 5.240 653 0.000  0.000 1.000 
2 11.24 50.00 28   5.000 2.920 0.740 50  6.200  1.450 0.670 
2 6.33  11.24 195  5.200 2.280 0.570 149 6.900  1.730 0.570 
2 4.41  6.33  531  5.600 1.920 0.620 228 7.500  1.310 0.650 
2 3.38  4.41  1012 5.900 1.440 0.750 311 8.200  0.880 0.750 
2 2.74  3.38  1681 5.300 1.230 0.780 409 8.000  0.770 0.750 
2 2.31  2.74  2477 5.700 0.840 0.880 491 8.200  0.480 0.880 
2 1.99  2.31  3448 6.100 0.540 0.970 581 9.100  0.360 0.920 
2 1.75  1.99  4526 7.000 0.330 0.990 651 10.100 0.200 0.980 
# 
loop_
_pdbx_phasing_MAD_set_site.id 
_pdbx_phasing_MAD_set_site.atom_type_symbol 
_pdbx_phasing_MAD_set_site.fract_x 
_pdbx_phasing_MAD_set_site.fract_y 
_pdbx_phasing_MAD_set_site.fract_z 
_pdbx_phasing_MAD_set_site.b_iso 
_pdbx_phasing_MAD_set_site.occupancy 
1 Se -0.524 -0.176 -0.215 25.54709 0.000  
2 Se -0.524 -0.177 -0.215 25.70739 -0.138 
# 
loop_
_pdbx_phasing_MAD_shell.d_res_high 
_pdbx_phasing_MAD_shell.d_res_low 
_pdbx_phasing_MAD_shell.reflns 
_pdbx_phasing_MAD_shell.fom 
_pdbx_phasing_MAD_shell.reflns_centric 
_pdbx_phasing_MAD_shell.fom_centric 
_pdbx_phasing_MAD_shell.reflns_acentric 
_pdbx_phasing_MAD_shell.fom_acentric 
11.24 50.00 80   0.606 52  0.466 28   0.865 
6.33  11.24 344  0.739 149 0.627 195  0.825 
4.41  6.33  762  0.730 231 0.542 531  0.812 
3.38  4.41  1326 0.656 313 0.400 1013 0.735 
2.74  3.38  2090 0.625 409 0.403 1681 0.679 
2.31  2.74  2973 0.526 494 0.246 2479 0.582 
1.99  2.31  4039 0.395 582 0.189 3457 0.429 
1.75  1.99  5209 0.254 653 0.086 4556 0.278 
# 
_pdbx_phasing_dm.entry_id   3BV8 
_pdbx_phasing_dm.method     'Solvent flattening  and Histogram matching' 
_pdbx_phasing_dm.reflns     16823 
# 
loop_
_pdbx_phasing_dm_shell.d_res_high 
_pdbx_phasing_dm_shell.d_res_low 
_pdbx_phasing_dm_shell.delta_phi_final 
_pdbx_phasing_dm_shell.delta_phi_initial 
_pdbx_phasing_dm_shell.fom_acentric 
_pdbx_phasing_dm_shell.fom_centric 
_pdbx_phasing_dm_shell.fom 
_pdbx_phasing_dm_shell.reflns_acentric 
_pdbx_phasing_dm_shell.reflns_centric 
_pdbx_phasing_dm_shell.reflns 
5.960 100.000 37.700 ? ? ? 0.891 ? ? 503  
4.670 5.960   29.200 ? ? ? 0.942 ? ? 502  
4.030 4.670   36.500 ? ? ? 0.949 ? ? 514  
3.650 4.030   37.000 ? ? ? 0.940 ? ? 505  
3.370 3.650   35.300 ? ? ? 0.931 ? ? 513  
3.170 3.370   33.100 ? ? ? 0.947 ? ? 501  
3.000 3.170   38.600 ? ? ? 0.930 ? ? 522  
2.860 3.000   42.700 ? ? ? 0.925 ? ? 520  
2.740 2.860   40.300 ? ? ? 0.913 ? ? 543  
2.630 2.740   46.100 ? ? ? 0.890 ? ? 555  
2.540 2.630   44.300 ? ? ? 0.878 ? ? 583  
2.450 2.540   48.100 ? ? ? 0.860 ? ? 608  
2.370 2.450   49.400 ? ? ? 0.864 ? ? 616  
2.300 2.370   51.800 ? ? ? 0.857 ? ? 635  
2.240 2.300   54.200 ? ? ? 0.838 ? ? 657  
2.180 2.240   54.500 ? ? ? 0.848 ? ? 667  
2.120 2.180   52.600 ? ? ? 0.828 ? ? 699  
2.070 2.120   62.200 ? ? ? 0.849 ? ? 704  
2.020 2.070   60.200 ? ? ? 0.836 ? ? 731  
1.980 2.020   61.100 ? ? ? 0.848 ? ? 748  
1.940 1.980   64.500 ? ? ? 0.815 ? ? 763  
1.900 1.940   64.500 ? ? ? 0.805 ? ? 765  
1.860 1.900   66.400 ? ? ? 0.772 ? ? 778  
1.830 1.860   71.700 ? ? ? 0.749 ? ? 780  
1.790 1.830   71.800 ? ? ? 0.732 ? ? 810  
1.750 1.790   74.700 ? ? ? 0.704 ? ? 1101 
# 
_phasing.method   MAD 
# 
_phasing_MAD.entry_id               3BV8 
_phasing_MAD.pdbx_d_res_high        1.75 
_phasing_MAD.pdbx_d_res_low         50.00 
_phasing_MAD.pdbx_reflns            16823 
_phasing_MAD.pdbx_fom               0.447 
_phasing_MAD.pdbx_reflns_centric    2883 
_phasing_MAD.pdbx_fom_centric       0.285 
_phasing_MAD.pdbx_reflns_acentric   13940 
_phasing_MAD.pdbx_fom_acentric      0.480 
# 
loop_
_pdbx_unobs_or_zero_occ_residues.id 
_pdbx_unobs_or_zero_occ_residues.PDB_model_num 
_pdbx_unobs_or_zero_occ_residues.polymer_flag 
_pdbx_unobs_or_zero_occ_residues.occupancy_flag 
_pdbx_unobs_or_zero_occ_residues.auth_asym_id 
_pdbx_unobs_or_zero_occ_residues.auth_comp_id 
_pdbx_unobs_or_zero_occ_residues.auth_seq_id 
_pdbx_unobs_or_zero_occ_residues.PDB_ins_code 
_pdbx_unobs_or_zero_occ_residues.label_asym_id 
_pdbx_unobs_or_zero_occ_residues.label_comp_id 
_pdbx_unobs_or_zero_occ_residues.label_seq_id 
1 1 Y 1 A SER 2 ? A SER 1 
2 1 Y 1 A ASN 3 ? A ASN 2 
# 
loop_
_chem_comp_atom.comp_id 
_chem_comp_atom.atom_id 
_chem_comp_atom.type_symbol 
_chem_comp_atom.pdbx_aromatic_flag 
_chem_comp_atom.pdbx_stereo_config 
_chem_comp_atom.pdbx_ordinal 
ALA N    N  N N 1   
ALA CA   C  N S 2   
ALA C    C  N N 3   
ALA O    O  N N 4   
ALA CB   C  N N 5   
ALA OXT  O  N N 6   
ALA H    H  N N 7   
ALA H2   H  N N 8   
ALA HA   H  N N 9   
ALA HB1  H  N N 10  
ALA HB2  H  N N 11  
ALA HB3  H  N N 12  
ALA HXT  H  N N 13  
ARG N    N  N N 14  
ARG CA   C  N S 15  
ARG C    C  N N 16  
ARG O    O  N N 17  
ARG CB   C  N N 18  
ARG CG   C  N N 19  
ARG CD   C  N N 20  
ARG NE   N  N N 21  
ARG CZ   C  N N 22  
ARG NH1  N  N N 23  
ARG NH2  N  N N 24  
ARG OXT  O  N N 25  
ARG H    H  N N 26  
ARG H2   H  N N 27  
ARG HA   H  N N 28  
ARG HB2  H  N N 29  
ARG HB3  H  N N 30  
ARG HG2  H  N N 31  
ARG HG3  H  N N 32  
ARG HD2  H  N N 33  
ARG HD3  H  N N 34  
ARG HE   H  N N 35  
ARG HH11 H  N N 36  
ARG HH12 H  N N 37  
ARG HH21 H  N N 38  
ARG HH22 H  N N 39  
ARG HXT  H  N N 40  
ASN N    N  N N 41  
ASN CA   C  N S 42  
ASN C    C  N N 43  
ASN O    O  N N 44  
ASN CB   C  N N 45  
ASN CG   C  N N 46  
ASN OD1  O  N N 47  
ASN ND2  N  N N 48  
ASN OXT  O  N N 49  
ASN H    H  N N 50  
ASN H2   H  N N 51  
ASN HA   H  N N 52  
ASN HB2  H  N N 53  
ASN HB3  H  N N 54  
ASN HD21 H  N N 55  
ASN HD22 H  N N 56  
ASN HXT  H  N N 57  
ASP N    N  N N 58  
ASP CA   C  N S 59  
ASP C    C  N N 60  
ASP O    O  N N 61  
ASP CB   C  N N 62  
ASP CG   C  N N 63  
ASP OD1  O  N N 64  
ASP OD2  O  N N 65  
ASP OXT  O  N N 66  
ASP H    H  N N 67  
ASP H2   H  N N 68  
ASP HA   H  N N 69  
ASP HB2  H  N N 70  
ASP HB3  H  N N 71  
ASP HD2  H  N N 72  
ASP HXT  H  N N 73  
CYS N    N  N N 74  
CYS CA   C  N R 75  
CYS C    C  N N 76  
CYS O    O  N N 77  
CYS CB   C  N N 78  
CYS SG   S  N N 79  
CYS OXT  O  N N 80  
CYS H    H  N N 81  
CYS H2   H  N N 82  
CYS HA   H  N N 83  
CYS HB2  H  N N 84  
CYS HB3  H  N N 85  
CYS HG   H  N N 86  
CYS HXT  H  N N 87  
GLN N    N  N N 88  
GLN CA   C  N S 89  
GLN C    C  N N 90  
GLN O    O  N N 91  
GLN CB   C  N N 92  
GLN CG   C  N N 93  
GLN CD   C  N N 94  
GLN OE1  O  N N 95  
GLN NE2  N  N N 96  
GLN OXT  O  N N 97  
GLN H    H  N N 98  
GLN H2   H  N N 99  
GLN HA   H  N N 100 
GLN HB2  H  N N 101 
GLN HB3  H  N N 102 
GLN HG2  H  N N 103 
GLN HG3  H  N N 104 
GLN HE21 H  N N 105 
GLN HE22 H  N N 106 
GLN HXT  H  N N 107 
GLU N    N  N N 108 
GLU CA   C  N S 109 
GLU C    C  N N 110 
GLU O    O  N N 111 
GLU CB   C  N N 112 
GLU CG   C  N N 113 
GLU CD   C  N N 114 
GLU OE1  O  N N 115 
GLU OE2  O  N N 116 
GLU OXT  O  N N 117 
GLU H    H  N N 118 
GLU H2   H  N N 119 
GLU HA   H  N N 120 
GLU HB2  H  N N 121 
GLU HB3  H  N N 122 
GLU HG2  H  N N 123 
GLU HG3  H  N N 124 
GLU HE2  H  N N 125 
GLU HXT  H  N N 126 
GLY N    N  N N 127 
GLY CA   C  N N 128 
GLY C    C  N N 129 
GLY O    O  N N 130 
GLY OXT  O  N N 131 
GLY H    H  N N 132 
GLY H2   H  N N 133 
GLY HA2  H  N N 134 
GLY HA3  H  N N 135 
GLY HXT  H  N N 136 
GOL C1   C  N N 137 
GOL O1   O  N N 138 
GOL C2   C  N N 139 
GOL O2   O  N N 140 
GOL C3   C  N N 141 
GOL O3   O  N N 142 
GOL H11  H  N N 143 
GOL H12  H  N N 144 
GOL HO1  H  N N 145 
GOL H2   H  N N 146 
GOL HO2  H  N N 147 
GOL H31  H  N N 148 
GOL H32  H  N N 149 
GOL HO3  H  N N 150 
HOH O    O  N N 151 
HOH H1   H  N N 152 
HOH H2   H  N N 153 
ILE N    N  N N 154 
ILE CA   C  N S 155 
ILE C    C  N N 156 
ILE O    O  N N 157 
ILE CB   C  N S 158 
ILE CG1  C  N N 159 
ILE CG2  C  N N 160 
ILE CD1  C  N N 161 
ILE OXT  O  N N 162 
ILE H    H  N N 163 
ILE H2   H  N N 164 
ILE HA   H  N N 165 
ILE HB   H  N N 166 
ILE HG12 H  N N 167 
ILE HG13 H  N N 168 
ILE HG21 H  N N 169 
ILE HG22 H  N N 170 
ILE HG23 H  N N 171 
ILE HD11 H  N N 172 
ILE HD12 H  N N 173 
ILE HD13 H  N N 174 
ILE HXT  H  N N 175 
LEU N    N  N N 176 
LEU CA   C  N S 177 
LEU C    C  N N 178 
LEU O    O  N N 179 
LEU CB   C  N N 180 
LEU CG   C  N N 181 
LEU CD1  C  N N 182 
LEU CD2  C  N N 183 
LEU OXT  O  N N 184 
LEU H    H  N N 185 
LEU H2   H  N N 186 
LEU HA   H  N N 187 
LEU HB2  H  N N 188 
LEU HB3  H  N N 189 
LEU HG   H  N N 190 
LEU HD11 H  N N 191 
LEU HD12 H  N N 192 
LEU HD13 H  N N 193 
LEU HD21 H  N N 194 
LEU HD22 H  N N 195 
LEU HD23 H  N N 196 
LEU HXT  H  N N 197 
LYS N    N  N N 198 
LYS CA   C  N S 199 
LYS C    C  N N 200 
LYS O    O  N N 201 
LYS CB   C  N N 202 
LYS CG   C  N N 203 
LYS CD   C  N N 204 
LYS CE   C  N N 205 
LYS NZ   N  N N 206 
LYS OXT  O  N N 207 
LYS H    H  N N 208 
LYS H2   H  N N 209 
LYS HA   H  N N 210 
LYS HB2  H  N N 211 
LYS HB3  H  N N 212 
LYS HG2  H  N N 213 
LYS HG3  H  N N 214 
LYS HD2  H  N N 215 
LYS HD3  H  N N 216 
LYS HE2  H  N N 217 
LYS HE3  H  N N 218 
LYS HZ1  H  N N 219 
LYS HZ2  H  N N 220 
LYS HZ3  H  N N 221 
LYS HXT  H  N N 222 
MSE N    N  N N 223 
MSE CA   C  N S 224 
MSE C    C  N N 225 
MSE O    O  N N 226 
MSE OXT  O  N N 227 
MSE CB   C  N N 228 
MSE CG   C  N N 229 
MSE SE   SE N N 230 
MSE CE   C  N N 231 
MSE H    H  N N 232 
MSE H2   H  N N 233 
MSE HA   H  N N 234 
MSE HXT  H  N N 235 
MSE HB2  H  N N 236 
MSE HB3  H  N N 237 
MSE HG2  H  N N 238 
MSE HG3  H  N N 239 
MSE HE1  H  N N 240 
MSE HE2  H  N N 241 
MSE HE3  H  N N 242 
NA  NA   NA N N 243 
PHE N    N  N N 244 
PHE CA   C  N S 245 
PHE C    C  N N 246 
PHE O    O  N N 247 
PHE CB   C  N N 248 
PHE CG   C  Y N 249 
PHE CD1  C  Y N 250 
PHE CD2  C  Y N 251 
PHE CE1  C  Y N 252 
PHE CE2  C  Y N 253 
PHE CZ   C  Y N 254 
PHE OXT  O  N N 255 
PHE H    H  N N 256 
PHE H2   H  N N 257 
PHE HA   H  N N 258 
PHE HB2  H  N N 259 
PHE HB3  H  N N 260 
PHE HD1  H  N N 261 
PHE HD2  H  N N 262 
PHE HE1  H  N N 263 
PHE HE2  H  N N 264 
PHE HZ   H  N N 265 
PHE HXT  H  N N 266 
PRO N    N  N N 267 
PRO CA   C  N S 268 
PRO C    C  N N 269 
PRO O    O  N N 270 
PRO CB   C  N N 271 
PRO CG   C  N N 272 
PRO CD   C  N N 273 
PRO OXT  O  N N 274 
PRO H    H  N N 275 
PRO HA   H  N N 276 
PRO HB2  H  N N 277 
PRO HB3  H  N N 278 
PRO HG2  H  N N 279 
PRO HG3  H  N N 280 
PRO HD2  H  N N 281 
PRO HD3  H  N N 282 
PRO HXT  H  N N 283 
SER N    N  N N 284 
SER CA   C  N S 285 
SER C    C  N N 286 
SER O    O  N N 287 
SER CB   C  N N 288 
SER OG   O  N N 289 
SER OXT  O  N N 290 
SER H    H  N N 291 
SER H2   H  N N 292 
SER HA   H  N N 293 
SER HB2  H  N N 294 
SER HB3  H  N N 295 
SER HG   H  N N 296 
SER HXT  H  N N 297 
THR N    N  N N 298 
THR CA   C  N S 299 
THR C    C  N N 300 
THR O    O  N N 301 
THR CB   C  N R 302 
THR OG1  O  N N 303 
THR CG2  C  N N 304 
THR OXT  O  N N 305 
THR H    H  N N 306 
THR H2   H  N N 307 
THR HA   H  N N 308 
THR HB   H  N N 309 
THR HG1  H  N N 310 
THR HG21 H  N N 311 
THR HG22 H  N N 312 
THR HG23 H  N N 313 
THR HXT  H  N N 314 
TRP N    N  N N 315 
TRP CA   C  N S 316 
TRP C    C  N N 317 
TRP O    O  N N 318 
TRP CB   C  N N 319 
TRP CG   C  Y N 320 
TRP CD1  C  Y N 321 
TRP CD2  C  Y N 322 
TRP NE1  N  Y N 323 
TRP CE2  C  Y N 324 
TRP CE3  C  Y N 325 
TRP CZ2  C  Y N 326 
TRP CZ3  C  Y N 327 
TRP CH2  C  Y N 328 
TRP OXT  O  N N 329 
TRP H    H  N N 330 
TRP H2   H  N N 331 
TRP HA   H  N N 332 
TRP HB2  H  N N 333 
TRP HB3  H  N N 334 
TRP HD1  H  N N 335 
TRP HE1  H  N N 336 
TRP HE3  H  N N 337 
TRP HZ2  H  N N 338 
TRP HZ3  H  N N 339 
TRP HH2  H  N N 340 
TRP HXT  H  N N 341 
TYR N    N  N N 342 
TYR CA   C  N S 343 
TYR C    C  N N 344 
TYR O    O  N N 345 
TYR CB   C  N N 346 
TYR CG   C  Y N 347 
TYR CD1  C  Y N 348 
TYR CD2  C  Y N 349 
TYR CE1  C  Y N 350 
TYR CE2  C  Y N 351 
TYR CZ   C  Y N 352 
TYR OH   O  N N 353 
TYR OXT  O  N N 354 
TYR H    H  N N 355 
TYR H2   H  N N 356 
TYR HA   H  N N 357 
TYR HB2  H  N N 358 
TYR HB3  H  N N 359 
TYR HD1  H  N N 360 
TYR HD2  H  N N 361 
TYR HE1  H  N N 362 
TYR HE2  H  N N 363 
TYR HH   H  N N 364 
TYR HXT  H  N N 365 
VAL N    N  N N 366 
VAL CA   C  N S 367 
VAL C    C  N N 368 
VAL O    O  N N 369 
VAL CB   C  N N 370 
VAL CG1  C  N N 371 
VAL CG2  C  N N 372 
VAL OXT  O  N N 373 
VAL H    H  N N 374 
VAL H2   H  N N 375 
VAL HA   H  N N 376 
VAL HB   H  N N 377 
VAL HG11 H  N N 378 
VAL HG12 H  N N 379 
VAL HG13 H  N N 380 
VAL HG21 H  N N 381 
VAL HG22 H  N N 382 
VAL HG23 H  N N 383 
VAL HXT  H  N N 384 
# 
loop_
_chem_comp_bond.comp_id 
_chem_comp_bond.atom_id_1 
_chem_comp_bond.atom_id_2 
_chem_comp_bond.value_order 
_chem_comp_bond.pdbx_aromatic_flag 
_chem_comp_bond.pdbx_stereo_config 
_chem_comp_bond.pdbx_ordinal 
ALA N   CA   sing N N 1   
ALA N   H    sing N N 2   
ALA N   H2   sing N N 3   
ALA CA  C    sing N N 4   
ALA CA  CB   sing N N 5   
ALA CA  HA   sing N N 6   
ALA C   O    doub N N 7   
ALA C   OXT  sing N N 8   
ALA CB  HB1  sing N N 9   
ALA CB  HB2  sing N N 10  
ALA CB  HB3  sing N N 11  
ALA OXT HXT  sing N N 12  
ARG N   CA   sing N N 13  
ARG N   H    sing N N 14  
ARG N   H2   sing N N 15  
ARG CA  C    sing N N 16  
ARG CA  CB   sing N N 17  
ARG CA  HA   sing N N 18  
ARG C   O    doub N N 19  
ARG C   OXT  sing N N 20  
ARG CB  CG   sing N N 21  
ARG CB  HB2  sing N N 22  
ARG CB  HB3  sing N N 23  
ARG CG  CD   sing N N 24  
ARG CG  HG2  sing N N 25  
ARG CG  HG3  sing N N 26  
ARG CD  NE   sing N N 27  
ARG CD  HD2  sing N N 28  
ARG CD  HD3  sing N N 29  
ARG NE  CZ   sing N N 30  
ARG NE  HE   sing N N 31  
ARG CZ  NH1  sing N N 32  
ARG CZ  NH2  doub N N 33  
ARG NH1 HH11 sing N N 34  
ARG NH1 HH12 sing N N 35  
ARG NH2 HH21 sing N N 36  
ARG NH2 HH22 sing N N 37  
ARG OXT HXT  sing N N 38  
ASN N   CA   sing N N 39  
ASN N   H    sing N N 40  
ASN N   H2   sing N N 41  
ASN CA  C    sing N N 42  
ASN CA  CB   sing N N 43  
ASN CA  HA   sing N N 44  
ASN C   O    doub N N 45  
ASN C   OXT  sing N N 46  
ASN CB  CG   sing N N 47  
ASN CB  HB2  sing N N 48  
ASN CB  HB3  sing N N 49  
ASN CG  OD1  doub N N 50  
ASN CG  ND2  sing N N 51  
ASN ND2 HD21 sing N N 52  
ASN ND2 HD22 sing N N 53  
ASN OXT HXT  sing N N 54  
ASP N   CA   sing N N 55  
ASP N   H    sing N N 56  
ASP N   H2   sing N N 57  
ASP CA  C    sing N N 58  
ASP CA  CB   sing N N 59  
ASP CA  HA   sing N N 60  
ASP C   O    doub N N 61  
ASP C   OXT  sing N N 62  
ASP CB  CG   sing N N 63  
ASP CB  HB2  sing N N 64  
ASP CB  HB3  sing N N 65  
ASP CG  OD1  doub N N 66  
ASP CG  OD2  sing N N 67  
ASP OD2 HD2  sing N N 68  
ASP OXT HXT  sing N N 69  
CYS N   CA   sing N N 70  
CYS N   H    sing N N 71  
CYS N   H2   sing N N 72  
CYS CA  C    sing N N 73  
CYS CA  CB   sing N N 74  
CYS CA  HA   sing N N 75  
CYS C   O    doub N N 76  
CYS C   OXT  sing N N 77  
CYS CB  SG   sing N N 78  
CYS CB  HB2  sing N N 79  
CYS CB  HB3  sing N N 80  
CYS SG  HG   sing N N 81  
CYS OXT HXT  sing N N 82  
GLN N   CA   sing N N 83  
GLN N   H    sing N N 84  
GLN N   H2   sing N N 85  
GLN CA  C    sing N N 86  
GLN CA  CB   sing N N 87  
GLN CA  HA   sing N N 88  
GLN C   O    doub N N 89  
GLN C   OXT  sing N N 90  
GLN CB  CG   sing N N 91  
GLN CB  HB2  sing N N 92  
GLN CB  HB3  sing N N 93  
GLN CG  CD   sing N N 94  
GLN CG  HG2  sing N N 95  
GLN CG  HG3  sing N N 96  
GLN CD  OE1  doub N N 97  
GLN CD  NE2  sing N N 98  
GLN NE2 HE21 sing N N 99  
GLN NE2 HE22 sing N N 100 
GLN OXT HXT  sing N N 101 
GLU N   CA   sing N N 102 
GLU N   H    sing N N 103 
GLU N   H2   sing N N 104 
GLU CA  C    sing N N 105 
GLU CA  CB   sing N N 106 
GLU CA  HA   sing N N 107 
GLU C   O    doub N N 108 
GLU C   OXT  sing N N 109 
GLU CB  CG   sing N N 110 
GLU CB  HB2  sing N N 111 
GLU CB  HB3  sing N N 112 
GLU CG  CD   sing N N 113 
GLU CG  HG2  sing N N 114 
GLU CG  HG3  sing N N 115 
GLU CD  OE1  doub N N 116 
GLU CD  OE2  sing N N 117 
GLU OE2 HE2  sing N N 118 
GLU OXT HXT  sing N N 119 
GLY N   CA   sing N N 120 
GLY N   H    sing N N 121 
GLY N   H2   sing N N 122 
GLY CA  C    sing N N 123 
GLY CA  HA2  sing N N 124 
GLY CA  HA3  sing N N 125 
GLY C   O    doub N N 126 
GLY C   OXT  sing N N 127 
GLY OXT HXT  sing N N 128 
GOL C1  O1   sing N N 129 
GOL C1  C2   sing N N 130 
GOL C1  H11  sing N N 131 
GOL C1  H12  sing N N 132 
GOL O1  HO1  sing N N 133 
GOL C2  O2   sing N N 134 
GOL C2  C3   sing N N 135 
GOL C2  H2   sing N N 136 
GOL O2  HO2  sing N N 137 
GOL C3  O3   sing N N 138 
GOL C3  H31  sing N N 139 
GOL C3  H32  sing N N 140 
GOL O3  HO3  sing N N 141 
HOH O   H1   sing N N 142 
HOH O   H2   sing N N 143 
ILE N   CA   sing N N 144 
ILE N   H    sing N N 145 
ILE N   H2   sing N N 146 
ILE CA  C    sing N N 147 
ILE CA  CB   sing N N 148 
ILE CA  HA   sing N N 149 
ILE C   O    doub N N 150 
ILE C   OXT  sing N N 151 
ILE CB  CG1  sing N N 152 
ILE CB  CG2  sing N N 153 
ILE CB  HB   sing N N 154 
ILE CG1 CD1  sing N N 155 
ILE CG1 HG12 sing N N 156 
ILE CG1 HG13 sing N N 157 
ILE CG2 HG21 sing N N 158 
ILE CG2 HG22 sing N N 159 
ILE CG2 HG23 sing N N 160 
ILE CD1 HD11 sing N N 161 
ILE CD1 HD12 sing N N 162 
ILE CD1 HD13 sing N N 163 
ILE OXT HXT  sing N N 164 
LEU N   CA   sing N N 165 
LEU N   H    sing N N 166 
LEU N   H2   sing N N 167 
LEU CA  C    sing N N 168 
LEU CA  CB   sing N N 169 
LEU CA  HA   sing N N 170 
LEU C   O    doub N N 171 
LEU C   OXT  sing N N 172 
LEU CB  CG   sing N N 173 
LEU CB  HB2  sing N N 174 
LEU CB  HB3  sing N N 175 
LEU CG  CD1  sing N N 176 
LEU CG  CD2  sing N N 177 
LEU CG  HG   sing N N 178 
LEU CD1 HD11 sing N N 179 
LEU CD1 HD12 sing N N 180 
LEU CD1 HD13 sing N N 181 
LEU CD2 HD21 sing N N 182 
LEU CD2 HD22 sing N N 183 
LEU CD2 HD23 sing N N 184 
LEU OXT HXT  sing N N 185 
LYS N   CA   sing N N 186 
LYS N   H    sing N N 187 
LYS N   H2   sing N N 188 
LYS CA  C    sing N N 189 
LYS CA  CB   sing N N 190 
LYS CA  HA   sing N N 191 
LYS C   O    doub N N 192 
LYS C   OXT  sing N N 193 
LYS CB  CG   sing N N 194 
LYS CB  HB2  sing N N 195 
LYS CB  HB3  sing N N 196 
LYS CG  CD   sing N N 197 
LYS CG  HG2  sing N N 198 
LYS CG  HG3  sing N N 199 
LYS CD  CE   sing N N 200 
LYS CD  HD2  sing N N 201 
LYS CD  HD3  sing N N 202 
LYS CE  NZ   sing N N 203 
LYS CE  HE2  sing N N 204 
LYS CE  HE3  sing N N 205 
LYS NZ  HZ1  sing N N 206 
LYS NZ  HZ2  sing N N 207 
LYS NZ  HZ3  sing N N 208 
LYS OXT HXT  sing N N 209 
MSE N   CA   sing N N 210 
MSE N   H    sing N N 211 
MSE N   H2   sing N N 212 
MSE CA  C    sing N N 213 
MSE CA  CB   sing N N 214 
MSE CA  HA   sing N N 215 
MSE C   O    doub N N 216 
MSE C   OXT  sing N N 217 
MSE OXT HXT  sing N N 218 
MSE CB  CG   sing N N 219 
MSE CB  HB2  sing N N 220 
MSE CB  HB3  sing N N 221 
MSE CG  SE   sing N N 222 
MSE CG  HG2  sing N N 223 
MSE CG  HG3  sing N N 224 
MSE SE  CE   sing N N 225 
MSE CE  HE1  sing N N 226 
MSE CE  HE2  sing N N 227 
MSE CE  HE3  sing N N 228 
PHE N   CA   sing N N 229 
PHE N   H    sing N N 230 
PHE N   H2   sing N N 231 
PHE CA  C    sing N N 232 
PHE CA  CB   sing N N 233 
PHE CA  HA   sing N N 234 
PHE C   O    doub N N 235 
PHE C   OXT  sing N N 236 
PHE CB  CG   sing N N 237 
PHE CB  HB2  sing N N 238 
PHE CB  HB3  sing N N 239 
PHE CG  CD1  doub Y N 240 
PHE CG  CD2  sing Y N 241 
PHE CD1 CE1  sing Y N 242 
PHE CD1 HD1  sing N N 243 
PHE CD2 CE2  doub Y N 244 
PHE CD2 HD2  sing N N 245 
PHE CE1 CZ   doub Y N 246 
PHE CE1 HE1  sing N N 247 
PHE CE2 CZ   sing Y N 248 
PHE CE2 HE2  sing N N 249 
PHE CZ  HZ   sing N N 250 
PHE OXT HXT  sing N N 251 
PRO N   CA   sing N N 252 
PRO N   CD   sing N N 253 
PRO N   H    sing N N 254 
PRO CA  C    sing N N 255 
PRO CA  CB   sing N N 256 
PRO CA  HA   sing N N 257 
PRO C   O    doub N N 258 
PRO C   OXT  sing N N 259 
PRO CB  CG   sing N N 260 
PRO CB  HB2  sing N N 261 
PRO CB  HB3  sing N N 262 
PRO CG  CD   sing N N 263 
PRO CG  HG2  sing N N 264 
PRO CG  HG3  sing N N 265 
PRO CD  HD2  sing N N 266 
PRO CD  HD3  sing N N 267 
PRO OXT HXT  sing N N 268 
SER N   CA   sing N N 269 
SER N   H    sing N N 270 
SER N   H2   sing N N 271 
SER CA  C    sing N N 272 
SER CA  CB   sing N N 273 
SER CA  HA   sing N N 274 
SER C   O    doub N N 275 
SER C   OXT  sing N N 276 
SER CB  OG   sing N N 277 
SER CB  HB2  sing N N 278 
SER CB  HB3  sing N N 279 
SER OG  HG   sing N N 280 
SER OXT HXT  sing N N 281 
THR N   CA   sing N N 282 
THR N   H    sing N N 283 
THR N   H2   sing N N 284 
THR CA  C    sing N N 285 
THR CA  CB   sing N N 286 
THR CA  HA   sing N N 287 
THR C   O    doub N N 288 
THR C   OXT  sing N N 289 
THR CB  OG1  sing N N 290 
THR CB  CG2  sing N N 291 
THR CB  HB   sing N N 292 
THR OG1 HG1  sing N N 293 
THR CG2 HG21 sing N N 294 
THR CG2 HG22 sing N N 295 
THR CG2 HG23 sing N N 296 
THR OXT HXT  sing N N 297 
TRP N   CA   sing N N 298 
TRP N   H    sing N N 299 
TRP N   H2   sing N N 300 
TRP CA  C    sing N N 301 
TRP CA  CB   sing N N 302 
TRP CA  HA   sing N N 303 
TRP C   O    doub N N 304 
TRP C   OXT  sing N N 305 
TRP CB  CG   sing N N 306 
TRP CB  HB2  sing N N 307 
TRP CB  HB3  sing N N 308 
TRP CG  CD1  doub Y N 309 
TRP CG  CD2  sing Y N 310 
TRP CD1 NE1  sing Y N 311 
TRP CD1 HD1  sing N N 312 
TRP CD2 CE2  doub Y N 313 
TRP CD2 CE3  sing Y N 314 
TRP NE1 CE2  sing Y N 315 
TRP NE1 HE1  sing N N 316 
TRP CE2 CZ2  sing Y N 317 
TRP CE3 CZ3  doub Y N 318 
TRP CE3 HE3  sing N N 319 
TRP CZ2 CH2  doub Y N 320 
TRP CZ2 HZ2  sing N N 321 
TRP CZ3 CH2  sing Y N 322 
TRP CZ3 HZ3  sing N N 323 
TRP CH2 HH2  sing N N 324 
TRP OXT HXT  sing N N 325 
TYR N   CA   sing N N 326 
TYR N   H    sing N N 327 
TYR N   H2   sing N N 328 
TYR CA  C    sing N N 329 
TYR CA  CB   sing N N 330 
TYR CA  HA   sing N N 331 
TYR C   O    doub N N 332 
TYR C   OXT  sing N N 333 
TYR CB  CG   sing N N 334 
TYR CB  HB2  sing N N 335 
TYR CB  HB3  sing N N 336 
TYR CG  CD1  doub Y N 337 
TYR CG  CD2  sing Y N 338 
TYR CD1 CE1  sing Y N 339 
TYR CD1 HD1  sing N N 340 
TYR CD2 CE2  doub Y N 341 
TYR CD2 HD2  sing N N 342 
TYR CE1 CZ   doub Y N 343 
TYR CE1 HE1  sing N N 344 
TYR CE2 CZ   sing Y N 345 
TYR CE2 HE2  sing N N 346 
TYR CZ  OH   sing N N 347 
TYR OH  HH   sing N N 348 
TYR OXT HXT  sing N N 349 
VAL N   CA   sing N N 350 
VAL N   H    sing N N 351 
VAL N   H2   sing N N 352 
VAL CA  C    sing N N 353 
VAL CA  CB   sing N N 354 
VAL CA  HA   sing N N 355 
VAL C   O    doub N N 356 
VAL C   OXT  sing N N 357 
VAL CB  CG1  sing N N 358 
VAL CB  CG2  sing N N 359 
VAL CB  HB   sing N N 360 
VAL CG1 HG11 sing N N 361 
VAL CG1 HG12 sing N N 362 
VAL CG1 HG13 sing N N 363 
VAL CG2 HG21 sing N N 364 
VAL CG2 HG22 sing N N 365 
VAL CG2 HG23 sing N N 366 
VAL OXT HXT  sing N N 367 
# 
_atom_sites.entry_id                    3BV8 
_atom_sites.fract_transf_matrix[1][1]   -0.00566572 
_atom_sites.fract_transf_matrix[1][2]   -0.01360436 
_atom_sites.fract_transf_matrix[1][3]   0.00326024 
_atom_sites.fract_transf_matrix[2][1]   0.00469637 
_atom_sites.fract_transf_matrix[2][2]   -0.00738164 
_atom_sites.fract_transf_matrix[2][3]   0.01229977 
_atom_sites.fract_transf_matrix[3][1]   -0.00773639 
_atom_sites.fract_transf_matrix[3][2]   0.00458997 
_atom_sites.fract_transf_matrix[3][3]   0.00570860 
_atom_sites.fract_transf_vector[1]      0.848264 
_atom_sites.fract_transf_vector[2]      0.434324 
_atom_sites.fract_transf_vector[3]      0.372112 
# 
loop_
_atom_type.symbol 
C  
N  
NA 
O  
S  
SE 
# 
loop_
_atom_site.group_PDB 
_atom_site.id 
_atom_site.type_symbol 
_atom_site.label_atom_id 
_atom_site.label_alt_id 
_atom_site.label_comp_id 
_atom_site.label_asym_id 
_atom_site.label_entity_id 
_atom_site.label_seq_id 
_atom_site.pdbx_PDB_ins_code 
_atom_site.Cartn_x 
_atom_site.Cartn_y 
_atom_site.Cartn_z 
_atom_site.occupancy 
_atom_site.B_iso_or_equiv 
_atom_site.pdbx_formal_charge 
_atom_site.auth_seq_id 
_atom_site.auth_comp_id 
_atom_site.auth_asym_id 
_atom_site.auth_atom_id 
_atom_site.pdbx_PDB_model_num 
ATOM   1   N  N   . ALA A 1 3  ? 29.661  -3.100  0.717   1.00 35.40 ? 4   ALA A N   1 
ATOM   2   C  CA  . ALA A 1 3  ? 28.842  -3.070  1.970   1.00 34.22 ? 4   ALA A CA  1 
ATOM   3   C  C   . ALA A 1 3  ? 28.035  -4.374  2.114   1.00 33.07 ? 4   ALA A C   1 
ATOM   4   O  O   . ALA A 1 3  ? 28.559  -5.372  2.616   1.00 33.34 ? 4   ALA A O   1 
ATOM   5   C  CB  . ALA A 1 3  ? 27.935  -1.854  1.983   1.00 35.37 ? 4   ALA A CB  1 
ATOM   6   N  N   . LEU A 1 4  ? 26.790  -4.386  1.643   1.00 30.53 ? 5   LEU A N   1 
ATOM   7   C  CA  . LEU A 1 4  ? 26.012  -5.624  1.650   1.00 28.25 ? 5   LEU A CA  1 
ATOM   8   C  C   . LEU A 1 4  ? 26.597  -6.620  0.659   1.00 26.42 ? 5   LEU A C   1 
ATOM   9   O  O   . LEU A 1 4  ? 27.064  -6.221  -0.412  1.00 25.67 ? 5   LEU A O   1 
ATOM   10  C  CB  . LEU A 1 4  ? 24.548  -5.341  1.335   1.00 28.49 ? 5   LEU A CB  1 
ATOM   11  C  CG  . LEU A 1 4  ? 23.942  -4.411  2.400   1.00 30.18 ? 5   LEU A CG  1 
ATOM   12  C  CD1 . LEU A 1 4  ? 22.610  -3.903  1.974   1.00 31.01 ? 5   LEU A CD1 1 
ATOM   13  C  CD2 . LEU A 1 4  ? 23.850  -5.091  3.762   1.00 32.80 ? 5   LEU A CD2 1 
ATOM   14  N  N   . THR A 1 5  ? 26.582  -7.903  1.017   1.00 24.09 ? 6   THR A N   1 
ATOM   15  C  CA  . THR A 1 5  ? 27.053  -8.960  0.106   1.00 22.74 ? 6   THR A CA  1 
ATOM   16  C  C   . THR A 1 5  ? 25.948  -9.321  -0.896  1.00 22.25 ? 6   THR A C   1 
ATOM   17  O  O   . THR A 1 5  ? 24.770  -9.020  -0.663  1.00 20.87 ? 6   THR A O   1 
ATOM   18  C  CB  . THR A 1 5  ? 27.471  -10.228 0.863   1.00 22.75 ? 6   THR A CB  1 
ATOM   19  O  OG1 . THR A 1 5  ? 26.329  -10.800 1.506   1.00 21.96 ? 6   THR A OG1 1 
ATOM   20  C  CG2 . THR A 1 5  ? 28.548  -9.912  1.911   1.00 23.01 ? 6   THR A CG2 1 
ATOM   21  N  N   . ALA A 1 6  ? 26.320  -9.983  -1.991  1.00 21.42 ? 7   ALA A N   1 
ATOM   22  C  CA  . ALA A 1 6  ? 25.313  -10.474 -2.942  1.00 21.87 ? 7   ALA A CA  1 
ATOM   23  C  C   . ALA A 1 6  ? 24.330  -11.390 -2.230  1.00 21.39 ? 7   ALA A C   1 
ATOM   24  O  O   . ALA A 1 6  ? 23.144  -11.322 -2.496  1.00 20.36 ? 7   ALA A O   1 
ATOM   25  C  CB  . ALA A 1 6  ? 25.967  -11.207 -4.109  1.00 21.94 ? 7   ALA A CB  1 
ATOM   26  N  N   . GLU A 1 7  ? 24.827  -12.239 -1.321  1.00 21.11 ? 8   GLU A N   1 
ATOM   27  C  CA  . GLU A 1 7  ? 23.948  -13.122 -0.543  1.00 21.10 ? 8   GLU A CA  1 
ATOM   28  C  C   . GLU A 1 7  ? 22.927  -12.339 0.288   1.00 20.22 ? 8   GLU A C   1 
ATOM   29  O  O   . GLU A 1 7  ? 21.751  -12.707 0.333   1.00 20.26 ? 8   GLU A O   1 
ATOM   30  C  CB  . GLU A 1 7  ? 24.772  -14.057 0.370   1.00 21.27 ? 8   GLU A CB  1 
ATOM   31  C  CG  . GLU A 1 7  ? 25.560  -15.097 -0.399  1.00 25.24 ? 8   GLU A CG  1 
ATOM   32  C  CD  . GLU A 1 7  ? 26.896  -14.596 -0.974  1.00 28.99 ? 8   GLU A CD  1 
ATOM   33  O  OE1 . GLU A 1 7  ? 27.286  -13.406 -0.786  1.00 27.07 ? 8   GLU A OE1 1 
ATOM   34  O  OE2 . GLU A 1 7  ? 27.576  -15.430 -1.628  1.00 31.38 ? 8   GLU A OE2 1 
ATOM   35  N  N   . GLU A 1 8  ? 23.374  -11.268 0.944   1.00 19.32 ? 9   GLU A N   1 
ATOM   36  C  CA  . GLU A 1 8  ? 22.481  -10.454 1.760   1.00 18.65 ? 9   GLU A CA  1 
ATOM   37  C  C   . GLU A 1 8  ? 21.440  -9.764  0.892   1.00 17.32 ? 9   GLU A C   1 
ATOM   38  O  O   . GLU A 1 8  ? 20.274  -9.674  1.277   1.00 17.46 ? 9   GLU A O   1 
ATOM   39  C  CB  . GLU A 1 8  ? 23.258  -9.408  2.559   1.00 18.73 ? 9   GLU A CB  1 
ATOM   40  C  CG  . GLU A 1 8  ? 24.075  -10.053 3.673   1.00 20.89 ? 9   GLU A CG  1 
ATOM   41  C  CD  . GLU A 1 8  ? 24.997  -9.077  4.354   1.00 26.03 ? 9   GLU A CD  1 
ATOM   42  O  OE1 . GLU A 1 8  ? 25.627  -8.224  3.680   1.00 24.45 ? 9   GLU A OE1 1 
ATOM   43  O  OE2 . GLU A 1 8  ? 25.106  -9.187  5.587   1.00 30.46 ? 9   GLU A OE2 1 
ATOM   44  N  N   A ILE A 1 9  ? 21.859  -9.317  -0.288  0.50 17.16 ? 10  ILE A N   1 
ATOM   45  N  N   B ILE A 1 9  ? 21.866  -9.255  -0.264  0.50 16.89 ? 10  ILE A N   1 
ATOM   46  C  CA  A ILE A 1 9  ? 20.946  -8.621  -1.207  0.50 17.13 ? 10  ILE A CA  1 
ATOM   47  C  CA  B ILE A 1 9  ? 20.939  -8.563  -1.177  0.50 16.59 ? 10  ILE A CA  1 
ATOM   48  C  C   A ILE A 1 9  ? 19.838  -9.538  -1.727  0.50 16.93 ? 10  ILE A C   1 
ATOM   49  C  C   B ILE A 1 9  ? 19.907  -9.563  -1.692  0.50 16.31 ? 10  ILE A C   1 
ATOM   50  O  O   A ILE A 1 9  ? 18.660  -9.176  -1.694  0.50 16.68 ? 10  ILE A O   1 
ATOM   51  O  O   B ILE A 1 9  ? 18.707  -9.284  -1.730  0.50 16.00 ? 10  ILE A O   1 
ATOM   52  C  CB  A ILE A 1 9  ? 21.706  -7.923  -2.370  0.50 17.52 ? 10  ILE A CB  1 
ATOM   53  C  CB  B ILE A 1 9  ? 21.668  -7.902  -2.377  0.50 16.82 ? 10  ILE A CB  1 
ATOM   54  C  CG1 A ILE A 1 9  ? 22.537  -6.745  -1.818  0.50 18.62 ? 10  ILE A CG1 1 
ATOM   55  C  CG1 B ILE A 1 9  ? 22.681  -6.844  -1.894  0.50 17.82 ? 10  ILE A CG1 1 
ATOM   56  C  CG2 A ILE A 1 9  ? 20.749  -7.459  -3.465  0.50 17.16 ? 10  ILE A CG2 1 
ATOM   57  C  CG2 B ILE A 1 9  ? 20.662  -7.268  -3.325  0.50 16.82 ? 10  ILE A CG2 1 
ATOM   58  C  CD1 A ILE A 1 9  ? 21.809  -5.867  -0.845  0.50 21.65 ? 10  ILE A CD1 1 
ATOM   59  C  CD1 B ILE A 1 9  ? 23.785  -6.545  -2.939  0.50 16.93 ? 10  ILE A CD1 1 
ATOM   60  N  N   A ILE A 1 10 ? 20.200  -10.721 -2.212  0.50 17.15 ? 11  ILE A N   1 
ATOM   61  N  N   B ILE A 1 10 ? 20.390  -10.732 -2.096  0.50 16.38 ? 11  ILE A N   1 
ATOM   62  C  CA  A ILE A 1 10 ? 19.156  -11.616 -2.719  0.50 17.12 ? 11  ILE A CA  1 
ATOM   63  C  CA  B ILE A 1 10 ? 19.517  -11.778 -2.633  0.50 16.62 ? 11  ILE A CA  1 
ATOM   64  C  C   A ILE A 1 10 ? 18.276  -12.151 -1.582  0.50 17.44 ? 11  ILE A C   1 
ATOM   65  C  C   B ILE A 1 10 ? 18.419  -12.150 -1.625  0.50 17.13 ? 11  ILE A C   1 
ATOM   66  O  O   A ILE A 1 10 ? 17.080  -12.379 -1.794  0.50 17.39 ? 11  ILE A O   1 
ATOM   67  O  O   B ILE A 1 10 ? 17.238  -12.262 -1.968  0.50 17.23 ? 11  ILE A O   1 
ATOM   68  C  CB  A ILE A 1 10 ? 19.704  -12.745 -3.668  0.50 17.21 ? 11  ILE A CB  1 
ATOM   69  C  CB  B ILE A 1 10 ? 20.366  -13.024 -3.046  0.50 16.57 ? 11  ILE A CB  1 
ATOM   70  C  CG1 A ILE A 1 10 ? 18.570  -13.443 -4.437  0.50 17.31 ? 11  ILE A CG1 1 
ATOM   71  C  CG1 B ILE A 1 10 ? 21.076  -12.760 -4.389  0.50 16.48 ? 11  ILE A CG1 1 
ATOM   72  C  CG2 A ILE A 1 10 ? 20.531  -13.766 -2.903  0.50 17.88 ? 11  ILE A CG2 1 
ATOM   73  C  CG2 B ILE A 1 10 ? 19.503  -14.271 -3.084  0.50 15.59 ? 11  ILE A CG2 1 
ATOM   74  C  CD1 A ILE A 1 10 ? 17.917  -12.614 -5.567  0.50 17.60 ? 11  ILE A CD1 1 
ATOM   75  C  CD1 B ILE A 1 10 ? 22.425  -13.576 -4.659  0.50 12.31 ? 11  ILE A CD1 1 
ATOM   76  N  N   . GLN A 1 11 ? 18.834  -12.326 -0.375  1.00 17.52 ? 12  GLN A N   1 
ATOM   77  C  CA  . GLN A 1 11 ? 17.954  -12.658 0.759   1.00 18.30 ? 12  GLN A CA  1 
ATOM   78  C  C   . GLN A 1 11 ? 16.932  -11.546 1.024   1.00 18.20 ? 12  GLN A C   1 
ATOM   79  O  O   . GLN A 1 11 ? 15.739  -11.817 1.219   1.00 18.50 ? 12  GLN A O   1 
ATOM   80  C  CB  . GLN A 1 11 ? 18.762  -12.954 2.036   1.00 19.38 ? 12  GLN A CB  1 
ATOM   81  C  CG  . GLN A 1 11 ? 17.865  -13.363 3.219   1.00 22.23 ? 12  GLN A CG  1 
ATOM   82  C  CD  . GLN A 1 11 ? 17.126  -14.674 2.930   1.00 27.96 ? 12  GLN A CD  1 
ATOM   83  O  OE1 . GLN A 1 11 ? 17.756  -15.700 2.679   1.00 29.51 ? 12  GLN A OE1 1 
ATOM   84  N  NE2 . GLN A 1 11 ? 15.796  -14.631 2.939   1.00 29.69 ? 12  GLN A NE2 1 
ATOM   85  N  N   . TYR A 1 12 ? 17.408  -10.297 1.026   1.00 17.05 ? 13  TYR A N   1 
ATOM   86  C  CA  . TYR A 1 12 ? 16.531  -9.158  1.191   1.00 17.50 ? 13  TYR A CA  1 
ATOM   87  C  C   . TYR A 1 12 ? 15.431  -9.152  0.109   1.00 17.46 ? 13  TYR A C   1 
ATOM   88  O  O   . TYR A 1 12 ? 14.231  -8.979  0.409   1.00 17.92 ? 13  TYR A O   1 
ATOM   89  C  CB  . TYR A 1 12 ? 17.330  -7.838  1.152   1.00 17.77 ? 13  TYR A CB  1 
ATOM   90  C  CG  . TYR A 1 12 ? 16.375  -6.678  1.116   1.00 17.55 ? 13  TYR A CG  1 
ATOM   91  C  CD1 . TYR A 1 12 ? 15.793  -6.192  2.293   1.00 18.38 ? 13  TYR A CD1 1 
ATOM   92  C  CD2 . TYR A 1 12 ? 15.989  -6.106  -0.114  1.00 18.15 ? 13  TYR A CD2 1 
ATOM   93  C  CE1 . TYR A 1 12 ? 14.856  -5.133  2.238   1.00 18.39 ? 13  TYR A CE1 1 
ATOM   94  C  CE2 . TYR A 1 12 ? 15.061  -5.076  -0.179  1.00 18.81 ? 13  TYR A CE2 1 
ATOM   95  C  CZ  . TYR A 1 12 ? 14.497  -4.596  1.003   1.00 20.30 ? 13  TYR A CZ  1 
ATOM   96  O  OH  . TYR A 1 12 ? 13.589  -3.563  0.919   1.00 22.70 ? 13  TYR A OH  1 
ATOM   97  N  N   . ILE A 1 13 ? 15.832  -9.340  -1.146  1.00 17.30 ? 14  ILE A N   1 
ATOM   98  C  CA  . ILE A 1 13 ? 14.856  -9.302  -2.252  1.00 18.43 ? 14  ILE A CA  1 
ATOM   99  C  C   . ILE A 1 13 ? 13.838  -10.444 -2.064  1.00 19.58 ? 14  ILE A C   1 
ATOM   100 O  O   . ILE A 1 13 ? 12.640  -10.245 -2.235  1.00 19.82 ? 14  ILE A O   1 
ATOM   101 C  CB  . ILE A 1 13 ? 15.551  -9.384  -3.643  1.00 17.94 ? 14  ILE A CB  1 
ATOM   102 C  CG1 . ILE A 1 13 ? 16.382  -8.111  -3.889  1.00 17.31 ? 14  ILE A CG1 1 
ATOM   103 C  CG2 . ILE A 1 13 ? 14.488  -9.624  -4.776  1.00 17.11 ? 14  ILE A CG2 1 
ATOM   104 C  CD1 . ILE A 1 13 ? 17.311  -8.217  -5.119  1.00 18.00 ? 14  ILE A CD1 1 
ATOM   105 N  N   A SER A 1 14 ? 14.323  -11.632 -1.710  0.50 20.57 ? 15  SER A N   1 
ATOM   106 N  N   B SER A 1 14 ? 14.342  -11.613 -1.684  0.50 20.54 ? 15  SER A N   1 
ATOM   107 C  CA  A SER A 1 14 ? 13.445  -12.778 -1.455  0.50 21.74 ? 15  SER A CA  1 
ATOM   108 C  CA  B SER A 1 14 ? 13.511  -12.786 -1.446  0.50 21.71 ? 15  SER A CA  1 
ATOM   109 C  C   A SER A 1 14 ? 12.399  -12.439 -0.393  0.50 22.47 ? 15  SER A C   1 
ATOM   110 C  C   B SER A 1 14 ? 12.462  -12.555 -0.352  0.50 22.44 ? 15  SER A C   1 
ATOM   111 O  O   A SER A 1 14 ? 11.208  -12.697 -0.579  0.50 23.19 ? 15  SER A O   1 
ATOM   112 O  O   B SER A 1 14 ? 11.335  -13.036 -0.468  0.50 23.27 ? 15  SER A O   1 
ATOM   113 C  CB  A SER A 1 14 ? 14.271  -13.996 -1.017  0.50 21.68 ? 15  SER A CB  1 
ATOM   114 C  CB  B SER A 1 14 ? 14.391  -13.980 -1.069  0.50 21.57 ? 15  SER A CB  1 
ATOM   115 O  OG  A SER A 1 14 ? 15.140  -14.390 -2.058  0.50 22.46 ? 15  SER A OG  1 
ATOM   116 O  OG  B SER A 1 14 ? 13.613  -15.153 -1.061  0.50 22.12 ? 15  SER A OG  1 
ATOM   117 N  N   . ASP A 1 15 ? 12.843  -11.830 0.701   1.00 22.64 ? 16  ASP A N   1 
ATOM   118 C  CA  . ASP A 1 15 ? 11.935  -11.472 1.792   1.00 24.12 ? 16  ASP A CA  1 
ATOM   119 C  C   . ASP A 1 15 ? 10.956  -10.370 1.389   1.00 24.33 ? 16  ASP A C   1 
ATOM   120 O  O   . ASP A 1 15 ? 9.764   -10.443 1.710   1.00 25.47 ? 16  ASP A O   1 
ATOM   121 C  CB  . ASP A 1 15 ? 12.715  -10.971 3.009   1.00 25.34 ? 16  ASP A CB  1 
ATOM   122 C  CG  . ASP A 1 15 ? 13.581  -12.045 3.671   1.00 28.29 ? 16  ASP A CG  1 
ATOM   123 O  OD1 . ASP A 1 15 ? 13.365  -13.259 3.463   1.00 30.90 ? 16  ASP A OD1 1 
ATOM   124 O  OD2 . ASP A 1 15 ? 14.501  -11.627 4.418   1.00 33.39 ? 16  ASP A OD2 1 
ATOM   125 N  N   . ALA A 1 16 ? 11.459  -9.342  0.709   1.00 22.60 ? 17  ALA A N   1 
ATOM   126 C  CA  . ALA A 1 16 ? 10.677  -8.130  0.455   1.00 21.52 ? 17  ALA A CA  1 
ATOM   127 C  C   . ALA A 1 16 ? 9.672   -8.323  -0.681  1.00 20.92 ? 17  ALA A C   1 
ATOM   128 O  O   . ALA A 1 16 ? 8.600   -7.701  -0.688  1.00 19.87 ? 17  ALA A O   1 
ATOM   129 C  CB  . ALA A 1 16 ? 11.589  -6.952  0.148   1.00 22.19 ? 17  ALA A CB  1 
ATOM   130 N  N   . LYS A 1 17 ? 10.022  -9.167  -1.652  1.00 20.29 ? 18  LYS A N   1 
ATOM   131 C  CA  . LYS A 1 17 ? 9.217   -9.247  -2.887  1.00 20.76 ? 18  LYS A CA  1 
ATOM   132 C  C   . LYS A 1 17 ? 7.804   -9.784  -2.693  1.00 21.04 ? 18  LYS A C   1 
ATOM   133 O  O   . LYS A 1 17 ? 6.940   -9.545  -3.538  1.00 22.96 ? 18  LYS A O   1 
ATOM   134 C  CB  . LYS A 1 17 ? 9.941   -10.039 -3.985  1.00 20.75 ? 18  LYS A CB  1 
ATOM   135 C  CG  . LYS A 1 17 ? 10.046  -11.516 -3.725  1.00 20.19 ? 18  LYS A CG  1 
ATOM   136 C  CD  . LYS A 1 17 ? 10.998  -12.117 -4.752  1.00 21.47 ? 18  LYS A CD  1 
ATOM   137 C  CE  . LYS A 1 17 ? 11.031  -13.633 -4.658  1.00 22.94 ? 18  LYS A CE  1 
ATOM   138 N  NZ  . LYS A 1 17 ? 9.773   -14.271 -5.174  1.00 23.32 ? 18  LYS A NZ  1 
ATOM   139 N  N   A LYS A 1 18 ? 7.588   -10.489 -1.593  0.50 20.46 ? 19  LYS A N   1 
ATOM   140 N  N   B LYS A 1 18 ? 7.557   -10.477 -1.580  0.50 20.79 ? 19  LYS A N   1 
ATOM   141 C  CA  A LYS A 1 18 ? 6.278   -11.021 -1.237  0.50 20.85 ? 19  LYS A CA  1 
ATOM   142 C  CA  B LYS A 1 18 ? 6.218   -11.036 -1.280  0.50 21.33 ? 19  LYS A CA  1 
ATOM   143 C  C   A LYS A 1 18 ? 5.241   -9.880  -1.147  0.50 19.95 ? 19  LYS A C   1 
ATOM   144 C  C   B LYS A 1 18 ? 5.231   -10.004 -0.702  0.50 20.44 ? 19  LYS A C   1 
ATOM   145 O  O   A LYS A 1 18 ? 4.086   -9.999  -1.606  0.50 19.44 ? 19  LYS A O   1 
ATOM   146 O  O   B LYS A 1 18 ? 4.086   -10.337 -0.360  0.50 19.96 ? 19  LYS A O   1 
ATOM   147 C  CB  A LYS A 1 18 ? 6.409   -11.772 0.092   0.50 21.13 ? 19  LYS A CB  1 
ATOM   148 C  CB  B LYS A 1 18 ? 6.313   -12.247 -0.351  0.50 22.07 ? 19  LYS A CB  1 
ATOM   149 C  CG  A LYS A 1 18 ? 7.464   -12.920 0.045   0.50 22.56 ? 19  LYS A CG  1 
ATOM   150 C  CG  B LYS A 1 18 ? 6.705   -11.916 1.098   0.50 23.39 ? 19  LYS A CG  1 
ATOM   151 C  CD  A LYS A 1 18 ? 7.948   -13.320 1.437   0.50 26.41 ? 19  LYS A CD  1 
ATOM   152 C  CD  B LYS A 1 18 ? 6.784   -13.175 1.989   0.50 27.26 ? 19  LYS A CD  1 
ATOM   153 C  CE  A LYS A 1 18 ? 9.142   -14.275 1.371   0.50 27.16 ? 19  LYS A CE  1 
ATOM   154 C  CE  B LYS A 1 18 ? 8.005   -14.039 1.627   0.50 29.13 ? 19  LYS A CE  1 
ATOM   155 N  NZ  A LYS A 1 18 ? 8.741   -15.697 1.165   0.50 27.32 ? 19  LYS A NZ  1 
ATOM   156 N  NZ  B LYS A 1 18 ? 8.768   -14.604 2.795   0.50 31.92 ? 19  LYS A NZ  1 
ATOM   157 N  N   . PHE A 1 19 ? 5.687   -8.767  -0.581  1.00 19.05 ? 20  PHE A N   1 
ATOM   158 C  CA  . PHE A 1 19 ? 4.812   -7.653  -0.237  1.00 18.30 ? 20  PHE A CA  1 
ATOM   159 C  C   . PHE A 1 19 ? 4.643   -6.739  -1.436  1.00 17.85 ? 20  PHE A C   1 
ATOM   160 O  O   . PHE A 1 19 ? 5.585   -6.565  -2.209  1.00 16.93 ? 20  PHE A O   1 
ATOM   161 C  CB  . PHE A 1 19 ? 5.426   -6.875  0.929   1.00 19.35 ? 20  PHE A CB  1 
ATOM   162 C  CG  . PHE A 1 19 ? 5.590   -7.724  2.153   1.00 20.52 ? 20  PHE A CG  1 
ATOM   163 C  CD1 . PHE A 1 19 ? 4.489   -7.989  2.967   1.00 25.52 ? 20  PHE A CD1 1 
ATOM   164 C  CD2 . PHE A 1 19 ? 6.812   -8.340  2.436   1.00 23.86 ? 20  PHE A CD2 1 
ATOM   165 C  CE1 . PHE A 1 19 ? 4.616   -8.817  4.093   1.00 26.98 ? 20  PHE A CE1 1 
ATOM   166 C  CE2 . PHE A 1 19 ? 6.948   -9.169  3.567   1.00 25.96 ? 20  PHE A CE2 1 
ATOM   167 C  CZ  . PHE A 1 19 ? 5.845   -9.408  4.381   1.00 26.02 ? 20  PHE A CZ  1 
ATOM   168 N  N   . THR A 1 20 ? 3.462   -6.148  -1.580  1.00 16.44 ? 21  THR A N   1 
ATOM   169 C  CA  . THR A 1 20 ? 3.248   -5.185  -2.668  1.00 16.44 ? 21  THR A CA  1 
ATOM   170 C  C   . THR A 1 20 ? 2.589   -3.951  -2.058  1.00 16.44 ? 21  THR A C   1 
ATOM   171 O  O   . THR A 1 20 ? 1.376   -3.745  -2.203  1.00 16.52 ? 21  THR A O   1 
ATOM   172 C  CB  . THR A 1 20 ? 2.395   -5.775  -3.796  1.00 16.99 ? 21  THR A CB  1 
ATOM   173 O  OG1 . THR A 1 20 ? 2.936   -7.055  -4.184  1.00 17.47 ? 21  THR A OG1 1 
ATOM   174 C  CG2 . THR A 1 20 ? 2.365   -4.837  -4.986  1.00 16.42 ? 21  THR A CG2 1 
ATOM   175 N  N   . PRO A 1 21 ? 3.388   -3.139  -1.352  1.00 16.69 ? 22  PRO A N   1 
ATOM   176 C  CA  . PRO A 1 21 ? 2.842   -1.881  -0.819  1.00 16.36 ? 22  PRO A CA  1 
ATOM   177 C  C   . PRO A 1 21 ? 2.425   -0.920  -1.955  1.00 16.73 ? 22  PRO A C   1 
ATOM   178 O  O   . PRO A 1 21 ? 3.119   -0.797  -2.978  1.00 16.44 ? 22  PRO A O   1 
ATOM   179 C  CB  . PRO A 1 21 ? 4.013   -1.303  -0.011  1.00 17.33 ? 22  PRO A CB  1 
ATOM   180 C  CG  . PRO A 1 21 ? 5.271   -1.888  -0.674  1.00 15.65 ? 22  PRO A CG  1 
ATOM   181 C  CD  . PRO A 1 21 ? 4.820   -3.317  -1.008  1.00 16.57 ? 22  PRO A CD  1 
ATOM   182 N  N   . ILE A 1 22 ? 1.263   -0.290  -1.795  1.00 15.87 ? 23  ILE A N   1 
ATOM   183 C  CA  . ILE A 1 22 ? 0.796   0.722   -2.740  1.00 15.05 ? 23  ILE A CA  1 
ATOM   184 C  C   . ILE A 1 22 ? 0.316   1.943   -1.958  1.00 15.45 ? 23  ILE A C   1 
ATOM   185 O  O   . ILE A 1 22 ? 0.182   1.902   -0.725  1.00 14.92 ? 23  ILE A O   1 
ATOM   186 C  CB  . ILE A 1 22 ? -0.351  0.187   -3.663  1.00 14.78 ? 23  ILE A CB  1 
ATOM   187 C  CG1 . ILE A 1 22 ? -1.604  -0.128  -2.813  1.00 14.81 ? 23  ILE A CG1 1 
ATOM   188 C  CG2 . ILE A 1 22 ? 0.124   -1.049  -4.478  1.00 15.75 ? 23  ILE A CG2 1 
ATOM   189 C  CD1 . ILE A 1 22 ? -2.867  -0.509  -3.669  1.00 17.54 ? 23  ILE A CD1 1 
ATOM   190 N  N   A LYS A 1 23 ? 0.031   3.020   -2.677  0.50 15.16 ? 24  LYS A N   1 
ATOM   191 N  N   B LYS A 1 23 ? 0.107   3.043   -2.675  0.50 15.16 ? 24  LYS A N   1 
ATOM   192 C  CA  A LYS A 1 23 ? -0.441  4.245   -2.051  0.50 16.12 ? 24  LYS A CA  1 
ATOM   193 C  CA  B LYS A 1 23 ? -0.458  4.254   -2.086  0.50 16.13 ? 24  LYS A CA  1 
ATOM   194 C  C   A LYS A 1 23 ? -1.636  4.730   -2.853  0.50 16.05 ? 24  LYS A C   1 
ATOM   195 C  C   B LYS A 1 23 ? -1.706  4.572   -2.874  0.50 15.95 ? 24  LYS A C   1 
ATOM   196 O  O   A LYS A 1 23 ? -1.534  4.879   -4.073  0.50 16.14 ? 24  LYS A O   1 
ATOM   197 O  O   B LYS A 1 23 ? -1.723  4.446   -4.103  0.50 15.76 ? 24  LYS A O   1 
ATOM   198 C  CB  A LYS A 1 23 ? 0.681   5.289   -2.064  0.50 17.15 ? 24  LYS A CB  1 
ATOM   199 C  CB  B LYS A 1 23 ? 0.522   5.434   -2.175  0.50 17.12 ? 24  LYS A CB  1 
ATOM   200 C  CG  A LYS A 1 23 ? 0.294   6.618   -1.460  0.50 17.99 ? 24  LYS A CG  1 
ATOM   201 C  CG  B LYS A 1 23 ? 1.696   5.356   -1.214  0.50 18.66 ? 24  LYS A CG  1 
ATOM   202 C  CD  A LYS A 1 23 ? 1.340   7.697   -1.744  0.50 22.48 ? 24  LYS A CD  1 
ATOM   203 C  CD  B LYS A 1 23 ? 2.626   6.569   -1.389  0.50 21.18 ? 24  LYS A CD  1 
ATOM   204 C  CE  A LYS A 1 23 ? 2.738   7.212   -1.394  0.50 25.31 ? 24  LYS A CE  1 
ATOM   205 C  CE  B LYS A 1 23 ? 1.963   7.939   -1.039  0.50 22.31 ? 24  LYS A CE  1 
ATOM   206 N  NZ  A LYS A 1 23 ? 3.788   8.278   -1.511  0.50 25.90 ? 24  LYS A NZ  1 
ATOM   207 N  NZ  B LYS A 1 23 ? 2.867   9.138   -1.270  0.50 22.57 ? 24  LYS A NZ  1 
ATOM   208 N  N   . VAL A 1 24 ? -2.763  4.959   -2.172  1.00 15.89 ? 25  VAL A N   1 
ATOM   209 C  CA  . VAL A 1 24 ? -4.011  5.295   -2.858  1.00 15.71 ? 25  VAL A CA  1 
ATOM   210 C  C   . VAL A 1 24 ? -4.525  6.627   -2.347  1.00 16.69 ? 25  VAL A C   1 
ATOM   211 O  O   . VAL A 1 24 ? -4.722  6.787   -1.139  1.00 17.09 ? 25  VAL A O   1 
ATOM   212 C  CB  . VAL A 1 24 ? -5.086  4.223   -2.583  1.00 15.59 ? 25  VAL A CB  1 
ATOM   213 C  CG1 . VAL A 1 24 ? -6.356  4.541   -3.428  1.00 15.23 ? 25  VAL A CG1 1 
ATOM   214 C  CG2 . VAL A 1 24 ? -4.547  2.795   -2.915  1.00 16.51 ? 25  VAL A CG2 1 
ATOM   215 N  N   . TYR A 1 25 ? -4.791  7.545   -3.282  1.00 16.02 ? 26  TYR A N   1 
ATOM   216 C  CA  . TYR A 1 25 ? -5.432  8.828   -2.966  1.00 15.77 ? 26  TYR A CA  1 
ATOM   217 C  C   . TYR A 1 25 ? -6.910  8.704   -3.254  1.00 15.41 ? 26  TYR A C   1 
ATOM   218 O  O   . TYR A 1 25 ? -7.294  8.218   -4.320  1.00 15.54 ? 26  TYR A O   1 
ATOM   219 C  CB  . TYR A 1 25 ? -4.881  9.927   -3.876  1.00 16.18 ? 26  TYR A CB  1 
ATOM   220 C  CG  . TYR A 1 25 ? -3.456  10.269  -3.591  1.00 17.51 ? 26  TYR A CG  1 
ATOM   221 C  CD1 . TYR A 1 25 ? -2.415  9.406   -3.971  1.00 17.64 ? 26  TYR A CD1 1 
ATOM   222 C  CD2 . TYR A 1 25 ? -3.152  11.451  -2.935  1.00 18.66 ? 26  TYR A CD2 1 
ATOM   223 C  CE1 . TYR A 1 25 ? -1.086  9.731   -3.686  1.00 20.59 ? 26  TYR A CE1 1 
ATOM   224 C  CE2 . TYR A 1 25 ? -1.843  11.784  -2.650  1.00 22.60 ? 26  TYR A CE2 1 
ATOM   225 C  CZ  . TYR A 1 25 ? -0.832  10.928  -3.029  1.00 21.81 ? 26  TYR A CZ  1 
ATOM   226 O  OH  . TYR A 1 25 ? 0.465   11.286  -2.734  1.00 25.80 ? 26  TYR A OH  1 
ATOM   227 N  N   . LEU A 1 26 ? -7.745  9.160   -2.328  1.00 15.77 ? 27  LEU A N   1 
ATOM   228 C  CA  . LEU A 1 26 ? -9.202  8.997   -2.458  1.00 15.95 ? 27  LEU A CA  1 
ATOM   229 C  C   . LEU A 1 26 ? -9.921  10.263  -2.037  1.00 16.33 ? 27  LEU A C   1 
ATOM   230 O  O   . LEU A 1 26 ? -9.551  10.863  -1.018  1.00 16.59 ? 27  LEU A O   1 
ATOM   231 C  CB  . LEU A 1 26 ? -9.742  7.880   -1.547  1.00 16.97 ? 27  LEU A CB  1 
ATOM   232 C  CG  . LEU A 1 26 ? -9.246  6.453   -1.810  1.00 18.08 ? 27  LEU A CG  1 
ATOM   233 C  CD1 . LEU A 1 26 ? -9.693  5.564   -0.653  1.00 18.41 ? 27  LEU A CD1 1 
ATOM   234 C  CD2 . LEU A 1 26 ? -9.779  5.960   -3.164  1.00 17.83 ? 27  LEU A CD2 1 
ATOM   235 N  N   . ASN A 1 27 ? -10.931 10.652  -2.821  1.00 16.05 ? 28  ASN A N   1 
ATOM   236 C  CA  . ASN A 1 27 ? -11.960 11.592  -2.351  1.00 16.33 ? 28  ASN A CA  1 
ATOM   237 C  C   . ASN A 1 27 ? -13.251 10.815  -2.148  1.00 17.50 ? 28  ASN A C   1 
ATOM   238 O  O   . ASN A 1 27 ? -13.561 9.917   -2.929  1.00 17.76 ? 28  ASN A O   1 
ATOM   239 C  CB  . ASN A 1 27 ? -12.259 12.686  -3.388  1.00 16.26 ? 28  ASN A CB  1 
ATOM   240 C  CG  . ASN A 1 27 ? -11.150 13.720  -3.509  1.00 16.18 ? 28  ASN A CG  1 
ATOM   241 O  OD1 . ASN A 1 27 ? -10.427 14.017  -2.541  1.00 15.96 ? 28  ASN A OD1 1 
ATOM   242 N  ND2 . ASN A 1 27 ? -11.005 14.278  -4.708  1.00 14.42 ? 28  ASN A ND2 1 
ATOM   243 N  N   . GLY A 1 28 ? -14.039 11.198  -1.151  1.00 17.58 ? 29  GLY A N   1 
ATOM   244 C  CA  . GLY A 1 28 ? -15.369 10.625  -1.024  1.00 19.38 ? 29  GLY A CA  1 
ATOM   245 C  C   . GLY A 1 28 ? -15.893 10.696  0.386   1.00 20.01 ? 29  GLY A C   1 
ATOM   246 O  O   . GLY A 1 28 ? -15.535 11.596  1.150   1.00 20.54 ? 29  GLY A O   1 
ATOM   247 N  N   . ASN A 1 29 ? -16.733 9.732   0.719   1.00 20.07 ? 30  ASN A N   1 
ATOM   248 C  CA  . ASN A 1 29 ? -17.309 9.650   2.037   1.00 21.16 ? 30  ASN A CA  1 
ATOM   249 C  C   . ASN A 1 29 ? -16.699 8.448   2.729   1.00 20.85 ? 30  ASN A C   1 
ATOM   250 O  O   . ASN A 1 29 ? -16.692 7.368   2.160   1.00 21.67 ? 30  ASN A O   1 
ATOM   251 C  CB  . ASN A 1 29 ? -18.825 9.469   1.930   1.00 21.68 ? 30  ASN A CB  1 
ATOM   252 C  CG  . ASN A 1 29 ? -19.477 9.418   3.297   1.00 24.13 ? 30  ASN A CG  1 
ATOM   253 O  OD1 . ASN A 1 29 ? -19.309 8.456   4.039   1.00 24.50 ? 30  ASN A OD1 1 
ATOM   254 N  ND2 . ASN A 1 29 ? -20.175 10.485  3.655   1.00 29.31 ? 30  ASN A ND2 1 
ATOM   255 N  N   . PHE A 1 30 ? -16.196 8.628   3.943   1.00 19.91 ? 31  PHE A N   1 
ATOM   256 C  CA  . PHE A 1 30 ? -15.490 7.556   4.641   1.00 19.66 ? 31  PHE A CA  1 
ATOM   257 C  C   . PHE A 1 30 ? -16.199 7.078   5.904   1.00 20.76 ? 31  PHE A C   1 
ATOM   258 O  O   . PHE A 1 30 ? -15.598 6.422   6.754   1.00 21.44 ? 31  PHE A O   1 
ATOM   259 C  CB  . PHE A 1 30 ? -14.032 7.981   4.883   1.00 19.57 ? 31  PHE A CB  1 
ATOM   260 C  CG  . PHE A 1 30 ? -13.322 8.295   3.596   1.00 18.58 ? 31  PHE A CG  1 
ATOM   261 C  CD1 . PHE A 1 30 ? -12.720 7.270   2.850   1.00 20.18 ? 31  PHE A CD1 1 
ATOM   262 C  CD2 . PHE A 1 30 ? -13.345 9.585   3.075   1.00 18.46 ? 31  PHE A CD2 1 
ATOM   263 C  CE1 . PHE A 1 30 ? -12.118 7.557   1.605   1.00 17.61 ? 31  PHE A CE1 1 
ATOM   264 C  CE2 . PHE A 1 30 ? -12.755 9.876   1.829   1.00 16.81 ? 31  PHE A CE2 1 
ATOM   265 C  CZ  . PHE A 1 30 ? -12.142 8.853   1.105   1.00 18.83 ? 31  PHE A CZ  1 
ATOM   266 N  N   . GLU A 1 31 ? -17.479 7.407   6.017   1.00 20.55 ? 32  GLU A N   1 
ATOM   267 C  CA  . GLU A 1 31 ? -18.284 6.925   7.144   1.00 21.56 ? 32  GLU A CA  1 
ATOM   268 C  C   . GLU A 1 31 ? -18.673 5.472   6.909   1.00 20.98 ? 32  GLU A C   1 
ATOM   269 O  O   . GLU A 1 31 ? -18.869 5.064   5.764   1.00 21.37 ? 32  GLU A O   1 
ATOM   270 C  CB  . GLU A 1 31 ? -19.540 7.777   7.280   1.00 22.40 ? 32  GLU A CB  1 
ATOM   271 C  CG  . GLU A 1 31 ? -19.220 9.229   7.621   1.00 26.92 ? 32  GLU A CG  1 
ATOM   272 C  CD  . GLU A 1 31 ? -20.451 10.138  7.588   1.00 34.70 ? 32  GLU A CD  1 
ATOM   273 O  OE1 . GLU A 1 31 ? -21.599 9.641   7.695   1.00 37.04 ? 32  GLU A OE1 1 
ATOM   274 O  OE2 . GLU A 1 31 ? -20.255 11.368  7.456   1.00 39.10 ? 32  GLU A OE2 1 
ATOM   275 N  N   . GLY A 1 32 ? -18.755 4.694   7.984   1.00 21.06 ? 33  GLY A N   1 
ATOM   276 C  CA  . GLY A 1 32 ? -19.220 3.313   7.882   1.00 20.19 ? 33  GLY A CA  1 
ATOM   277 C  C   . GLY A 1 32 ? -18.246 2.428   7.127   1.00 19.75 ? 33  GLY A C   1 
ATOM   278 O  O   . GLY A 1 32 ? -18.649 1.526   6.400   1.00 19.71 ? 33  GLY A O   1 
ATOM   279 N  N   . ILE A 1 33 ? -16.955 2.713   7.272   1.00 19.95 ? 34  ILE A N   1 
ATOM   280 C  CA  . ILE A 1 33 ? -15.927 1.883   6.647   1.00 19.69 ? 34  ILE A CA  1 
ATOM   281 C  C   . ILE A 1 33 ? -15.035 1.284   7.713   1.00 20.26 ? 34  ILE A C   1 
ATOM   282 O  O   . ILE A 1 33 ? -14.668 1.965   8.683   1.00 21.16 ? 34  ILE A O   1 
ATOM   283 C  CB  . ILE A 1 33 ? -15.038 2.721   5.693   1.00 19.45 ? 34  ILE A CB  1 
ATOM   284 C  CG1 . ILE A 1 33 ? -15.855 3.256   4.523   1.00 20.52 ? 34  ILE A CG1 1 
ATOM   285 C  CG2 . ILE A 1 33 ? -13.849 1.873   5.182   1.00 19.94 ? 34  ILE A CG2 1 
ATOM   286 C  CD1 . ILE A 1 33 ? -15.009 3.956   3.461   1.00 22.14 ? 34  ILE A CD1 1 
ATOM   287 N  N   A THR A 1 34 ? -14.697 0.007   7.556   0.60 19.67 ? 35  THR A N   1 
ATOM   288 N  N   B THR A 1 34 ? -14.672 0.017   7.530   0.40 19.87 ? 35  THR A N   1 
ATOM   289 C  CA  A THR A 1 34 ? -13.658 -0.618  8.364   0.60 19.47 ? 35  THR A CA  1 
ATOM   290 C  CA  B THR A 1 34 ? -13.674 -0.639  8.365   0.40 19.78 ? 35  THR A CA  1 
ATOM   291 C  C   A THR A 1 34 ? -12.499 -0.885  7.427   0.60 18.63 ? 35  THR A C   1 
ATOM   292 C  C   B THR A 1 34 ? -12.474 -1.006  7.490   0.40 18.86 ? 35  THR A C   1 
ATOM   293 O  O   A THR A 1 34 ? -12.693 -1.424  6.334   0.60 18.29 ? 35  THR A O   1 
ATOM   294 O  O   B THR A 1 34 ? -12.612 -1.722  6.497   0.40 18.58 ? 35  THR A O   1 
ATOM   295 C  CB  A THR A 1 34 ? -14.109 -1.961  8.982   0.60 19.28 ? 35  THR A CB  1 
ATOM   296 C  CB  B THR A 1 34 ? -14.244 -1.901  9.070   0.40 19.85 ? 35  THR A CB  1 
ATOM   297 O  OG1 A THR A 1 34 ? -15.308 -1.759  9.731   0.60 19.92 ? 35  THR A OG1 1 
ATOM   298 O  OG1 B THR A 1 34 ? -13.240 -2.485  9.910   0.40 21.35 ? 35  THR A OG1 1 
ATOM   299 C  CG2 A THR A 1 34 ? -13.036 -2.510  9.922   0.60 20.70 ? 35  THR A CG2 1 
ATOM   300 C  CG2 B THR A 1 34 ? -14.729 -2.934  8.055   0.40 20.76 ? 35  THR A CG2 1 
ATOM   301 N  N   . TYR A 1 35 ? -11.301 -0.494  7.844   1.00 18.42 ? 36  TYR A N   1 
ATOM   302 C  CA  . TYR A 1 35 ? -10.115 -0.703  7.018   1.00 17.29 ? 36  TYR A CA  1 
ATOM   303 C  C   . TYR A 1 35 ? -9.358  -1.964  7.411   1.00 17.09 ? 36  TYR A C   1 
ATOM   304 O  O   . TYR A 1 35 ? -9.228  -2.242  8.611   1.00 16.52 ? 36  TYR A O   1 
ATOM   305 C  CB  . TYR A 1 35 ? -9.157  0.478   7.175   1.00 17.49 ? 36  TYR A CB  1 
ATOM   306 C  CG  . TYR A 1 35 ? -9.761  1.813   6.834   1.00 16.93 ? 36  TYR A CG  1 
ATOM   307 C  CD1 . TYR A 1 35 ? -9.960  2.183   5.502   1.00 16.91 ? 36  TYR A CD1 1 
ATOM   308 C  CD2 . TYR A 1 35 ? -10.089 2.725   7.842   1.00 19.85 ? 36  TYR A CD2 1 
ATOM   309 C  CE1 . TYR A 1 35 ? -10.493 3.434   5.165   1.00 17.65 ? 36  TYR A CE1 1 
ATOM   310 C  CE2 . TYR A 1 35 ? -10.623 3.988   7.521   1.00 20.30 ? 36  TYR A CE2 1 
ATOM   311 C  CZ  . TYR A 1 35 ? -10.821 4.327   6.180   1.00 19.24 ? 36  TYR A CZ  1 
ATOM   312 O  OH  . TYR A 1 35 ? -11.343 5.561   5.846   1.00 19.73 ? 36  TYR A OH  1 
ATOM   313 N  N   . PRO A 1 36 ? -8.849  -2.721  6.410   1.00 17.47 ? 37  PRO A N   1 
ATOM   314 C  CA  . PRO A 1 36 ? -7.975  -3.865  6.662   1.00 18.29 ? 37  PRO A CA  1 
ATOM   315 C  C   . PRO A 1 36 ? -6.752  -3.488  7.496   1.00 19.53 ? 37  PRO A C   1 
ATOM   316 O  O   . PRO A 1 36 ? -6.329  -2.318  7.529   1.00 19.12 ? 37  PRO A O   1 
ATOM   317 C  CB  . PRO A 1 36 ? -7.520  -4.283  5.259   1.00 18.61 ? 37  PRO A CB  1 
ATOM   318 C  CG  . PRO A 1 36 ? -8.664  -3.881  4.369   1.00 18.38 ? 37  PRO A CG  1 
ATOM   319 C  CD  . PRO A 1 36 ? -9.102  -2.541  4.963   1.00 17.53 ? 37  PRO A CD  1 
ATOM   320 N  N   . GLU A 1 37 ? -6.187  -4.490  8.158   1.00 20.87 ? 38  GLU A N   1 
ATOM   321 C  CA  . GLU A 1 37 ? -5.027  -4.279  9.021   1.00 22.64 ? 38  GLU A CA  1 
ATOM   322 C  C   . GLU A 1 37 ? -3.829  -3.665  8.312   1.00 21.47 ? 38  GLU A C   1 
ATOM   323 O  O   . GLU A 1 37 ? -3.099  -2.885  8.914   1.00 22.25 ? 38  GLU A O   1 
ATOM   324 C  CB  . GLU A 1 37 ? -4.616  -5.613  9.655   1.00 23.48 ? 38  GLU A CB  1 
ATOM   325 C  CG  . GLU A 1 37 ? -3.908  -5.459  11.002  1.00 31.61 ? 38  GLU A CG  1 
ATOM   326 C  CD  . GLU A 1 37 ? -4.721  -4.649  12.040  1.00 39.93 ? 38  GLU A CD  1 
ATOM   327 O  OE1 . GLU A 1 37 ? -5.985  -4.683  12.032  1.00 42.70 ? 38  GLU A OE1 1 
ATOM   328 O  OE2 . GLU A 1 37 ? -4.070  -3.969  12.874  1.00 43.72 ? 38  GLU A OE2 1 
ATOM   329 N  N   . SER A 1 38 ? -3.586  -4.031  7.051   1.00 21.04 ? 39  SER A N   1 
ATOM   330 C  CA  . SER A 1 38 ? -2.426  -3.473  6.352   1.00 20.55 ? 39  SER A CA  1 
ATOM   331 C  C   . SER A 1 38 ? -2.561  -1.972  6.068   1.00 20.32 ? 39  SER A C   1 
ATOM   332 O  O   . SER A 1 38 ? -1.587  -1.337  5.634   1.00 21.17 ? 39  SER A O   1 
ATOM   333 C  CB  . SER A 1 38 ? -2.125  -4.219  5.036   1.00 21.70 ? 39  SER A CB  1 
ATOM   334 O  OG  . SER A 1 38 ? -3.061  -3.897  4.007   1.00 19.96 ? 39  SER A OG  1 
ATOM   335 N  N   . PHE A 1 39 ? -3.754  -1.404  6.267   1.00 18.74 ? 40  PHE A N   1 
ATOM   336 C  CA  . PHE A 1 39 ? -3.992  -0.010  5.865   1.00 16.96 ? 40  PHE A CA  1 
ATOM   337 C  C   . PHE A 1 39 ? -3.448  0.968   6.905   1.00 16.87 ? 40  PHE A C   1 
ATOM   338 O  O   . PHE A 1 39 ? -3.701  0.816   8.111   1.00 17.46 ? 40  PHE A O   1 
ATOM   339 C  CB  . PHE A 1 39 ? -5.492  0.286   5.724   1.00 16.54 ? 40  PHE A CB  1 
ATOM   340 C  CG  . PHE A 1 39 ? -6.124  -0.172  4.427   1.00 15.39 ? 40  PHE A CG  1 
ATOM   341 C  CD1 . PHE A 1 39 ? -5.753  -1.372  3.812   1.00 15.77 ? 40  PHE A CD1 1 
ATOM   342 C  CD2 . PHE A 1 39 ? -7.194  0.564   3.883   1.00 15.30 ? 40  PHE A CD2 1 
ATOM   343 C  CE1 . PHE A 1 39 ? -6.399  -1.810  2.646   1.00 16.44 ? 40  PHE A CE1 1 
ATOM   344 C  CE2 . PHE A 1 39 ? -7.840  0.156   2.687   1.00 16.08 ? 40  PHE A CE2 1 
ATOM   345 C  CZ  . PHE A 1 39 ? -7.445  -1.043  2.077   1.00 16.14 ? 40  PHE A CZ  1 
ATOM   346 N  N   . LYS A 1 40 ? -2.748  1.986   6.433   1.00 15.66 ? 41  LYS A N   1 
ATOM   347 C  CA  . LYS A 1 40 ? -2.394  3.125   7.272   1.00 15.27 ? 41  LYS A CA  1 
ATOM   348 C  C   . LYS A 1 40 ? -3.015  4.317   6.549   1.00 15.43 ? 41  LYS A C   1 
ATOM   349 O  O   . LYS A 1 40 ? -2.611  4.643   5.420   1.00 16.14 ? 41  LYS A O   1 
ATOM   350 C  CB  . LYS A 1 40 ? -0.865  3.239   7.421   1.00 15.35 ? 41  LYS A CB  1 
ATOM   351 C  CG  . LYS A 1 40 ? -0.415  4.190   8.530   1.00 17.21 ? 41  LYS A CG  1 
ATOM   352 C  CD  . LYS A 1 40 ? 1.138   4.282   8.607   1.00 16.95 ? 41  LYS A CD  1 
ATOM   353 C  CE  . LYS A 1 40 ? 1.794   2.961   9.009   1.00 17.46 ? 41  LYS A CE  1 
ATOM   354 N  NZ  . LYS A 1 40 ? 3.292   3.150   9.101   1.00 16.55 ? 41  LYS A NZ  1 
ATOM   355 N  N   . VAL A 1 41 ? -4.019  4.914   7.194   1.00 14.64 ? 42  VAL A N   1 
ATOM   356 C  CA  . VAL A 1 41 ? -4.894  5.906   6.556   1.00 14.67 ? 42  VAL A CA  1 
ATOM   357 C  C   . VAL A 1 41 ? -4.551  7.301   7.045   1.00 15.46 ? 42  VAL A C   1 
ATOM   358 O  O   . VAL A 1 41 ? -4.672  7.588   8.249   1.00 15.82 ? 42  VAL A O   1 
ATOM   359 C  CB  . VAL A 1 41 ? -6.379  5.588   6.869   1.00 14.65 ? 42  VAL A CB  1 
ATOM   360 C  CG1 . VAL A 1 41 ? -7.294  6.606   6.195   1.00 14.65 ? 42  VAL A CG1 1 
ATOM   361 C  CG2 . VAL A 1 41 ? -6.719  4.148   6.436   1.00 15.25 ? 42  VAL A CG2 1 
ATOM   362 N  N   . PHE A 1 42 ? -4.144  8.163   6.106   1.00 14.67 ? 43  PHE A N   1 
ATOM   363 C  CA  . PHE A 1 42 ? -3.884  9.582   6.387   1.00 14.68 ? 43  PHE A CA  1 
ATOM   364 C  C   . PHE A 1 42 ? -4.952  10.438  5.711   1.00 15.11 ? 43  PHE A C   1 
ATOM   365 O  O   . PHE A 1 42 ? -5.684  9.959   4.818   1.00 15.00 ? 43  PHE A O   1 
ATOM   366 C  CB  . PHE A 1 42 ? -2.493  9.969   5.843   1.00 14.47 ? 43  PHE A CB  1 
ATOM   367 C  CG  . PHE A 1 42 ? -1.363  9.218   6.515   1.00 15.41 ? 43  PHE A CG  1 
ATOM   368 C  CD1 . PHE A 1 42 ? -0.926  7.981   6.010   1.00 14.60 ? 43  PHE A CD1 1 
ATOM   369 C  CD2 . PHE A 1 42 ? -0.759  9.744   7.665   1.00 15.16 ? 43  PHE A CD2 1 
ATOM   370 C  CE1 . PHE A 1 42 ? 0.130   7.280   6.623   1.00 14.94 ? 43  PHE A CE1 1 
ATOM   371 C  CE2 . PHE A 1 42 ? 0.287   9.040   8.297   1.00 14.75 ? 43  PHE A CE2 1 
ATOM   372 C  CZ  . PHE A 1 42 ? 0.721   7.805   7.781   1.00 15.16 ? 43  PHE A CZ  1 
ATOM   373 N  N   . GLY A 1 43 ? -5.049  11.689  6.139   1.00 14.94 ? 44  GLY A N   1 
ATOM   374 C  CA  . GLY A 1 43 ? -5.915  12.667  5.493   1.00 15.73 ? 44  GLY A CA  1 
ATOM   375 C  C   . GLY A 1 43 ? -6.974  13.276  6.395   1.00 16.66 ? 44  GLY A C   1 
ATOM   376 O  O   . GLY A 1 43 ? -6.859  13.267  7.636   1.00 16.61 ? 44  GLY A O   1 
ATOM   377 N  N   . SER A 1 44 ? -8.020  13.782  5.755   1.00 16.67 ? 45  SER A N   1 
ATOM   378 C  CA  . SER A 1 44 ? -9.035  14.603  6.401   1.00 16.81 ? 45  SER A CA  1 
ATOM   379 C  C   . SER A 1 44 ? -10.376 13.905  6.254   1.00 17.45 ? 45  SER A C   1 
ATOM   380 O  O   . SER A 1 44 ? -10.431 12.767  5.785   1.00 16.83 ? 45  SER A O   1 
ATOM   381 C  CB  . SER A 1 44 ? -9.047  15.995  5.751   1.00 17.46 ? 45  SER A CB  1 
ATOM   382 O  OG  . SER A 1 44 ? -9.285  15.915  4.347   1.00 17.06 ? 45  SER A OG  1 
ATOM   383 N  N   . GLU A 1 45 ? -11.464 14.581  6.625   1.00 17.66 ? 46  GLU A N   1 
ATOM   384 C  CA  . GLU A 1 45 ? -12.759 13.916  6.666   1.00 18.93 ? 46  GLU A CA  1 
ATOM   385 C  C   . GLU A 1 45 ? -13.186 13.329  5.319   1.00 18.78 ? 46  GLU A C   1 
ATOM   386 O  O   . GLU A 1 45 ? -13.745 12.219  5.284   1.00 19.91 ? 46  GLU A O   1 
ATOM   387 C  CB  . GLU A 1 45 ? -13.847 14.870  7.163   1.00 19.89 ? 46  GLU A CB  1 
ATOM   388 C  CG  . GLU A 1 45 ? -15.185 14.168  7.310   1.00 24.47 ? 46  GLU A CG  1 
ATOM   389 C  CD  . GLU A 1 45 ? -16.279 15.071  7.848   1.00 31.66 ? 46  GLU A CD  1 
ATOM   390 O  OE1 . GLU A 1 45 ? -16.117 16.312  7.831   1.00 34.16 ? 46  GLU A OE1 1 
ATOM   391 O  OE2 . GLU A 1 45 ? -17.313 14.521  8.270   1.00 34.86 ? 46  GLU A OE2 1 
ATOM   392 N  N   A GLN A 1 46 ? -12.930 14.067  4.236   0.30 18.42 ? 47  GLN A N   1 
ATOM   393 N  N   B GLN A 1 46 ? -12.936 14.055  4.230   0.70 18.34 ? 47  GLN A N   1 
ATOM   394 C  CA  A GLN A 1 46 ? -13.444 13.723  2.902   0.30 18.38 ? 47  GLN A CA  1 
ATOM   395 C  CA  B GLN A 1 46 ? -13.449 13.633  2.920   0.70 18.89 ? 47  GLN A CA  1 
ATOM   396 C  C   A GLN A 1 46 ? -12.386 13.290  1.877   0.30 17.62 ? 47  GLN A C   1 
ATOM   397 C  C   B GLN A 1 46 ? -12.361 13.414  1.859   0.70 17.70 ? 47  GLN A C   1 
ATOM   398 O  O   A GLN A 1 46 ? -12.712 13.039  0.710   0.30 17.40 ? 47  GLN A O   1 
ATOM   399 O  O   B GLN A 1 46 ? -12.639 13.422  0.653   0.70 17.22 ? 47  GLN A O   1 
ATOM   400 C  CB  A GLN A 1 46 ? -14.268 14.887  2.328   0.30 18.72 ? 47  GLN A CB  1 
ATOM   401 C  CB  B GLN A 1 46 ? -14.524 14.606  2.433   0.70 19.72 ? 47  GLN A CB  1 
ATOM   402 C  CG  A GLN A 1 46 ? -15.629 15.115  3.004   0.30 20.77 ? 47  GLN A CG  1 
ATOM   403 C  CG  B GLN A 1 46 ? -15.677 14.762  3.444   0.70 23.60 ? 47  GLN A CG  1 
ATOM   404 C  CD  A GLN A 1 46 ? -16.501 13.864  3.023   0.30 22.45 ? 47  GLN A CD  1 
ATOM   405 C  CD  B GLN A 1 46 ? -16.696 15.817  3.056   0.70 28.47 ? 47  GLN A CD  1 
ATOM   406 O  OE1 A GLN A 1 46 ? -16.312 12.983  3.858   0.30 25.21 ? 47  GLN A OE1 1 
ATOM   407 O  OE1 B GLN A 1 46 ? -16.547 16.517  2.056   0.70 30.94 ? 47  GLN A OE1 1 
ATOM   408 N  NE2 A GLN A 1 46 ? -17.464 13.789  2.108   0.30 23.44 ? 47  GLN A NE2 1 
ATOM   409 N  NE2 B GLN A 1 46 ? -17.740 15.942  3.864   0.70 31.39 ? 47  GLN A NE2 1 
ATOM   410 N  N   . SER A 1 47 ? -11.134 13.179  2.315   1.00 16.87 ? 48  SER A N   1 
ATOM   411 C  CA  . SER A 1 47 ? -10.021 12.900  1.395   1.00 16.32 ? 48  SER A CA  1 
ATOM   412 C  C   . SER A 1 47 ? -8.914  12.186  2.146   1.00 16.37 ? 48  SER A C   1 
ATOM   413 O  O   . SER A 1 47 ? -8.461  12.674  3.178   1.00 16.13 ? 48  SER A O   1 
ATOM   414 C  CB  . SER A 1 47 ? -9.511  14.193  0.739   1.00 15.42 ? 48  SER A CB  1 
ATOM   415 O  OG  . SER A 1 47 ? -8.679  13.906  -0.381  1.00 16.09 ? 48  SER A OG  1 
ATOM   416 N  N   . LYS A 1 48 ? -8.471  11.048  1.611   1.00 15.41 ? 49  LYS A N   1 
ATOM   417 C  CA  . LYS A 1 48 ? -7.500  10.198  2.299   1.00 15.13 ? 49  LYS A CA  1 
ATOM   418 C  C   . LYS A 1 48 ? -6.318  9.870   1.400   1.00 15.09 ? 49  LYS A C   1 
ATOM   419 O  O   . LYS A 1 48 ? -6.422  9.933   0.161   1.00 15.02 ? 49  LYS A O   1 
ATOM   420 C  CB  . LYS A 1 48 ? -8.132  8.852   2.708   1.00 15.07 ? 49  LYS A CB  1 
ATOM   421 C  CG  . LYS A 1 48 ? -9.405  8.923   3.543   1.00 15.53 ? 49  LYS A CG  1 
ATOM   422 C  CD  . LYS A 1 48 ? -9.175  9.647   4.879   1.00 15.91 ? 49  LYS A CD  1 
ATOM   423 C  CE  . LYS A 1 48 ? -10.428 9.483   5.773   1.00 18.64 ? 49  LYS A CE  1 
ATOM   424 N  NZ  . LYS A 1 48 ? -10.286 10.303  7.034   1.00 17.59 ? 49  LYS A NZ  1 
ATOM   425 N  N   . VAL A 1 49 ? -5.199  9.523   2.040   1.00 14.94 ? 50  VAL A N   1 
ATOM   426 C  CA  . VAL A 1 49 ? -4.084  8.857   1.357   1.00 15.61 ? 50  VAL A CA  1 
ATOM   427 C  C   . VAL A 1 49 ? -3.836  7.605   2.182   1.00 16.01 ? 50  VAL A C   1 
ATOM   428 O  O   . VAL A 1 49 ? -3.626  7.694   3.408   1.00 16.55 ? 50  VAL A O   1 
ATOM   429 C  CB  . VAL A 1 49 ? -2.799  9.716   1.311   1.00 16.48 ? 50  VAL A CB  1 
ATOM   430 C  CG1 . VAL A 1 49 ? -1.686  8.941   0.590   1.00 16.91 ? 50  VAL A CG1 1 
ATOM   431 C  CG2 . VAL A 1 49 ? -3.092  11.012  0.572   1.00 19.27 ? 50  VAL A CG2 1 
ATOM   432 N  N   . ILE A 1 50 ? -3.896  6.455   1.518   1.00 14.95 ? 51  ILE A N   1 
ATOM   433 C  CA  . ILE A 1 50 ? -3.833  5.172   2.211   1.00 15.14 ? 51  ILE A CA  1 
ATOM   434 C  C   . ILE A 1 50 ? -2.607  4.389   1.745   1.00 15.48 ? 51  ILE A C   1 
ATOM   435 O  O   . ILE A 1 50 ? -2.436  4.155   0.554   1.00 16.10 ? 51  ILE A O   1 
ATOM   436 C  CB  . ILE A 1 50 ? -5.113  4.344   1.935   1.00 15.42 ? 51  ILE A CB  1 
ATOM   437 C  CG1 . ILE A 1 50 ? -6.369  5.127   2.387   1.00 15.41 ? 51  ILE A CG1 1 
ATOM   438 C  CG2 . ILE A 1 50 ? -4.992  2.938   2.597   1.00 17.20 ? 51  ILE A CG2 1 
ATOM   439 C  CD1 . ILE A 1 50 ? -7.690  4.326   2.222   1.00 18.04 ? 51  ILE A CD1 1 
ATOM   440 N  N   . PHE A 1 51 ? -1.742  4.018   2.689   1.00 15.23 ? 52  PHE A N   1 
ATOM   441 C  CA  . PHE A 1 51 ? -0.640  3.099   2.409   1.00 15.48 ? 52  PHE A CA  1 
ATOM   442 C  C   . PHE A 1 51 ? -1.141  1.707   2.787   1.00 16.01 ? 52  PHE A C   1 
ATOM   443 O  O   . PHE A 1 51 ? -1.614  1.502   3.905   1.00 16.22 ? 52  PHE A O   1 
ATOM   444 C  CB  . PHE A 1 51 ? 0.561   3.436   3.310   1.00 15.93 ? 52  PHE A CB  1 
ATOM   445 C  CG  . PHE A 1 51 ? 1.207   4.757   3.000   1.00 16.19 ? 52  PHE A CG  1 
ATOM   446 C  CD1 . PHE A 1 51 ? 0.593   5.965   3.383   1.00 15.96 ? 52  PHE A CD1 1 
ATOM   447 C  CD2 . PHE A 1 51 ? 2.443   4.794   2.352   1.00 17.59 ? 52  PHE A CD2 1 
ATOM   448 C  CE1 . PHE A 1 51 ? 1.193   7.206   3.087   1.00 16.12 ? 52  PHE A CE1 1 
ATOM   449 C  CE2 . PHE A 1 51 ? 3.069   6.039   2.077   1.00 18.13 ? 52  PHE A CE2 1 
ATOM   450 C  CZ  . PHE A 1 51 ? 2.443   7.230   2.441   1.00 16.88 ? 52  PHE A CZ  1 
ATOM   451 N  N   . CYS A 1 52 ? -1.030  0.735   1.880   1.00 16.31 ? 53  CYS A N   1 
ATOM   452 C  CA  . CYS A 1 52 ? -1.625  -0.571  2.148   1.00 16.15 ? 53  CYS A CA  1 
ATOM   453 C  C   . CYS A 1 52 ? -1.026  -1.620  1.234   1.00 16.13 ? 53  CYS A C   1 
ATOM   454 O  O   . CYS A 1 52 ? -0.275  -1.288  0.285   1.00 16.47 ? 53  CYS A O   1 
ATOM   455 C  CB  . CYS A 1 52 ? -3.153  -0.528  1.961   1.00 16.13 ? 53  CYS A CB  1 
ATOM   456 S  SG  . CYS A 1 52 ? -3.682  -0.100  0.268   1.00 19.92 ? 53  CYS A SG  1 
ATOM   457 N  N   A GLU A 1 53 ? -1.364  -2.877  1.504   0.50 16.00 ? 54  GLU A N   1 
ATOM   458 N  N   B GLU A 1 53 ? -1.349  -2.878  1.520   0.50 16.03 ? 54  GLU A N   1 
ATOM   459 C  CA  A GLU A 1 53 ? -0.936  -3.995  0.665   0.50 15.67 ? 54  GLU A CA  1 
ATOM   460 C  CA  B GLU A 1 53 ? -0.949  -4.001  0.673   0.50 15.76 ? 54  GLU A CA  1 
ATOM   461 C  C   A GLU A 1 53 ? -1.922  -4.181  -0.485  0.50 15.73 ? 54  GLU A C   1 
ATOM   462 C  C   B GLU A 1 53 ? -1.929  -4.102  -0.498  0.50 15.76 ? 54  GLU A C   1 
ATOM   463 O  O   A GLU A 1 53 ? -3.145  -4.214  -0.256  0.50 15.35 ? 54  GLU A O   1 
ATOM   464 O  O   B GLU A 1 53 ? -3.153  -3.995  -0.297  0.50 15.37 ? 54  GLU A O   1 
ATOM   465 C  CB  A GLU A 1 53 ? -0.866  -5.278  1.505   0.50 15.56 ? 54  GLU A CB  1 
ATOM   466 C  CB  B GLU A 1 53 ? -0.951  -5.301  1.502   0.50 15.59 ? 54  GLU A CB  1 
ATOM   467 C  CG  A GLU A 1 53 ? 0.410   -5.420  2.310   0.50 14.86 ? 54  GLU A CG  1 
ATOM   468 C  CG  B GLU A 1 53 ? -1.052  -6.609  0.695   0.50 15.44 ? 54  GLU A CG  1 
ATOM   469 C  CD  A GLU A 1 53 ? 1.643   -5.520  1.435   0.50 15.43 ? 54  GLU A CD  1 
ATOM   470 C  CD  B GLU A 1 53 ? 0.102   -6.813  -0.297  0.50 14.63 ? 54  GLU A CD  1 
ATOM   471 O  OE1 A GLU A 1 53 ? 1.744   -6.494  0.661   0.50 15.84 ? 54  GLU A OE1 1 
ATOM   472 O  OE1 B GLU A 1 53 ? 1.253   -6.487  0.092   0.50 15.20 ? 54  GLU A OE1 1 
ATOM   473 O  OE2 A GLU A 1 53 ? 2.503   -4.622  1.513   0.50 13.74 ? 54  GLU A OE2 1 
ATOM   474 O  OE2 B GLU A 1 53 ? -0.141  -7.290  -1.444  0.50 8.59  ? 54  GLU A OE2 1 
ATOM   475 N  N   . ALA A 1 54 ? -1.402  -4.303  -1.711  1.00 15.80 ? 55  ALA A N   1 
ATOM   476 C  CA  . ALA A 1 54 ? -2.248  -4.515  -2.910  1.00 16.34 ? 55  ALA A CA  1 
ATOM   477 C  C   . ALA A 1 54 ? -3.304  -5.620  -2.730  1.00 16.89 ? 55  ALA A C   1 
ATOM   478 O  O   . ALA A 1 54 ? -4.455  -5.461  -3.160  1.00 15.63 ? 55  ALA A O   1 
ATOM   479 C  CB  . ALA A 1 54 ? -1.383  -4.827  -4.146  1.00 17.64 ? 55  ALA A CB  1 
ATOM   480 N  N   . ASP A 1 55 ? -2.911  -6.726  -2.091  1.00 16.84 ? 56  ASP A N   1 
ATOM   481 C  CA  . ASP A 1 55 ? -3.826  -7.871  -1.900  1.00 18.52 ? 56  ASP A CA  1 
ATOM   482 C  C   . ASP A 1 55 ? -5.050  -7.506  -1.046  1.00 18.37 ? 56  ASP A C   1 
ATOM   483 O  O   . ASP A 1 55 ? -6.138  -8.087  -1.218  1.00 18.79 ? 56  ASP A O   1 
ATOM   484 C  CB  . ASP A 1 55 ? -3.096  -9.031  -1.228  1.00 18.97 ? 56  ASP A CB  1 
ATOM   485 C  CG  . ASP A 1 55 ? -2.238  -9.839  -2.193  1.00 23.17 ? 56  ASP A CG  1 
ATOM   486 O  OD1 . ASP A 1 55 ? -2.450  -9.764  -3.422  1.00 24.52 ? 56  ASP A OD1 1 
ATOM   487 O  OD2 . ASP A 1 55 ? -1.341  -10.549 -1.693  1.00 26.23 ? 56  ASP A OD2 1 
ATOM   488 N  N   . ASP A 1 56 ? -4.875  -6.563  -0.124  1.00 17.63 ? 57  ASP A N   1 
ATOM   489 C  CA  . ASP A 1 56 ? -6.017  -6.065  0.692   1.00 18.25 ? 57  ASP A CA  1 
ATOM   490 C  C   . ASP A 1 56 ? -6.812  -4.968  -0.010  1.00 18.49 ? 57  ASP A C   1 
ATOM   491 O  O   . ASP A 1 56 ? -8.031  -4.831  0.201   1.00 16.87 ? 57  ASP A O   1 
ATOM   492 C  CB  . ASP A 1 56 ? -5.532  -5.527  2.027   1.00 18.90 ? 57  ASP A CB  1 
ATOM   493 C  CG  . ASP A 1 56 ? -4.905  -6.604  2.883   1.00 20.75 ? 57  ASP A CG  1 
ATOM   494 O  OD1 . ASP A 1 56 ? -5.389  -7.757  2.807   1.00 21.88 ? 57  ASP A OD1 1 
ATOM   495 O  OD2 . ASP A 1 56 ? -3.940  -6.304  3.611   1.00 20.99 ? 57  ASP A OD2 1 
ATOM   496 N  N   . TRP A 1 57 ? -6.117  -4.165  -0.810  1.00 17.73 ? 58  TRP A N   1 
ATOM   497 C  CA  . TRP A 1 57 ? -6.769  -3.057  -1.521  1.00 18.12 ? 58  TRP A CA  1 
ATOM   498 C  C   . TRP A 1 57 ? -7.861  -3.578  -2.457  1.00 18.36 ? 58  TRP A C   1 
ATOM   499 O  O   . TRP A 1 57 ? -8.977  -3.062  -2.500  1.00 17.72 ? 58  TRP A O   1 
ATOM   500 C  CB  . TRP A 1 57 ? -5.751  -2.187  -2.302  1.00 18.83 ? 58  TRP A CB  1 
ATOM   501 C  CG  . TRP A 1 57 ? -6.535  -1.179  -3.088  1.00 19.77 ? 58  TRP A CG  1 
ATOM   502 C  CD1 . TRP A 1 57 ? -6.789  -1.206  -4.438  1.00 20.72 ? 58  TRP A CD1 1 
ATOM   503 C  CD2 . TRP A 1 57 ? -7.282  -0.074  -2.562  1.00 19.27 ? 58  TRP A CD2 1 
ATOM   504 N  NE1 . TRP A 1 57 ? -7.609  -0.161  -4.781  1.00 21.12 ? 58  TRP A NE1 1 
ATOM   505 C  CE2 . TRP A 1 57 ? -7.932  0.548   -3.655  1.00 20.21 ? 58  TRP A CE2 1 
ATOM   506 C  CE3 . TRP A 1 57 ? -7.454  0.464   -1.276  1.00 19.10 ? 58  TRP A CE3 1 
ATOM   507 C  CZ2 . TRP A 1 57 ? -8.745  1.679   -3.504  1.00 18.79 ? 58  TRP A CZ2 1 
ATOM   508 C  CZ3 . TRP A 1 57 ? -8.265  1.593   -1.128  1.00 20.06 ? 58  TRP A CZ3 1 
ATOM   509 C  CH2 . TRP A 1 57 ? -8.908  2.175   -2.236  1.00 20.30 ? 58  TRP A CH2 1 
ATOM   510 N  N   . LYS A 1 58 ? -7.550  -4.639  -3.189  1.00 18.28 ? 59  LYS A N   1 
ATOM   511 C  CA  . LYS A 1 58 ? -8.444  -5.086  -4.241  1.00 18.52 ? 59  LYS A CA  1 
ATOM   512 C  C   . LYS A 1 58 ? -9.889  -5.410  -3.758  1.00 18.85 ? 59  LYS A C   1 
ATOM   513 O  O   . LYS A 1 58 ? -10.848 -4.802  -4.239  1.00 18.95 ? 59  LYS A O   1 
ATOM   514 C  CB  . LYS A 1 58 ? -7.773  -6.241  -5.004  1.00 19.18 ? 59  LYS A CB  1 
ATOM   515 C  CG  . LYS A 1 58 ? -8.635  -6.837  -6.079  1.00 22.12 ? 59  LYS A CG  1 
ATOM   516 C  CD  . LYS A 1 58 ? -7.777  -7.743  -7.009  1.00 27.22 ? 59  LYS A CD  1 
ATOM   517 C  CE  . LYS A 1 58 ? -8.646  -8.837  -7.674  1.00 32.87 ? 59  LYS A CE  1 
ATOM   518 N  NZ  . LYS A 1 58 ? -9.976  -8.358  -8.162  1.00 34.63 ? 59  LYS A NZ  1 
ATOM   519 N  N   . PRO A 1 59 ? -10.054 -6.355  -2.802  1.00 18.04 ? 60  PRO A N   1 
ATOM   520 C  CA  . PRO A 1 59 ? -11.411 -6.618  -2.299  1.00 17.53 ? 60  PRO A CA  1 
ATOM   521 C  C   . PRO A 1 59 ? -12.032 -5.428  -1.538  1.00 17.02 ? 60  PRO A C   1 
ATOM   522 O  O   . PRO A 1 59 ? -13.257 -5.268  -1.539  1.00 16.90 ? 60  PRO A O   1 
ATOM   523 C  CB  . PRO A 1 59 ? -11.216 -7.817  -1.362  1.00 17.76 ? 60  PRO A CB  1 
ATOM   524 C  CG  . PRO A 1 59 ? -9.796  -7.820  -0.992  1.00 17.86 ? 60  PRO A CG  1 
ATOM   525 C  CD  . PRO A 1 59 ? -9.051  -7.238  -2.173  1.00 18.54 ? 60  PRO A CD  1 
ATOM   526 N  N   . PHE A 1 60 ? -11.191 -4.606  -0.911  1.00 16.97 ? 61  PHE A N   1 
ATOM   527 C  CA  . PHE A 1 60 ? -11.680 -3.416  -0.200  1.00 16.86 ? 61  PHE A CA  1 
ATOM   528 C  C   . PHE A 1 60 ? -12.360 -2.449  -1.181  1.00 16.86 ? 61  PHE A C   1 
ATOM   529 O  O   . PHE A 1 60 ? -13.444 -1.942  -0.914  1.00 16.64 ? 61  PHE A O   1 
ATOM   530 C  CB  . PHE A 1 60 ? -10.529 -2.731  0.540   1.00 17.50 ? 61  PHE A CB  1 
ATOM   531 C  CG  . PHE A 1 60 ? -10.910 -1.422  1.175   1.00 16.18 ? 61  PHE A CG  1 
ATOM   532 C  CD1 . PHE A 1 60 ? -11.469 -1.394  2.458   1.00 17.02 ? 61  PHE A CD1 1 
ATOM   533 C  CD2 . PHE A 1 60 ? -10.708 -0.218  0.489   1.00 17.06 ? 61  PHE A CD2 1 
ATOM   534 C  CE1 . PHE A 1 60 ? -11.824 -0.169  3.056   1.00 16.24 ? 61  PHE A CE1 1 
ATOM   535 C  CE2 . PHE A 1 60 ? -11.052 1.000   1.062   1.00 16.65 ? 61  PHE A CE2 1 
ATOM   536 C  CZ  . PHE A 1 60 ? -11.611 1.032   2.354   1.00 15.51 ? 61  PHE A CZ  1 
ATOM   537 N  N   . TYR A 1 61 ? -11.709 -2.198  -2.319  1.00 16.87 ? 62  TYR A N   1 
ATOM   538 C  CA  . TYR A 1 61 ? -12.283 -1.311  -3.336  1.00 18.27 ? 62  TYR A CA  1 
ATOM   539 C  C   . TYR A 1 61 ? -13.582 -1.869  -3.944  1.00 18.15 ? 62  TYR A C   1 
ATOM   540 O  O   . TYR A 1 61 ? -14.517 -1.129  -4.227  1.00 17.83 ? 62  TYR A O   1 
ATOM   541 C  CB  . TYR A 1 61 ? -11.246 -1.018  -4.450  1.00 19.85 ? 62  TYR A CB  1 
ATOM   542 C  CG  . TYR A 1 61 ? -11.760 -0.007  -5.450  1.00 20.71 ? 62  TYR A CG  1 
ATOM   543 C  CD1 . TYR A 1 61 ? -11.945 1.315   -5.073  1.00 24.28 ? 62  TYR A CD1 1 
ATOM   544 C  CD2 . TYR A 1 61 ? -12.098 -0.380  -6.757  1.00 24.55 ? 62  TYR A CD2 1 
ATOM   545 C  CE1 . TYR A 1 61 ? -12.427 2.265   -5.967  1.00 26.51 ? 62  TYR A CE1 1 
ATOM   546 C  CE2 . TYR A 1 61 ? -12.588 0.570   -7.663  1.00 25.01 ? 62  TYR A CE2 1 
ATOM   547 C  CZ  . TYR A 1 61 ? -12.742 1.884   -7.252  1.00 26.67 ? 62  TYR A CZ  1 
ATOM   548 O  OH  . TYR A 1 61 ? -13.216 2.866   -8.102  1.00 29.67 ? 62  TYR A OH  1 
ATOM   549 N  N   A GLU A 1 62 ? -13.612 -3.175  -4.159  0.70 18.65 ? 63  GLU A N   1 
ATOM   550 N  N   B GLU A 1 62 ? -13.612 -3.185  -4.148  0.30 18.44 ? 63  GLU A N   1 
ATOM   551 C  CA  A GLU A 1 62 ? -14.793 -3.818  -4.709  0.70 19.36 ? 63  GLU A CA  1 
ATOM   552 C  CA  B GLU A 1 62 ? -14.787 -3.860  -4.699  0.30 18.85 ? 63  GLU A CA  1 
ATOM   553 C  C   A GLU A 1 62 ? -15.963 -3.626  -3.724  0.70 19.08 ? 63  GLU A C   1 
ATOM   554 C  C   B GLU A 1 62 ? -15.962 -3.841  -3.719  0.30 18.73 ? 63  GLU A C   1 
ATOM   555 O  O   A GLU A 1 62 ? -17.105 -3.358  -4.123  0.70 19.05 ? 63  GLU A O   1 
ATOM   556 O  O   B GLU A 1 62 ? -17.119 -3.973  -4.131  0.30 18.87 ? 63  GLU A O   1 
ATOM   557 C  CB  A GLU A 1 62 ? -14.469 -5.280  -5.045  0.70 19.98 ? 63  GLU A CB  1 
ATOM   558 C  CB  B GLU A 1 62 ? -14.448 -5.292  -5.117  0.30 19.18 ? 63  GLU A CB  1 
ATOM   559 C  CG  A GLU A 1 62 ? -13.426 -5.379  -6.218  0.70 23.16 ? 63  GLU A CG  1 
ATOM   560 C  CG  B GLU A 1 62 ? -13.614 -5.397  -6.408  0.30 20.75 ? 63  GLU A CG  1 
ATOM   561 C  CD  A GLU A 1 62 ? -12.818 -6.770  -6.448  0.70 25.69 ? 63  GLU A CD  1 
ATOM   562 C  CD  B GLU A 1 62 ? -14.425 -5.177  -7.686  0.30 21.88 ? 63  GLU A CD  1 
ATOM   563 O  OE1 A GLU A 1 62 ? -13.160 -7.714  -5.707  0.70 26.80 ? 63  GLU A OE1 1 
ATOM   564 O  OE1 B GLU A 1 62 ? -15.622 -5.544  -7.714  0.30 22.14 ? 63  GLU A OE1 1 
ATOM   565 O  OE2 A GLU A 1 62 ? -11.978 -6.919  -7.377  0.70 24.93 ? 63  GLU A OE2 1 
ATOM   566 O  OE2 B GLU A 1 62 ? -13.856 -4.648  -8.672  0.30 21.92 ? 63  GLU A OE2 1 
ATOM   567 N  N   . ALA A 1 63 ? -15.660 -3.675  -2.429  1.00 18.19 ? 64  ALA A N   1 
ATOM   568 C  CA  . ALA A 1 63 ? -16.699 -3.531  -1.399  1.00 18.31 ? 64  ALA A CA  1 
ATOM   569 C  C   . ALA A 1 63 ? -17.164 -2.091  -1.201  1.00 18.15 ? 64  ALA A C   1 
ATOM   570 O  O   . ALA A 1 63 ? -18.368 -1.835  -1.154  1.00 18.25 ? 64  ALA A O   1 
ATOM   571 C  CB  . ALA A 1 63 ? -16.220 -4.130  -0.066  1.00 17.75 ? 64  ALA A CB  1 
ATOM   572 N  N   . TYR A 1 64 ? -16.213 -1.155  -1.095  1.00 18.00 ? 65  TYR A N   1 
ATOM   573 C  CA  . TYR A 1 64 ? -16.536 0.205   -0.684  1.00 18.59 ? 65  TYR A CA  1 
ATOM   574 C  C   . TYR A 1 64 ? -16.416 1.265   -1.788  1.00 19.57 ? 65  TYR A C   1 
ATOM   575 O  O   . TYR A 1 64 ? -16.729 2.432   -1.546  1.00 19.50 ? 65  TYR A O   1 
ATOM   576 C  CB  . TYR A 1 64 ? -15.626 0.623   0.478   1.00 18.50 ? 65  TYR A CB  1 
ATOM   577 C  CG  . TYR A 1 64 ? -15.899 -0.096  1.779   1.00 17.10 ? 65  TYR A CG  1 
ATOM   578 C  CD1 . TYR A 1 64 ? -17.030 0.209   2.554   1.00 16.79 ? 65  TYR A CD1 1 
ATOM   579 C  CD2 . TYR A 1 64 ? -15.011 -1.063  2.252   1.00 17.07 ? 65  TYR A CD2 1 
ATOM   580 C  CE1 . TYR A 1 64 ? -17.267 -0.446  3.764   1.00 18.04 ? 65  TYR A CE1 1 
ATOM   581 C  CE2 . TYR A 1 64 ? -15.236 -1.716  3.453   1.00 17.81 ? 65  TYR A CE2 1 
ATOM   582 C  CZ  . TYR A 1 64 ? -16.357 -1.396  4.210   1.00 18.00 ? 65  TYR A CZ  1 
ATOM   583 O  OH  . TYR A 1 64 ? -16.586 -2.041  5.412   1.00 18.56 ? 65  TYR A OH  1 
ATOM   584 N  N   . GLY A 1 65 ? -15.970 0.858   -2.973  1.00 20.16 ? 66  GLY A N   1 
ATOM   585 C  CA  . GLY A 1 65 ? -15.664 1.805   -4.061  1.00 21.03 ? 66  GLY A CA  1 
ATOM   586 C  C   . GLY A 1 65 ? -16.776 2.769   -4.457  1.00 21.55 ? 66  GLY A C   1 
ATOM   587 O  O   . GLY A 1 65 ? -16.488 3.863   -4.927  1.00 22.11 ? 66  GLY A O   1 
ATOM   588 N  N   A SER A 1 66 ? -18.022 2.403   -4.155  0.50 20.97 ? 67  SER A N   1 
ATOM   589 N  N   B SER A 1 66 ? -18.035 2.350   -4.338  0.50 21.42 ? 67  SER A N   1 
ATOM   590 C  CA  A SER A 1 66 ? -19.186 3.266   -4.397  0.50 20.92 ? 67  SER A CA  1 
ATOM   591 C  CA  B SER A 1 66 ? -19.173 3.175   -4.778  0.50 21.77 ? 67  SER A CA  1 
ATOM   592 C  C   A SER A 1 66 ? -19.246 4.545   -3.540  0.50 20.89 ? 67  SER A C   1 
ATOM   593 C  C   B SER A 1 66 ? -19.167 4.519   -4.059  0.50 21.54 ? 67  SER A C   1 
ATOM   594 O  O   A SER A 1 66 ? -20.024 5.455   -3.852  0.50 20.46 ? 67  SER A O   1 
ATOM   595 O  O   B SER A 1 66 ? -19.685 5.520   -4.552  0.50 21.50 ? 67  SER A O   1 
ATOM   596 C  CB  A SER A 1 66 ? -20.506 2.484   -4.269  0.50 21.23 ? 67  SER A CB  1 
ATOM   597 C  CB  B SER A 1 66 ? -20.500 2.457   -4.512  0.50 22.12 ? 67  SER A CB  1 
ATOM   598 O  OG  A SER A 1 66 ? -20.824 2.229   -2.919  0.50 21.10 ? 67  SER A OG  1 
ATOM   599 O  OG  B SER A 1 66 ? -20.521 1.208   -5.170  0.50 23.20 ? 67  SER A OG  1 
ATOM   600 N  N   A GLN A 1 67 ? -18.460 4.630   -2.465  0.70 20.51 ? 68  GLN A N   1 
ATOM   601 N  N   B GLN A 1 67 ? -18.541 4.521   -2.879  0.30 21.10 ? 68  GLN A N   1 
ATOM   602 C  CA  A GLN A 1 67 ? -18.467 5.891   -1.750  0.70 21.13 ? 68  GLN A CA  1 
ATOM   603 C  CA  B GLN A 1 67 ? -18.531 5.660   -1.953  0.30 20.97 ? 68  GLN A CA  1 
ATOM   604 C  C   A GLN A 1 67 ? -17.238 6.722   -2.068  0.70 20.65 ? 68  GLN A C   1 
ATOM   605 C  C   B GLN A 1 67 ? -17.400 6.675   -2.211  0.30 20.53 ? 68  GLN A C   1 
ATOM   606 O  O   A GLN A 1 67 ? -17.042 7.779   -1.449  0.70 21.21 ? 68  GLN A O   1 
ATOM   607 O  O   B GLN A 1 67 ? -17.404 7.778   -1.645  0.30 20.59 ? 68  GLN A O   1 
ATOM   608 C  CB  A GLN A 1 67 ? -18.738 5.725   -0.256  0.70 21.77 ? 68  GLN A CB  1 
ATOM   609 C  CB  B GLN A 1 67 ? -18.460 5.147   -0.504  0.30 21.07 ? 68  GLN A CB  1 
ATOM   610 C  CG  A GLN A 1 67 ? -17.787 4.873   0.511   0.70 22.25 ? 68  GLN A CG  1 
ATOM   611 C  CG  B GLN A 1 67 ? -19.820 4.842   0.149   0.30 21.70 ? 68  GLN A CG  1 
ATOM   612 C  CD  A GLN A 1 67 ? -18.421 4.426   1.821   0.70 22.57 ? 68  GLN A CD  1 
ATOM   613 C  CD  B GLN A 1 67 ? -20.514 3.607   -0.415  0.30 23.22 ? 68  GLN A CD  1 
ATOM   614 O  OE1 A GLN A 1 67 ? -19.091 3.399   1.865   0.70 24.62 ? 68  GLN A OE1 1 
ATOM   615 O  OE1 B GLN A 1 67 ? -19.902 2.545   -0.569  0.30 24.02 ? 68  GLN A OE1 1 
ATOM   616 N  NE2 A GLN A 1 67 ? -18.233 5.208   2.878   0.70 20.54 ? 68  GLN A NE2 1 
ATOM   617 N  NE2 B GLN A 1 67 ? -21.806 3.741   -0.718  0.30 22.97 ? 68  GLN A NE2 1 
ATOM   618 N  N   . PHE A 1 68 ? -16.449 6.279   -3.054  1.00 20.10 ? 69  PHE A N   1 
ATOM   619 C  CA  . PHE A 1 68 ? -15.285 7.088   -3.480  1.00 20.14 ? 69  PHE A CA  1 
ATOM   620 C  C   . PHE A 1 68 ? -15.569 7.772   -4.827  1.00 21.10 ? 69  PHE A C   1 
ATOM   621 O  O   . PHE A 1 68 ? -16.175 7.170   -5.727  1.00 22.49 ? 69  PHE A O   1 
ATOM   622 C  CB  . PHE A 1 68 ? -13.979 6.265   -3.539  1.00 19.80 ? 69  PHE A CB  1 
ATOM   623 C  CG  . PHE A 1 68 ? -13.741 5.387   -2.325  1.00 19.77 ? 69  PHE A CG  1 
ATOM   624 C  CD1 . PHE A 1 68 ? -14.059 5.828   -1.037  1.00 19.67 ? 69  PHE A CD1 1 
ATOM   625 C  CD2 . PHE A 1 68 ? -13.165 4.111   -2.482  1.00 21.38 ? 69  PHE A CD2 1 
ATOM   626 C  CE1 . PHE A 1 68 ? -13.844 4.996   0.090   1.00 20.16 ? 69  PHE A CE1 1 
ATOM   627 C  CE2 . PHE A 1 68 ? -12.957 3.267   -1.363  1.00 20.64 ? 69  PHE A CE2 1 
ATOM   628 C  CZ  . PHE A 1 68 ? -13.284 3.710   -0.085  1.00 19.15 ? 69  PHE A CZ  1 
ATOM   629 N  N   A GLU A 1 69 ? -15.143 9.026   -4.954  0.60 20.77 ? 70  GLU A N   1 
ATOM   630 N  N   B GLU A 1 69 ? -15.139 9.023   -4.934  0.40 20.61 ? 70  GLU A N   1 
ATOM   631 C  CA  A GLU A 1 69 ? -15.426 9.841   -6.145  0.60 20.97 ? 70  GLU A CA  1 
ATOM   632 C  CA  B GLU A 1 69 ? -15.409 9.869   -6.092  0.40 20.51 ? 70  GLU A CA  1 
ATOM   633 C  C   A GLU A 1 69 ? -14.239 10.094  -7.067  0.60 20.70 ? 70  GLU A C   1 
ATOM   634 C  C   B GLU A 1 69 ? -14.230 9.906   -7.060  0.40 20.27 ? 70  GLU A C   1 
ATOM   635 O  O   A GLU A 1 69 ? -14.426 10.352  -8.263  0.60 20.77 ? 70  GLU A O   1 
ATOM   636 O  O   B GLU A 1 69 ? -14.406 9.786   -8.278  0.40 20.49 ? 70  GLU A O   1 
ATOM   637 C  CB  A GLU A 1 69 ? -16.028 11.186  -5.735  0.60 21.65 ? 70  GLU A CB  1 
ATOM   638 C  CB  B GLU A 1 69 ? -15.758 11.282  -5.613  0.40 20.81 ? 70  GLU A CB  1 
ATOM   639 C  CG  A GLU A 1 69 ? -17.398 11.093  -5.070  0.60 24.78 ? 70  GLU A CG  1 
ATOM   640 C  CG  B GLU A 1 69 ? -16.998 11.325  -4.715  0.40 22.59 ? 70  GLU A CG  1 
ATOM   641 C  CD  A GLU A 1 69 ? -18.442 10.384  -5.925  0.60 29.83 ? 70  GLU A CD  1 
ATOM   642 C  CD  B GLU A 1 69 ? -17.177 12.630  -3.941  0.40 25.27 ? 70  GLU A CD  1 
ATOM   643 O  OE1 A GLU A 1 69 ? -18.479 10.624  -7.157  0.60 31.50 ? 70  GLU A OE1 1 
ATOM   644 O  OE1 B GLU A 1 69 ? -16.173 13.225  -3.469  0.40 26.59 ? 70  GLU A OE1 1 
ATOM   645 O  OE2 A GLU A 1 69 ? -19.223 9.583   -5.354  0.60 32.72 ? 70  GLU A OE2 1 
ATOM   646 O  OE2 B GLU A 1 69 ? -18.346 13.036  -3.766  0.40 26.69 ? 70  GLU A OE2 1 
ATOM   647 N  N   . ASP A 1 70 ? -13.031 10.074  -6.513  1.00 19.07 ? 71  ASP A N   1 
ATOM   648 C  CA  . ASP A 1 70 ? -11.810 10.237  -7.300  1.00 18.17 ? 71  ASP A CA  1 
ATOM   649 C  C   . ASP A 1 70 ? -10.802 9.290   -6.683  1.00 17.48 ? 71  ASP A C   1 
ATOM   650 O  O   . ASP A 1 70 ? -10.796 9.093   -5.468  1.00 17.55 ? 71  ASP A O   1 
ATOM   651 C  CB  . ASP A 1 70 ? -11.247 11.659  -7.205  1.00 18.03 ? 71  ASP A CB  1 
ATOM   652 C  CG  . ASP A 1 70 ? -12.245 12.714  -7.635  1.00 21.01 ? 71  ASP A CG  1 
ATOM   653 O  OD1 . ASP A 1 70 ? -12.472 12.814  -8.859  1.00 21.75 ? 71  ASP A OD1 1 
ATOM   654 O  OD2 . ASP A 1 70 ? -12.798 13.423  -6.755  1.00 19.62 ? 71  ASP A OD2 1 
ATOM   655 N  N   . ILE A 1 71 ? -9.941  8.732   -7.517  1.00 16.63 ? 72  ILE A N   1 
ATOM   656 C  CA  . ILE A 1 71 ? -8.943  7.773   -7.047  1.00 15.68 ? 72  ILE A CA  1 
ATOM   657 C  C   . ILE A 1 71 ? -7.647  7.881   -7.855  1.00 15.43 ? 72  ILE A C   1 
ATOM   658 O  O   . ILE A 1 71 ? -7.678  8.019   -9.086  1.00 15.25 ? 72  ILE A O   1 
ATOM   659 C  CB  . ILE A 1 71 ? -9.489  6.301   -7.084  1.00 16.84 ? 72  ILE A CB  1 
ATOM   660 C  CG1 . ILE A 1 71 ? -8.391  5.313   -6.638  1.00 16.73 ? 72  ILE A CG1 1 
ATOM   661 C  CG2 . ILE A 1 71 ? -10.039 5.956   -8.478  1.00 19.61 ? 72  ILE A CG2 1 
ATOM   662 C  CD1 . ILE A 1 71 ? -8.924  3.928   -6.333  1.00 20.98 ? 72  ILE A CD1 1 
ATOM   663 N  N   . GLU A 1 72 ? -6.504  7.803   -7.172  1.00 15.44 ? 73  GLU A N   1 
ATOM   664 C  CA  . GLU A 1 72 ? -5.202  7.628   -7.844  1.00 16.16 ? 73  GLU A CA  1 
ATOM   665 C  C   . GLU A 1 72 ? -4.475  6.531   -7.102  1.00 17.32 ? 73  GLU A C   1 
ATOM   666 O  O   . GLU A 1 72 ? -4.515  6.495   -5.873  1.00 17.88 ? 73  GLU A O   1 
ATOM   667 C  CB  . GLU A 1 72 ? -4.343  8.903   -7.793  1.00 16.82 ? 73  GLU A CB  1 
ATOM   668 C  CG  . GLU A 1 72 ? -4.737  9.947   -8.803  1.00 16.41 ? 73  GLU A CG  1 
ATOM   669 C  CD  . GLU A 1 72 ? -4.395  9.558   -10.248 1.00 17.95 ? 73  GLU A CD  1 
ATOM   670 O  OE1 . GLU A 1 72 ? -3.331  8.940   -10.530 1.00 18.80 ? 73  GLU A OE1 1 
ATOM   671 O  OE2 . GLU A 1 72 ? -5.196  9.919   -11.117 1.00 18.51 ? 73  GLU A OE2 1 
ATOM   672 N  N   . ILE A 1 73 ? -3.854  5.617   -7.846  1.00 17.06 ? 74  ILE A N   1 
ATOM   673 C  CA  . ILE A 1 73 ? -3.133  4.490   -7.253  1.00 17.44 ? 74  ILE A CA  1 
ATOM   674 C  C   . ILE A 1 73 ? -1.684  4.559   -7.732  1.00 18.61 ? 74  ILE A C   1 
ATOM   675 O  O   . ILE A 1 73 ? -1.435  4.745   -8.923  1.00 18.33 ? 74  ILE A O   1 
ATOM   676 C  CB  . ILE A 1 73 ? -3.755  3.133   -7.684  1.00 17.73 ? 74  ILE A CB  1 
ATOM   677 C  CG1 . ILE A 1 73 ? -5.212  3.034   -7.184  1.00 17.34 ? 74  ILE A CG1 1 
ATOM   678 C  CG2 . ILE A 1 73 ? -2.913  1.955   -7.147  1.00 19.24 ? 74  ILE A CG2 1 
ATOM   679 C  CD1 . ILE A 1 73 ? -6.018  1.843   -7.769  1.00 19.94 ? 74  ILE A CD1 1 
ATOM   680 N  N   . GLU A 1 74 ? -0.742  4.386   -6.809  1.00 18.48 ? 75  GLU A N   1 
ATOM   681 C  CA  . GLU A 1 74 ? 0.692   4.330   -7.155  1.00 19.91 ? 75  GLU A CA  1 
ATOM   682 C  C   . GLU A 1 74 ? 1.256   3.067   -6.507  1.00 19.01 ? 75  GLU A C   1 
ATOM   683 O  O   . GLU A 1 74 ? 0.880   2.726   -5.370  1.00 18.23 ? 75  GLU A O   1 
ATOM   684 C  CB  . GLU A 1 74 ? 1.431   5.521   -6.544  1.00 19.81 ? 75  GLU A CB  1 
ATOM   685 C  CG  . GLU A 1 74 ? 0.871   6.895   -6.972  1.00 24.46 ? 75  GLU A CG  1 
ATOM   686 C  CD  . GLU A 1 74 ? 1.453   8.077   -6.206  1.00 29.19 ? 75  GLU A CD  1 
ATOM   687 O  OE1 . GLU A 1 74 ? 2.011   7.869   -5.111  1.00 28.95 ? 75  GLU A OE1 1 
ATOM   688 O  OE2 . GLU A 1 74 ? 1.341   9.234   -6.712  1.00 29.96 ? 75  GLU A OE2 1 
HETATM 689 N  N   . MSE A 1 75 ? 2.190   2.393   -7.175  1.00 18.20 ? 76  MSE A N   1 
HETATM 690 C  CA  . MSE A 1 75 ? 2.945   1.354   -6.459  1.00 17.51 ? 76  MSE A CA  1 
HETATM 691 C  C   . MSE A 1 75 ? 4.020   2.051   -5.626  1.00 17.99 ? 76  MSE A C   1 
HETATM 692 O  O   . MSE A 1 75 ? 4.687   2.994   -6.084  1.00 19.27 ? 76  MSE A O   1 
HETATM 693 C  CB  . MSE A 1 75 ? 3.560   0.337   -7.424  1.00 18.66 ? 76  MSE A CB  1 
HETATM 694 C  CG  . MSE A 1 75 ? 2.476   -0.515  -8.133  1.00 18.50 ? 76  MSE A CG  1 
HETATM 695 SE SE  . MSE A 1 75 ? 3.265   -1.804  -9.357  0.80 25.19 ? 76  MSE A SE  1 
HETATM 696 C  CE  . MSE A 1 75 ? 3.597   -3.147  -7.972  1.00 22.37 ? 76  MSE A CE  1 
ATOM   697 N  N   . ASP A 1 76 ? 4.176   1.604   -4.387  1.00 16.68 ? 77  ASP A N   1 
ATOM   698 C  CA  . ASP A 1 76 ? 5.147   2.205   -3.498  1.00 16.57 ? 77  ASP A CA  1 
ATOM   699 C  C   . ASP A 1 76 ? 6.550   1.936   -4.069  1.00 16.00 ? 77  ASP A C   1 
ATOM   700 O  O   . ASP A 1 76 ? 6.832   0.837   -4.585  1.00 15.85 ? 77  ASP A O   1 
ATOM   701 C  CB  . ASP A 1 76 ? 4.978   1.597   -2.106  1.00 16.23 ? 77  ASP A CB  1 
ATOM   702 C  CG  . ASP A 1 76 ? 5.726   2.344   -1.033  1.00 18.23 ? 77  ASP A CG  1 
ATOM   703 O  OD1 . ASP A 1 76 ? 6.973   2.379   -1.049  1.00 17.75 ? 77  ASP A OD1 1 
ATOM   704 O  OD2 . ASP A 1 76 ? 5.035   2.835   -0.116  1.00 19.13 ? 77  ASP A OD2 1 
ATOM   705 N  N   . ARG A 1 77 ? 7.423   2.950   -4.007  1.00 16.32 ? 78  ARG A N   1 
ATOM   706 C  CA  . ARG A 1 77 ? 8.806   2.782   -4.494  1.00 16.83 ? 78  ARG A CA  1 
ATOM   707 C  C   . ARG A 1 77 ? 9.597   1.695   -3.762  1.00 17.20 ? 78  ARG A C   1 
ATOM   708 O  O   . ARG A 1 77 ? 10.605  1.184   -4.273  1.00 17.34 ? 78  ARG A O   1 
ATOM   709 C  CB  . ARG A 1 77 ? 9.586   4.097   -4.414  1.00 18.13 ? 78  ARG A CB  1 
ATOM   710 C  CG  . ARG A 1 77 ? 9.272   5.024   -5.572  1.00 21.22 ? 78  ARG A CG  1 
ATOM   711 C  CD  . ARG A 1 77 ? 10.327  6.142   -5.637  1.00 25.74 ? 78  ARG A CD  1 
ATOM   712 N  NE  . ARG A 1 77 ? 9.998   7.077   -4.585  1.00 26.28 ? 78  ARG A NE  1 
ATOM   713 C  CZ  . ARG A 1 77 ? 10.822  7.546   -3.645  1.00 28.80 ? 78  ARG A CZ  1 
ATOM   714 N  NH1 . ARG A 1 77 ? 12.112  7.220   -3.598  1.00 28.66 ? 78  ARG A NH1 1 
ATOM   715 N  NH2 . ARG A 1 77 ? 10.327  8.390   -2.760  1.00 28.83 ? 78  ARG A NH2 1 
ATOM   716 N  N   . ARG A 1 78 ? 9.154   1.326   -2.557  1.00 16.28 ? 79  ARG A N   1 
ATOM   717 C  CA  . ARG A 1 78 ? 9.825   0.255   -1.835  1.00 17.25 ? 79  ARG A CA  1 
ATOM   718 C  C   . ARG A 1 78 ? 9.748   -1.085  -2.565  1.00 17.47 ? 79  ARG A C   1 
ATOM   719 O  O   . ARG A 1 78 ? 10.555  -1.996  -2.291  1.00 19.56 ? 79  ARG A O   1 
ATOM   720 C  CB  . ARG A 1 78 ? 9.306   0.164   -0.399  1.00 16.97 ? 79  ARG A CB  1 
ATOM   721 C  CG  . ARG A 1 78 ? 9.825   1.324   0.433   1.00 18.95 ? 79  ARG A CG  1 
ATOM   722 C  CD  . ARG A 1 78 ? 9.179   1.310   1.834   1.00 19.12 ? 79  ARG A CD  1 
ATOM   723 N  NE  . ARG A 1 78 ? 7.784   1.722   1.735   1.00 18.55 ? 79  ARG A NE  1 
ATOM   724 C  CZ  . ARG A 1 78 ? 7.006   1.915   2.797   1.00 22.77 ? 79  ARG A CZ  1 
ATOM   725 N  NH1 . ARG A 1 78 ? 7.510   1.698   4.013   1.00 22.47 ? 79  ARG A NH1 1 
ATOM   726 N  NH2 . ARG A 1 78 ? 5.741   2.299   2.646   1.00 22.37 ? 79  ARG A NH2 1 
ATOM   727 N  N   . ASN A 1 79 ? 8.833   -1.199  -3.532  1.00 16.54 ? 80  ASN A N   1 
ATOM   728 C  CA  . ASN A 1 79 ? 8.790   -2.407  -4.373  1.00 16.69 ? 80  ASN A CA  1 
ATOM   729 C  C   . ASN A 1 79 ? 10.043  -2.635  -5.235  1.00 17.41 ? 80  ASN A C   1 
ATOM   730 O  O   . ASN A 1 79 ? 10.271  -3.750  -5.731  1.00 17.29 ? 80  ASN A O   1 
ATOM   731 C  CB  . ASN A 1 79 ? 7.582   -2.375  -5.297  1.00 16.33 ? 80  ASN A CB  1 
ATOM   732 C  CG  . ASN A 1 79 ? 6.294   -2.698  -4.560  1.00 18.25 ? 80  ASN A CG  1 
ATOM   733 O  OD1 . ASN A 1 79 ? 6.092   -3.839  -4.120  1.00 18.64 ? 80  ASN A OD1 1 
ATOM   734 N  ND2 . ASN A 1 79 ? 5.426   -1.698  -4.406  1.00 16.21 ? 80  ASN A ND2 1 
ATOM   735 N  N   . SER A 1 80 ? 10.813  -1.569  -5.448  1.00 17.61 ? 81  SER A N   1 
ATOM   736 C  CA  . SER A 1 80 ? 11.985  -1.677  -6.300  1.00 19.42 ? 81  SER A CA  1 
ATOM   737 C  C   . SER A 1 80 ? 13.253  -1.143  -5.591  1.00 20.15 ? 81  SER A C   1 
ATOM   738 O  O   . SER A 1 80 ? 14.285  -0.933  -6.251  1.00 21.46 ? 81  SER A O   1 
ATOM   739 C  CB  . SER A 1 80 ? 11.711  -0.996  -7.654  1.00 19.61 ? 81  SER A CB  1 
ATOM   740 O  OG  . SER A 1 80 ? 11.445  0.398   -7.459  1.00 21.46 ? 81  SER A OG  1 
ATOM   741 N  N   . ALA A 1 81 ? 13.184  -0.994  -4.261  1.00 20.59 ? 82  ALA A N   1 
ATOM   742 C  CA  . ALA A 1 81 ? 14.306  -0.518  -3.414  1.00 21.70 ? 82  ALA A CA  1 
ATOM   743 C  C   . ALA A 1 81 ? 15.195  -1.629  -2.921  1.00 22.28 ? 82  ALA A C   1 
ATOM   744 O  O   . ALA A 1 81 ? 14.718  -2.706  -2.525  1.00 23.01 ? 82  ALA A O   1 
ATOM   745 C  CB  . ALA A 1 81 ? 13.764  0.288   -2.188  1.00 22.28 ? 82  ALA A CB  1 
ATOM   746 N  N   . ILE A 1 82 ? 16.497  -1.392  -2.954  1.00 21.50 ? 83  ILE A N   1 
ATOM   747 C  CA  . ILE A 1 82 ? 17.413  -2.212  -2.197  1.00 22.59 ? 83  ILE A CA  1 
ATOM   748 C  C   . ILE A 1 82 ? 18.163  -1.265  -1.249  1.00 23.37 ? 83  ILE A C   1 
ATOM   749 O  O   . ILE A 1 82 ? 18.580  -0.186  -1.665  1.00 23.53 ? 83  ILE A O   1 
ATOM   750 C  CB  . ILE A 1 82 ? 18.393  -2.938  -3.117  1.00 22.24 ? 83  ILE A CB  1 
ATOM   751 C  CG1 . ILE A 1 82 ? 17.649  -3.883  -4.068  1.00 22.21 ? 83  ILE A CG1 1 
ATOM   752 C  CG2 . ILE A 1 82 ? 19.415  -3.724  -2.303  1.00 25.12 ? 83  ILE A CG2 1 
ATOM   753 C  CD1 . ILE A 1 82 ? 18.574  -4.436  -5.185  1.00 23.73 ? 83  ILE A CD1 1 
ATOM   754 N  N   . PRO A 1 83 ? 18.327  -1.670  0.010   1.00 24.98 ? 84  PRO A N   1 
ATOM   755 C  CA  . PRO A 1 83 ? 19.111  -0.863  0.955   1.00 25.56 ? 84  PRO A CA  1 
ATOM   756 C  C   . PRO A 1 83 ? 20.578  -0.761  0.552   1.00 25.48 ? 84  PRO A C   1 
ATOM   757 O  O   . PRO A 1 83 ? 21.141  -1.687  -0.050  1.00 23.68 ? 84  PRO A O   1 
ATOM   758 C  CB  . PRO A 1 83 ? 18.986  -1.628  2.269   1.00 26.43 ? 84  PRO A CB  1 
ATOM   759 C  CG  . PRO A 1 83 ? 18.656  -3.048  1.859   1.00 27.27 ? 84  PRO A CG  1 
ATOM   760 C  CD  . PRO A 1 83 ? 17.797  -2.892  0.636   1.00 25.75 ? 84  PRO A CD  1 
ATOM   761 N  N   . LEU A 1 84 ? 21.164  0.387   0.880   1.00 25.29 ? 85  LEU A N   1 
ATOM   762 C  CA  . LEU A 1 84 ? 22.556  0.685   0.591   1.00 26.66 ? 85  LEU A CA  1 
ATOM   763 C  C   . LEU A 1 84 ? 23.452  0.076   1.667   1.00 27.80 ? 85  LEU A C   1 
ATOM   764 O  O   . LEU A 1 84 ? 24.615  -0.249  1.425   1.00 28.21 ? 85  LEU A O   1 
ATOM   765 C  CB  . LEU A 1 84 ? 22.726  2.206   0.557   1.00 26.36 ? 85  LEU A CB  1 
ATOM   766 C  CG  . LEU A 1 84 ? 24.054  2.779   0.073   1.00 27.40 ? 85  LEU A CG  1 
ATOM   767 C  CD1 . LEU A 1 84 ? 24.528  2.101   -1.224  1.00 28.09 ? 85  LEU A CD1 1 
ATOM   768 C  CD2 . LEU A 1 84 ? 23.832  4.270   -0.121  1.00 27.57 ? 85  LEU A CD2 1 
ATOM   769 N  N   A LYS A 1 85 ? 22.883  -0.076  2.856   0.50 28.34 ? 86  LYS A N   1 
ATOM   770 N  N   B LYS A 1 85 ? 22.914  -0.037  2.874   0.50 28.81 ? 86  LYS A N   1 
ATOM   771 C  CA  A LYS A 1 85 ? 23.553  -0.694  3.993   0.50 29.55 ? 86  LYS A CA  1 
ATOM   772 C  CA  B LYS A 1 85 ? 23.564  -0.766  3.963   0.50 30.47 ? 86  LYS A CA  1 
ATOM   773 C  C   A LYS A 1 85 ? 22.515  -1.444  4.824   0.50 30.65 ? 86  LYS A C   1 
ATOM   774 C  C   B LYS A 1 85 ? 22.517  -1.425  4.843   0.50 31.18 ? 86  LYS A C   1 
ATOM   775 O  O   A LYS A 1 85 ? 21.318  -1.313  4.583   0.50 30.32 ? 86  LYS A O   1 
ATOM   776 O  O   B LYS A 1 85 ? 21.321  -1.219  4.654   0.50 30.88 ? 86  LYS A O   1 
ATOM   777 C  CB  A LYS A 1 85 ? 24.265  0.365   4.834   0.50 29.26 ? 86  LYS A CB  1 
ATOM   778 C  CB  B LYS A 1 85 ? 24.517  0.115   4.786   0.50 30.59 ? 86  LYS A CB  1 
ATOM   779 C  CG  A LYS A 1 85 ? 23.350  1.365   5.518   0.50 27.17 ? 86  LYS A CG  1 
ATOM   780 C  CG  B LYS A 1 85 ? 24.425  1.620   4.556   0.50 31.05 ? 86  LYS A CG  1 
ATOM   781 C  CD  A LYS A 1 85 ? 24.136  2.264   6.477   0.50 26.31 ? 86  LYS A CD  1 
ATOM   782 C  CD  B LYS A 1 85 ? 25.833  2.208   4.401   0.50 32.11 ? 86  LYS A CD  1 
ATOM   783 C  CE  A LYS A 1 85 ? 24.867  1.493   7.600   0.50 24.67 ? 86  LYS A CE  1 
ATOM   784 C  CE  B LYS A 1 85 ? 26.564  1.634   3.175   0.50 32.28 ? 86  LYS A CE  1 
ATOM   785 N  NZ  A LYS A 1 85 ? 23.988  0.808   8.584   0.50 20.08 ? 86  LYS A NZ  1 
ATOM   786 N  NZ  B LYS A 1 85 ? 28.041  1.852   3.199   0.50 32.64 ? 86  LYS A NZ  1 
ATOM   787 N  N   . ASP A 1 86 ? 22.964  -2.242  5.788   1.00 32.57 ? 87  ASP A N   1 
ATOM   788 C  CA  . ASP A 1 86 ? 22.017  -2.975  6.628   1.00 35.05 ? 87  ASP A CA  1 
ATOM   789 C  C   . ASP A 1 86 ? 21.457  -2.074  7.727   1.00 36.40 ? 87  ASP A C   1 
ATOM   790 O  O   . ASP A 1 86 ? 21.911  -0.932  7.896   1.00 36.28 ? 87  ASP A O   1 
ATOM   791 C  CB  . ASP A 1 86 ? 22.619  -4.264  7.177   1.00 36.16 ? 87  ASP A CB  1 
ATOM   792 C  CG  . ASP A 1 86 ? 23.613  -4.014  8.260   1.00 38.59 ? 87  ASP A CG  1 
ATOM   793 O  OD1 . ASP A 1 86 ? 24.228  -2.924  8.245   1.00 40.47 ? 87  ASP A OD1 1 
ATOM   794 O  OD2 . ASP A 1 86 ? 23.763  -4.904  9.125   1.00 42.86 ? 87  ASP A OD2 1 
ATOM   795 N  N   . LEU A 1 87 ? 20.462  -2.578  8.451   1.00 37.94 ? 88  LEU A N   1 
ATOM   796 C  CA  . LEU A 1 87 ? 19.817  -1.801  9.502   1.00 40.14 ? 88  LEU A CA  1 
ATOM   797 C  C   . LEU A 1 87 ? 19.157  -2.704  10.546  1.00 41.02 ? 88  LEU A C   1 
ATOM   798 O  O   . LEU A 1 87 ? 18.173  -3.397  10.254  1.00 42.08 ? 88  LEU A O   1 
ATOM   799 C  CB  . LEU A 1 87 ? 18.788  -0.837  8.905   1.00 40.51 ? 88  LEU A CB  1 
ATOM   800 C  CG  . LEU A 1 87 ? 17.563  -1.411  8.193   1.00 41.92 ? 88  LEU A CG  1 
ATOM   801 C  CD1 . LEU A 1 87 ? 16.437  -0.395  8.198   1.00 43.85 ? 88  LEU A CD1 1 
ATOM   802 C  CD2 . LEU A 1 87 ? 17.913  -1.837  6.781   1.00 43.03 ? 88  LEU A CD2 1 
HETATM 803 NA NA  . NA  B 2 .  ? 6.954   -6.036  -3.997  0.80 20.48 ? 101 NA  A NA  1 
HETATM 804 C  C1  . GOL C 3 .  ? -13.689 6.232   -7.748  1.00 61.05 ? 102 GOL A C1  1 
HETATM 805 O  O1  . GOL C 3 .  ? -14.078 5.124   -6.965  1.00 59.44 ? 102 GOL A O1  1 
HETATM 806 C  C2  . GOL C 3 .  ? -14.355 6.157   -9.120  1.00 61.43 ? 102 GOL A C2  1 
HETATM 807 O  O2  . GOL C 3 .  ? -15.730 6.481   -9.007  1.00 61.38 ? 102 GOL A O2  1 
HETATM 808 C  C3  . GOL C 3 .  ? -13.671 7.155   -10.044 1.00 61.73 ? 102 GOL A C3  1 
HETATM 809 O  O3  . GOL C 3 .  ? -14.416 7.297   -11.234 1.00 62.34 ? 102 GOL A O3  1 
HETATM 810 O  O   . HOH D 4 .  ? 6.043   -9.337  -5.700  0.50 11.86 ? 103 HOH A O   1 
HETATM 811 O  O   . HOH D 4 .  ? 2.627   1.777   0.849   1.00 13.76 ? 104 HOH A O   1 
HETATM 812 O  O   . HOH D 4 .  ? 4.735   -3.871  2.917   1.00 41.03 ? 105 HOH A O   1 
HETATM 813 O  O   . HOH D 4 .  ? -10.540 9.005   -10.365 1.00 15.27 ? 106 HOH A O   1 
HETATM 814 O  O   . HOH D 4 .  ? 23.180  -2.346  -1.773  1.00 19.33 ? 107 HOH A O   1 
HETATM 815 O  O   . HOH D 4 .  ? 5.371   -6.989  -5.344  1.00 16.24 ? 108 HOH A O   1 
HETATM 816 O  O   . HOH D 4 .  ? 3.500   3.269   -9.454  1.00 17.83 ? 109 HOH A O   1 
HETATM 817 O  O   . HOH D 4 .  ? -6.208  12.741  -0.325  1.00 15.65 ? 110 HOH A O   1 
HETATM 818 O  O   . HOH D 4 .  ? 0.689   12.885  -0.738  0.33 25.32 ? 111 HOH A O   1 
HETATM 819 O  O   . HOH D 4 .  ? -11.811 16.716  3.862   1.00 21.82 ? 112 HOH A O   1 
HETATM 820 O  O   . HOH D 4 .  ? -1.321  14.076  0.748   0.33 20.16 ? 113 HOH A O   1 
HETATM 821 O  O   . HOH D 4 .  ? -6.865  15.655  3.107   1.00 17.22 ? 114 HOH A O   1 
HETATM 822 O  O   . HOH D 4 .  ? 8.687   -6.051  -5.610  1.00 19.12 ? 115 HOH A O   1 
HETATM 823 O  O   . HOH D 4 .  ? 2.731   0.168   3.053   1.00 19.69 ? 116 HOH A O   1 
HETATM 824 O  O   . HOH D 4 .  ? 1.690   -8.994  -2.747  1.00 20.62 ? 117 HOH A O   1 
HETATM 825 O  O   . HOH D 4 .  ? 12.504  -3.439  -1.486  1.00 22.21 ? 118 HOH A O   1 
HETATM 826 O  O   . HOH D 4 .  ? -16.258 11.086  5.377   1.00 20.79 ? 119 HOH A O   1 
HETATM 827 O  O   . HOH D 4 .  ? -3.942  6.163   -10.692 1.00 19.37 ? 120 HOH A O   1 
HETATM 828 O  O   . HOH D 4 .  ? 8.425   -5.492  -2.522  1.00 18.87 ? 121 HOH A O   1 
HETATM 829 O  O   . HOH D 4 .  ? 17.393  0.975   -4.715  1.00 19.50 ? 122 HOH A O   1 
HETATM 830 O  O   . HOH D 4 .  ? -11.057 0.578   10.574  1.00 22.79 ? 123 HOH A O   1 
HETATM 831 O  O   . HOH D 4 .  ? 10.153  4.920   -0.396  1.00 19.66 ? 124 HOH A O   1 
HETATM 832 O  O   . HOH D 4 .  ? -20.062 2.278   4.126   1.00 23.48 ? 125 HOH A O   1 
HETATM 833 O  O   . HOH D 4 .  ? -4.851  3.938   9.790   1.00 19.93 ? 126 HOH A O   1 
HETATM 834 O  O   . HOH D 4 .  ? -11.279 17.054  8.104   1.00 27.88 ? 127 HOH A O   1 
HETATM 835 O  O   . HOH D 4 .  ? -8.034  9.448   8.561   1.00 27.75 ? 128 HOH A O   1 
HETATM 836 O  O   . HOH D 4 .  ? -12.168 11.105  -10.887 1.00 22.50 ? 129 HOH A O   1 
HETATM 837 O  O   . HOH D 4 .  ? -5.269  13.685  2.187   1.00 26.25 ? 130 HOH A O   1 
HETATM 838 O  O   . HOH D 4 .  ? -9.483  -6.120  2.087   1.00 24.78 ? 131 HOH A O   1 
HETATM 839 O  O   . HOH D 4 .  ? -11.393 -9.242  -4.840  1.00 43.53 ? 132 HOH A O   1 
HETATM 840 O  O   . HOH D 4 .  ? 0.454   6.131   -10.561 1.00 22.92 ? 133 HOH A O   1 
HETATM 841 O  O   . HOH D 4 .  ? -15.055 -7.204  -1.935  1.00 25.17 ? 134 HOH A O   1 
HETATM 842 O  O   . HOH D 4 .  ? -18.651 -1.175  6.975   1.00 28.02 ? 135 HOH A O   1 
HETATM 843 O  O   . HOH D 4 .  ? -16.627 5.169   -6.938  1.00 24.33 ? 136 HOH A O   1 
HETATM 844 O  O   . HOH D 4 .  ? -4.587  8.540   -13.423 1.00 25.75 ? 137 HOH A O   1 
HETATM 845 O  O   . HOH D 4 .  ? 19.579  -9.993  3.938   1.00 27.74 ? 138 HOH A O   1 
HETATM 846 O  O   . HOH D 4 .  ? -7.412  -7.068  8.031   1.00 33.58 ? 139 HOH A O   1 
HETATM 847 O  O   . HOH D 4 .  ? -4.562  -6.592  6.211   1.00 25.63 ? 140 HOH A O   1 
HETATM 848 O  O   . HOH D 4 .  ? 3.858   -10.188 -4.778  1.00 28.79 ? 141 HOH A O   1 
HETATM 849 O  O   . HOH D 4 .  ? 1.401   9.056   -9.349  1.00 26.78 ? 142 HOH A O   1 
HETATM 850 O  O   . HOH D 4 .  ? 29.177  -10.298 -2.518  1.00 32.07 ? 143 HOH A O   1 
HETATM 851 O  O   . HOH D 4 .  ? 6.422   5.442   -3.256  1.00 33.27 ? 144 HOH A O   1 
HETATM 852 O  O   . HOH D 4 .  ? -4.737  12.009  -13.004 1.00 26.94 ? 145 HOH A O   1 
HETATM 853 O  O   . HOH D 4 .  ? -6.211  11.106  9.375   1.00 29.68 ? 146 HOH A O   1 
HETATM 854 O  O   . HOH D 4 .  ? 21.143  -15.372 -0.014  1.00 25.40 ? 147 HOH A O   1 
HETATM 855 O  O   . HOH D 4 .  ? -6.728  -9.711  -3.384  1.00 29.41 ? 148 HOH A O   1 
HETATM 856 O  O   . HOH D 4 .  ? -9.010  6.822   9.888   1.00 37.05 ? 149 HOH A O   1 
HETATM 857 O  O   . HOH D 4 .  ? -7.968  13.978  10.065  1.00 30.93 ? 150 HOH A O   1 
HETATM 858 O  O   . HOH D 4 .  ? 0.757   -2.521  5.169   1.00 33.70 ? 151 HOH A O   1 
HETATM 859 O  O   . HOH D 4 .  ? -20.453 -3.253  -2.621  0.50 27.16 ? 152 HOH A O   1 
HETATM 860 O  O   . HOH D 4 .  ? -15.091 13.298  -9.707  1.00 36.05 ? 153 HOH A O   1 
HETATM 861 O  O   . HOH D 4 .  ? 4.347   0.728   9.841   1.00 30.33 ? 154 HOH A O   1 
HETATM 862 O  O   . HOH D 4 .  ? -5.961  -0.481  9.533   1.00 28.55 ? 155 HOH A O   1 
HETATM 863 O  O   . HOH D 4 .  ? -12.806 9.875   8.279   1.00 36.20 ? 156 HOH A O   1 
HETATM 864 O  O   . HOH D 4 .  ? -21.947 4.168   4.827   1.00 31.30 ? 157 HOH A O   1 
HETATM 865 O  O   . HOH D 4 .  ? -12.046 7.005   7.930   1.00 35.73 ? 158 HOH A O   1 
HETATM 866 O  O   . HOH D 4 .  ? -2.222  4.663   -11.922 1.00 31.49 ? 159 HOH A O   1 
HETATM 867 O  O   . HOH D 4 .  ? -19.165 -0.339  -3.366  1.00 38.25 ? 160 HOH A O   1 
HETATM 868 O  O   . HOH D 4 .  ? -12.202 18.323  5.959   1.00 39.90 ? 161 HOH A O   1 
HETATM 869 O  O   . HOH D 4 .  ? -6.113  6.851   10.374  1.00 32.23 ? 162 HOH A O   1 
HETATM 870 O  O   . HOH D 4 .  ? -6.745  6.269   -11.213 1.00 37.91 ? 163 HOH A O   1 
HETATM 871 O  O   . HOH D 4 .  ? 0.527   0.086   6.504   1.00 34.61 ? 164 HOH A O   1 
HETATM 872 O  O   . HOH D 4 .  ? 26.762  -12.744 3.263   1.00 33.41 ? 165 HOH A O   1 
HETATM 873 O  O   . HOH D 4 .  ? 1.704   -2.248  2.972   1.00 35.99 ? 166 HOH A O   1 
HETATM 874 O  O   . HOH D 4 .  ? -15.708 4.824   8.979   1.00 36.11 ? 167 HOH A O   1 
HETATM 875 O  O   . HOH D 4 .  ? -4.348  -9.355  -5.274  1.00 37.71 ? 168 HOH A O   1 
HETATM 876 O  O   . HOH D 4 .  ? 25.636  -2.183  -0.280  1.00 36.61 ? 169 HOH A O   1 
HETATM 877 O  O   . HOH D 4 .  ? -16.146 -0.770  -6.640  1.00 32.90 ? 170 HOH A O   1 
HETATM 878 O  O   . HOH D 4 .  ? -22.603 4.606   7.641   1.00 36.79 ? 171 HOH A O   1 
HETATM 879 O  O   . HOH D 4 .  ? -18.060 5.992   10.619  1.00 42.95 ? 172 HOH A O   1 
HETATM 880 O  O   . HOH D 4 .  ? -10.375 12.383  9.112   1.00 36.10 ? 173 HOH A O   1 
HETATM 881 O  O   . HOH D 4 .  ? -2.273  12.938  3.184   1.00 34.61 ? 174 HOH A O   1 
HETATM 882 O  O   . HOH D 4 .  ? -13.962 14.902  -1.196  1.00 37.49 ? 175 HOH A O   1 
HETATM 883 O  O   . HOH D 4 .  ? 13.334  2.464   -7.750  1.00 41.23 ? 176 HOH A O   1 
HETATM 884 O  O   . HOH D 4 .  ? 1.139   -9.159  1.460   1.00 42.66 ? 177 HOH A O   1 
HETATM 885 O  O   . HOH D 4 .  ? -1.907  -8.175  3.911   1.00 42.05 ? 178 HOH A O   1 
HETATM 886 O  O   . HOH D 4 .  ? 16.273  -9.648  4.616   1.00 44.13 ? 179 HOH A O   1 
HETATM 887 O  O   . HOH D 4 .  ? -16.488 10.675  -9.557  1.00 50.58 ? 180 HOH A O   1 
HETATM 888 O  O   . HOH D 4 .  ? -13.190 3.201   10.637  1.00 62.75 ? 181 HOH A O   1 
HETATM 889 O  O   . HOH D 4 .  ? -8.194  -8.506  2.781   1.00 38.65 ? 182 HOH A O   1 
HETATM 890 O  O   . HOH D 4 .  ? -3.651  -1.277  10.621  1.00 51.88 ? 183 HOH A O   1 
HETATM 891 O  O   . HOH D 4 .  ? 13.148  3.409   -3.800  1.00 38.34 ? 184 HOH A O   1 
HETATM 892 O  O   . HOH D 4 .  ? -19.388 -5.478  -4.251  1.00 57.11 ? 185 HOH A O   1 
HETATM 893 O  O   . HOH D 4 .  ? -18.000 -6.745  -2.189  1.00 40.15 ? 186 HOH A O   1 
HETATM 894 O  O   . HOH D 4 .  ? 27.834  -7.053  4.652   1.00 39.74 ? 187 HOH A O   1 
HETATM 895 O  O   . HOH D 4 .  ? -18.276 12.575  5.967   1.00 45.76 ? 188 HOH A O   1 
HETATM 896 O  O   . HOH D 4 .  ? 3.128   9.697   -3.660  1.00 43.92 ? 189 HOH A O   1 
HETATM 897 O  O   . HOH D 4 .  ? -18.679 6.397   -6.785  1.00 45.46 ? 190 HOH A O   1 
HETATM 898 O  O   . HOH D 4 .  ? -19.198 9.665   -2.077  1.00 39.22 ? 191 HOH A O   1 
HETATM 899 O  O   . HOH D 4 .  ? 26.615  -18.100 -2.256  1.00 47.17 ? 192 HOH A O   1 
HETATM 900 O  O   . HOH D 4 .  ? -15.038 -8.584  -4.312  1.00 41.30 ? 193 HOH A O   1 
HETATM 901 O  O   . HOH D 4 .  ? -13.826 15.806  -7.132  1.00 48.49 ? 194 HOH A O   1 
HETATM 902 O  O   . HOH D 4 .  ? 25.227  -6.631  7.233   1.00 53.30 ? 195 HOH A O   1 
HETATM 903 O  O   . HOH D 4 .  ? -3.723  -7.071  -6.000  1.00 44.58 ? 196 HOH A O   1 
HETATM 904 O  O   . HOH D 4 .  ? -18.034 -4.367  -6.862  1.00 55.12 ? 197 HOH A O   1 
HETATM 905 O  O   . HOH D 4 .  ? 20.999  -5.145  10.801  1.00 74.42 ? 198 HOH A O   1 
HETATM 906 O  O   . HOH D 4 .  ? 28.664  -13.891 1.661   1.00 57.98 ? 199 HOH A O   1 
HETATM 907 O  O   . HOH D 4 .  ? 9.142   -11.602 4.113   1.00 49.22 ? 200 HOH A O   1 
HETATM 908 O  O   . HOH D 4 .  ? 17.994  -5.183  12.232  1.00 48.86 ? 201 HOH A O   1 
HETATM 909 O  O   . HOH D 4 .  ? -18.711 12.281  -1.142  1.00 54.17 ? 202 HOH A O   1 
HETATM 910 O  O   . HOH D 4 .  ? -18.550 -1.266  -5.443  1.00 46.21 ? 203 HOH A O   1 
HETATM 911 O  O   . HOH D 4 .  ? -21.261 6.603   3.875   1.00 50.54 ? 204 HOH A O   1 
HETATM 912 O  O   . HOH D 4 .  ? -17.025 2.795   11.120  1.00 58.12 ? 205 HOH A O   1 
HETATM 913 O  O   . HOH D 4 .  ? 29.071  -12.928 -2.815  1.00 48.15 ? 206 HOH A O   1 
HETATM 914 O  O   . HOH D 4 .  ? -15.044 17.934  0.008   1.00 57.74 ? 207 HOH A O   1 
HETATM 915 O  O   . HOH D 4 .  ? -0.380  -3.062  9.944   1.00 52.87 ? 208 HOH A O   1 
HETATM 916 O  O   . HOH D 4 .  ? 15.401  -13.346 6.379   1.00 56.39 ? 209 HOH A O   1 
HETATM 917 O  O   . HOH D 4 .  ? -21.521 8.021   -0.538  1.00 48.58 ? 210 HOH A O   1 
HETATM 918 O  O   . HOH D 4 .  ? -15.061 18.173  5.783   1.00 53.34 ? 211 HOH A O   1 
HETATM 919 O  O   . HOH D 4 .  ? -16.519 1.679   -7.785  1.00 50.62 ? 212 HOH A O   1 
HETATM 920 O  O   . HOH D 4 .  ? -22.917 4.655   1.577   1.00 68.93 ? 213 HOH A O   1 
HETATM 921 O  O   . HOH D 4 .  ? -1.107  7.926   -9.261  1.00 38.42 ? 214 HOH A O   1 
HETATM 922 O  O   . HOH D 4 .  ? -0.175  -12.538 -2.806  1.00 43.65 ? 215 HOH A O   1 
HETATM 923 O  O   . HOH D 4 .  ? 0.808   -7.993  4.489   1.00 57.68 ? 216 HOH A O   1 
HETATM 924 O  O   . HOH D 4 .  ? 14.834  -17.648 0.877   1.00 60.10 ? 217 HOH A O   1 
HETATM 925 O  O   . HOH D 4 .  ? 18.306  -15.971 0.091   1.00 52.40 ? 218 HOH A O   1 
HETATM 926 O  O   . HOH D 4 .  ? -5.006  -9.829  4.752   1.00 46.35 ? 219 HOH A O   1 
HETATM 927 O  O   . HOH D 4 .  ? -17.455 17.741  9.834   1.00 63.93 ? 220 HOH A O   1 
HETATM 928 O  O   . HOH D 4 .  ? 23.000  -10.041 7.186   1.00 53.03 ? 221 HOH A O   1 
HETATM 929 O  O   . HOH D 4 .  ? 24.027  -1.126  10.991  1.00 64.55 ? 222 HOH A O   1 
HETATM 930 O  O   . HOH D 4 .  ? 2.691   -12.497 -2.295  1.00 54.20 ? 223 HOH A O   1 
HETATM 931 O  O   . HOH D 4 .  ? -4.503  -10.605 1.777   1.00 54.73 ? 224 HOH A O   1 
HETATM 932 O  O   . HOH D 4 .  ? 23.012  -7.606  11.814  1.00 57.75 ? 225 HOH A O   1 
HETATM 933 O  O   . HOH D 4 .  ? -15.146 14.609  -5.327  1.00 56.21 ? 226 HOH A O   1 
HETATM 934 O  O   . HOH D 4 .  ? 21.318  -15.649 2.741   1.00 55.80 ? 227 HOH A O   1 
HETATM 935 O  O   . HOH D 4 .  ? -10.594 14.809  10.136  1.00 48.64 ? 228 HOH A O   1 
HETATM 936 O  O   . HOH D 4 .  ? -0.454  -0.534  9.160   1.00 46.03 ? 229 HOH A O   1 
HETATM 937 O  O   . HOH D 4 .  ? -4.931  -12.171 -0.543  1.00 61.74 ? 230 HOH A O   1 
HETATM 938 O  O   . HOH D 4 .  ? 12.534  -15.164 1.990   1.00 50.06 ? 231 HOH A O   1 
HETATM 939 O  O   . HOH D 4 .  ? -13.366 19.523  -1.606  1.00 47.33 ? 232 HOH A O   1 
HETATM 940 O  O   . HOH D 4 .  ? 0.983   -5.325  6.168   1.00 56.96 ? 233 HOH A O   1 
HETATM 941 O  O   . HOH D 4 .  ? -8.292  -11.437 0.034   1.00 50.88 ? 234 HOH A O   1 
HETATM 942 O  O   . HOH D 4 .  ? -9.272  -10.490 -3.951  1.00 35.34 ? 235 HOH A O   1 
HETATM 943 O  O   . HOH D 4 .  ? -3.010  15.078  1.987   0.33 49.33 ? 236 HOH A O   1 
HETATM 944 O  O   . HOH D 4 .  ? -11.094 6.602   -11.760 1.00 36.99 ? 237 HOH A O   1 
HETATM 945 O  O   . HOH D 4 .  ? 2.756   -11.382 1.629   1.00 49.58 ? 238 HOH A O   1 
HETATM 946 O  O   . HOH D 4 .  ? -14.628 10.083  -11.219 1.00 47.28 ? 239 HOH A O   1 
HETATM 947 O  O   . HOH D 4 .  ? 31.030  -1.229  4.285   1.00 79.63 ? 240 HOH A O   1 
HETATM 948 O  O   . HOH D 4 .  ? -9.129  -4.158  10.771  1.00 53.89 ? 241 HOH A O   1 
HETATM 949 O  O   . HOH D 4 .  ? -20.310 17.398  2.866   1.00 71.10 ? 242 HOH A O   1 
HETATM 950 O  O   . HOH D 4 .  ? -2.175  -10.115 2.650   1.00 55.76 ? 243 HOH A O   1 
HETATM 951 O  O   . HOH D 4 .  ? 30.312  2.266   6.056   1.00 59.85 ? 244 HOH A O   1 
HETATM 952 O  O   . HOH D 4 .  ? -19.944 1.898   -7.823  1.00 63.77 ? 245 HOH A O   1 
HETATM 953 O  O   . HOH D 4 .  ? 7.430   -14.278 -3.445  1.00 45.20 ? 246 HOH A O   1 
HETATM 954 O  O   . HOH D 4 .  ? 31.324  -3.811  4.767   1.00 72.30 ? 247 HOH A O   1 
HETATM 955 O  O   . HOH D 4 .  ? 7.854   5.396   -1.724  1.00 37.48 ? 248 HOH A O   1 
HETATM 956 O  O   . HOH D 4 .  ? -0.552  -10.410 0.710   1.00 47.15 ? 249 HOH A O   1 
HETATM 957 O  O   . HOH D 4 .  ? 13.273  -17.479 -2.051  1.00 56.79 ? 250 HOH A O   1 
HETATM 958 O  O   . HOH D 4 .  ? -22.741 7.223   8.469   1.00 56.58 ? 251 HOH A O   1 
# 
